data_2IHD
# 
_entry.id   2IHD 
# 
_audit_conform.dict_name       mmcif_pdbx.dic 
_audit_conform.dict_version    5.377 
_audit_conform.dict_location   http://mmcif.pdb.org/dictionaries/ascii/mmcif_pdbx.dic 
# 
loop_
_database_2.database_id 
_database_2.database_code 
_database_2.pdbx_database_accession 
_database_2.pdbx_DOI 
PDB   2IHD         pdb_00002ihd 10.2210/pdb2ihd/pdb 
RCSB  RCSB039572   ?            ?                   
WWPDB D_1000039572 ?            ?                   
# 
_pdbx_database_status.status_code                     REL 
_pdbx_database_status.entry_id                        2IHD 
_pdbx_database_status.recvd_initial_deposition_date   2006-09-26 
_pdbx_database_status.deposit_site                    RCSB 
_pdbx_database_status.process_site                    RCSB 
_pdbx_database_status.status_code_sf                  REL 
_pdbx_database_status.status_code_mr                  ? 
_pdbx_database_status.SG_entry                        Y 
_pdbx_database_status.pdb_format_compatible           Y 
_pdbx_database_status.status_code_cs                  ? 
_pdbx_database_status.status_code_nmr_data            ? 
_pdbx_database_status.methods_development_category    ? 
# 
loop_
_audit_author.name 
_audit_author.pdbx_ordinal 
'Turnbull, A.P.'                       1  
'Papagrigoriou, E.'                    2  
'Ugochukwu, E.'                        3  
'Salah, E.'                            4  
'Gileadi, C.'                          5  
'Burgess, N.'                          6  
'Bhatia, C.'                           7  
'Gileadi, O.'                          8  
'Bray, J.'                             9  
'Elkins, J.'                           10 
'von Delft, F.'                        11 
'Weigelt, J.'                          12 
'Edwards, A.'                          13 
'Arrowsmith, C.'                       14 
'Sundstrom, M.'                        15 
'Doyle, D.A.'                          16 
'Structural Genomics Consortium (SGC)' 17 
# 
_citation.id                        primary 
_citation.title                     
'Structural diversity in the RGS domain and its interaction with heterotrimeric G protein alpha-subunits.' 
_citation.journal_abbrev            Proc.Natl.Acad.Sci.Usa 
_citation.journal_volume            105 
_citation.page_first                6457 
_citation.page_last                 6462 
_citation.year                      2008 
_citation.journal_id_ASTM           PNASA6 
_citation.country                   US 
_citation.journal_id_ISSN           0027-8424 
_citation.journal_id_CSD            0040 
_citation.book_publisher            ? 
_citation.pdbx_database_id_PubMed   18434541 
_citation.pdbx_database_id_DOI      10.1073/pnas.0801508105 
# 
loop_
_citation_author.citation_id 
_citation_author.name 
_citation_author.ordinal 
_citation_author.identifier_ORCID 
primary 'Soundararajan, M.' 1  ? 
primary 'Willard, F.S.'     2  ? 
primary 'Kimple, A.J.'      3  ? 
primary 'Turnbull, A.P.'    4  ? 
primary 'Ball, L.J.'        5  ? 
primary 'Schoch, G.A.'      6  ? 
primary 'Gileadi, C.'       7  ? 
primary 'Fedorov, O.Y.'     8  ? 
primary 'Dowler, E.F.'      9  ? 
primary 'Higman, V.A.'      10 ? 
primary 'Hutsell, S.Q.'     11 ? 
primary 'Sundstrom, M.'     12 ? 
primary 'Doyle, D.A.'       13 ? 
primary 'Siderovski, D.P.'  14 ? 
# 
_cell.entry_id           2IHD 
_cell.length_a           65.967 
_cell.length_b           65.967 
_cell.length_c           76.377 
_cell.angle_alpha        90.00 
_cell.angle_beta         90.00 
_cell.angle_gamma        90.00 
_cell.Z_PDB              8 
_cell.pdbx_unique_axis   ? 
_cell.length_a_esd       ? 
_cell.length_b_esd       ? 
_cell.length_c_esd       ? 
_cell.angle_alpha_esd    ? 
_cell.angle_beta_esd     ? 
_cell.angle_gamma_esd    ? 
# 
_symmetry.entry_id                         2IHD 
_symmetry.space_group_name_H-M             'I 41' 
_symmetry.pdbx_full_space_group_name_H-M   ? 
_symmetry.cell_setting                     ? 
_symmetry.Int_Tables_number                80 
_symmetry.space_group_name_Hall            ? 
# 
loop_
_entity.id 
_entity.type 
_entity.src_method 
_entity.pdbx_description 
_entity.formula_weight 
_entity.pdbx_number_of_molecules 
_entity.pdbx_ec 
_entity.pdbx_mutation 
_entity.pdbx_fragment 
_entity.details 
1 polymer     man 'Regulator of G-protein signaling 8' 18232.605 1   ? ? ? ? 
2 non-polymer syn 'CHLORIDE ION'                       35.453    1   ? ? ? ? 
3 water       nat water                                18.015    170 ? ? ? ? 
# 
_entity_name_com.entity_id   1 
_entity_name_com.name        RGS8 
# 
_entity_poly.entity_id                      1 
_entity_poly.type                           'polypeptide(L)' 
_entity_poly.nstd_linkage                   no 
_entity_poly.nstd_monomer                   no 
_entity_poly.pdbx_seq_one_letter_code       
;MHHHHHHSSGVDLGTENLYFQSMLKRLSTEEATRWADSFDVLLSHKYGVAAFRAFLKTEFSEENLEFWLACEEFKKTRST
AKLVSKAHRIFEEFVDVQAPREVNIDFQTREATRKNLQEPSLTCFDQAQGKVHSLMEKDSYPRFLRSKMYLDLLS
;
_entity_poly.pdbx_seq_one_letter_code_can   
;MHHHHHHSSGVDLGTENLYFQSMLKRLSTEEATRWADSFDVLLSHKYGVAAFRAFLKTEFSEENLEFWLACEEFKKTRST
AKLVSKAHRIFEEFVDVQAPREVNIDFQTREATRKNLQEPSLTCFDQAQGKVHSLMEKDSYPRFLRSKMYLDLLS
;
_entity_poly.pdbx_strand_id                 A 
_entity_poly.pdbx_target_identifier         ? 
# 
loop_
_entity_poly_seq.entity_id 
_entity_poly_seq.num 
_entity_poly_seq.mon_id 
_entity_poly_seq.hetero 
1 1   MET n 
1 2   HIS n 
1 3   HIS n 
1 4   HIS n 
1 5   HIS n 
1 6   HIS n 
1 7   HIS n 
1 8   SER n 
1 9   SER n 
1 10  GLY n 
1 11  VAL n 
1 12  ASP n 
1 13  LEU n 
1 14  GLY n 
1 15  THR n 
1 16  GLU n 
1 17  ASN n 
1 18  LEU n 
1 19  TYR n 
1 20  PHE n 
1 21  GLN n 
1 22  SER n 
1 23  MET n 
1 24  LEU n 
1 25  LYS n 
1 26  ARG n 
1 27  LEU n 
1 28  SER n 
1 29  THR n 
1 30  GLU n 
1 31  GLU n 
1 32  ALA n 
1 33  THR n 
1 34  ARG n 
1 35  TRP n 
1 36  ALA n 
1 37  ASP n 
1 38  SER n 
1 39  PHE n 
1 40  ASP n 
1 41  VAL n 
1 42  LEU n 
1 43  LEU n 
1 44  SER n 
1 45  HIS n 
1 46  LYS n 
1 47  TYR n 
1 48  GLY n 
1 49  VAL n 
1 50  ALA n 
1 51  ALA n 
1 52  PHE n 
1 53  ARG n 
1 54  ALA n 
1 55  PHE n 
1 56  LEU n 
1 57  LYS n 
1 58  THR n 
1 59  GLU n 
1 60  PHE n 
1 61  SER n 
1 62  GLU n 
1 63  GLU n 
1 64  ASN n 
1 65  LEU n 
1 66  GLU n 
1 67  PHE n 
1 68  TRP n 
1 69  LEU n 
1 70  ALA n 
1 71  CYS n 
1 72  GLU n 
1 73  GLU n 
1 74  PHE n 
1 75  LYS n 
1 76  LYS n 
1 77  THR n 
1 78  ARG n 
1 79  SER n 
1 80  THR n 
1 81  ALA n 
1 82  LYS n 
1 83  LEU n 
1 84  VAL n 
1 85  SER n 
1 86  LYS n 
1 87  ALA n 
1 88  HIS n 
1 89  ARG n 
1 90  ILE n 
1 91  PHE n 
1 92  GLU n 
1 93  GLU n 
1 94  PHE n 
1 95  VAL n 
1 96  ASP n 
1 97  VAL n 
1 98  GLN n 
1 99  ALA n 
1 100 PRO n 
1 101 ARG n 
1 102 GLU n 
1 103 VAL n 
1 104 ASN n 
1 105 ILE n 
1 106 ASP n 
1 107 PHE n 
1 108 GLN n 
1 109 THR n 
1 110 ARG n 
1 111 GLU n 
1 112 ALA n 
1 113 THR n 
1 114 ARG n 
1 115 LYS n 
1 116 ASN n 
1 117 LEU n 
1 118 GLN n 
1 119 GLU n 
1 120 PRO n 
1 121 SER n 
1 122 LEU n 
1 123 THR n 
1 124 CYS n 
1 125 PHE n 
1 126 ASP n 
1 127 GLN n 
1 128 ALA n 
1 129 GLN n 
1 130 GLY n 
1 131 LYS n 
1 132 VAL n 
1 133 HIS n 
1 134 SER n 
1 135 LEU n 
1 136 MET n 
1 137 GLU n 
1 138 LYS n 
1 139 ASP n 
1 140 SER n 
1 141 TYR n 
1 142 PRO n 
1 143 ARG n 
1 144 PHE n 
1 145 LEU n 
1 146 ARG n 
1 147 SER n 
1 148 LYS n 
1 149 MET n 
1 150 TYR n 
1 151 LEU n 
1 152 ASP n 
1 153 LEU n 
1 154 LEU n 
1 155 SER n 
# 
_entity_src_gen.entity_id                          1 
_entity_src_gen.pdbx_src_id                        1 
_entity_src_gen.pdbx_alt_source_flag               sample 
_entity_src_gen.pdbx_seq_type                      ? 
_entity_src_gen.pdbx_beg_seq_num                   ? 
_entity_src_gen.pdbx_end_seq_num                   ? 
_entity_src_gen.gene_src_common_name               human 
_entity_src_gen.gene_src_genus                     Homo 
_entity_src_gen.pdbx_gene_src_gene                 RGS8 
_entity_src_gen.gene_src_species                   ? 
_entity_src_gen.gene_src_strain                    ? 
_entity_src_gen.gene_src_tissue                    ? 
_entity_src_gen.gene_src_tissue_fraction           ? 
_entity_src_gen.gene_src_details                   ? 
_entity_src_gen.pdbx_gene_src_fragment             ? 
_entity_src_gen.pdbx_gene_src_scientific_name      'Homo sapiens' 
_entity_src_gen.pdbx_gene_src_ncbi_taxonomy_id     9606 
_entity_src_gen.pdbx_gene_src_variant              ? 
_entity_src_gen.pdbx_gene_src_cell_line            ? 
_entity_src_gen.pdbx_gene_src_atcc                 ? 
_entity_src_gen.pdbx_gene_src_organ                ? 
_entity_src_gen.pdbx_gene_src_organelle            ? 
_entity_src_gen.pdbx_gene_src_cell                 ? 
_entity_src_gen.pdbx_gene_src_cellular_location    ? 
_entity_src_gen.host_org_common_name               ? 
_entity_src_gen.pdbx_host_org_scientific_name      'Escherichia coli' 
_entity_src_gen.pdbx_host_org_ncbi_taxonomy_id     562 
_entity_src_gen.host_org_genus                     Escherichia 
_entity_src_gen.pdbx_host_org_gene                 ? 
_entity_src_gen.pdbx_host_org_organ                ? 
_entity_src_gen.host_org_species                   ? 
_entity_src_gen.pdbx_host_org_tissue               ? 
_entity_src_gen.pdbx_host_org_tissue_fraction      ? 
_entity_src_gen.pdbx_host_org_strain               'BL21(DE3)-R3/Rosetta' 
_entity_src_gen.pdbx_host_org_variant              ? 
_entity_src_gen.pdbx_host_org_cell_line            ? 
_entity_src_gen.pdbx_host_org_atcc                 ? 
_entity_src_gen.pdbx_host_org_culture_collection   ? 
_entity_src_gen.pdbx_host_org_cell                 ? 
_entity_src_gen.pdbx_host_org_organelle            ? 
_entity_src_gen.pdbx_host_org_cellular_location    ? 
_entity_src_gen.pdbx_host_org_vector_type          PLASMID 
_entity_src_gen.pdbx_host_org_vector               ? 
_entity_src_gen.host_org_details                   ? 
_entity_src_gen.expression_system_id               ? 
_entity_src_gen.plasmid_name                       pNIC28-Bsa4 
_entity_src_gen.plasmid_details                    ? 
_entity_src_gen.pdbx_description                   ? 
# 
_struct_ref.id                         1 
_struct_ref.db_name                    UNP 
_struct_ref.db_code                    RGS8_HUMAN 
_struct_ref.pdbx_db_accession          P57771 
_struct_ref.entity_id                  1 
_struct_ref.pdbx_seq_one_letter_code   
;LKRLSTEEATRWADSFDVLLSHKYGVAAFRAFLKTEFSEENLEFWLACEEFKKTRSTAKLVSKAHRIFEEFVDVQAPREV
NIDFQTREATRKNLQEPSLTCFDQAQGKVHSLMEKDSYPRFLRSKMYLDLLS
;
_struct_ref.pdbx_align_begin           42 
_struct_ref.pdbx_db_isoform            ? 
# 
_struct_ref_seq.align_id                      1 
_struct_ref_seq.ref_id                        1 
_struct_ref_seq.pdbx_PDB_id_code              2IHD 
_struct_ref_seq.pdbx_strand_id                A 
_struct_ref_seq.seq_align_beg                 24 
_struct_ref_seq.pdbx_seq_align_beg_ins_code   ? 
_struct_ref_seq.seq_align_end                 155 
_struct_ref_seq.pdbx_seq_align_end_ins_code   ? 
_struct_ref_seq.pdbx_db_accession             P57771 
_struct_ref_seq.db_align_beg                  42 
_struct_ref_seq.pdbx_db_align_beg_ins_code    ? 
_struct_ref_seq.db_align_end                  173 
_struct_ref_seq.pdbx_db_align_end_ins_code    ? 
_struct_ref_seq.pdbx_auth_seq_align_beg       42 
_struct_ref_seq.pdbx_auth_seq_align_end       173 
# 
loop_
_struct_ref_seq_dif.align_id 
_struct_ref_seq_dif.pdbx_pdb_id_code 
_struct_ref_seq_dif.mon_id 
_struct_ref_seq_dif.pdbx_pdb_strand_id 
_struct_ref_seq_dif.seq_num 
_struct_ref_seq_dif.pdbx_pdb_ins_code 
_struct_ref_seq_dif.pdbx_seq_db_name 
_struct_ref_seq_dif.pdbx_seq_db_accession_code 
_struct_ref_seq_dif.db_mon_id 
_struct_ref_seq_dif.pdbx_seq_db_seq_num 
_struct_ref_seq_dif.details 
_struct_ref_seq_dif.pdbx_auth_seq_num 
_struct_ref_seq_dif.pdbx_ordinal 
1 2IHD MET A 1  ? UNP P57771 ? ? 'expression tag'   19 1  
1 2IHD HIS A 2  ? UNP P57771 ? ? 'expression tag'   20 2  
1 2IHD HIS A 3  ? UNP P57771 ? ? 'expression tag'   21 3  
1 2IHD HIS A 4  ? UNP P57771 ? ? 'expression tag'   22 4  
1 2IHD HIS A 5  ? UNP P57771 ? ? 'expression tag'   23 5  
1 2IHD HIS A 6  ? UNP P57771 ? ? 'expression tag'   24 6  
1 2IHD HIS A 7  ? UNP P57771 ? ? 'expression tag'   25 7  
1 2IHD SER A 8  ? UNP P57771 ? ? 'expression tag'   26 8  
1 2IHD SER A 9  ? UNP P57771 ? ? 'expression tag'   27 9  
1 2IHD GLY A 10 ? UNP P57771 ? ? 'cloning artifact' 28 10 
1 2IHD VAL A 11 ? UNP P57771 ? ? 'cloning artifact' 29 11 
1 2IHD ASP A 12 ? UNP P57771 ? ? 'cloning artifact' 30 12 
1 2IHD LEU A 13 ? UNP P57771 ? ? 'cloning artifact' 31 13 
1 2IHD GLY A 14 ? UNP P57771 ? ? 'cloning artifact' 32 14 
1 2IHD THR A 15 ? UNP P57771 ? ? 'cloning artifact' 33 15 
1 2IHD GLU A 16 ? UNP P57771 ? ? 'cloning artifact' 34 16 
1 2IHD ASN A 17 ? UNP P57771 ? ? 'cloning artifact' 35 17 
1 2IHD LEU A 18 ? UNP P57771 ? ? 'cloning artifact' 36 18 
1 2IHD TYR A 19 ? UNP P57771 ? ? 'cloning artifact' 37 19 
1 2IHD PHE A 20 ? UNP P57771 ? ? 'cloning artifact' 38 20 
1 2IHD GLN A 21 ? UNP P57771 ? ? 'cloning artifact' 39 21 
1 2IHD SER A 22 ? UNP P57771 ? ? 'cloning artifact' 40 22 
1 2IHD MET A 23 ? UNP P57771 ? ? 'cloning artifact' 41 23 
# 
loop_
_chem_comp.id 
_chem_comp.type 
_chem_comp.mon_nstd_flag 
_chem_comp.name 
_chem_comp.pdbx_synonyms 
_chem_comp.formula 
_chem_comp.formula_weight 
ALA 'L-peptide linking' y ALANINE         ? 'C3 H7 N O2'     89.093  
ARG 'L-peptide linking' y ARGININE        ? 'C6 H15 N4 O2 1' 175.209 
ASN 'L-peptide linking' y ASPARAGINE      ? 'C4 H8 N2 O3'    132.118 
ASP 'L-peptide linking' y 'ASPARTIC ACID' ? 'C4 H7 N O4'     133.103 
CL  non-polymer         . 'CHLORIDE ION'  ? 'Cl -1'          35.453  
CYS 'L-peptide linking' y CYSTEINE        ? 'C3 H7 N O2 S'   121.158 
GLN 'L-peptide linking' y GLUTAMINE       ? 'C5 H10 N2 O3'   146.144 
GLU 'L-peptide linking' y 'GLUTAMIC ACID' ? 'C5 H9 N O4'     147.129 
GLY 'peptide linking'   y GLYCINE         ? 'C2 H5 N O2'     75.067  
HIS 'L-peptide linking' y HISTIDINE       ? 'C6 H10 N3 O2 1' 156.162 
HOH non-polymer         . WATER           ? 'H2 O'           18.015  
ILE 'L-peptide linking' y ISOLEUCINE      ? 'C6 H13 N O2'    131.173 
LEU 'L-peptide linking' y LEUCINE         ? 'C6 H13 N O2'    131.173 
LYS 'L-peptide linking' y LYSINE          ? 'C6 H15 N2 O2 1' 147.195 
MET 'L-peptide linking' y METHIONINE      ? 'C5 H11 N O2 S'  149.211 
PHE 'L-peptide linking' y PHENYLALANINE   ? 'C9 H11 N O2'    165.189 
PRO 'L-peptide linking' y PROLINE         ? 'C5 H9 N O2'     115.130 
SER 'L-peptide linking' y SERINE          ? 'C3 H7 N O3'     105.093 
THR 'L-peptide linking' y THREONINE       ? 'C4 H9 N O3'     119.119 
TRP 'L-peptide linking' y TRYPTOPHAN      ? 'C11 H12 N2 O2'  204.225 
TYR 'L-peptide linking' y TYROSINE        ? 'C9 H11 N O3'    181.189 
VAL 'L-peptide linking' y VALINE          ? 'C5 H11 N O2'    117.146 
# 
_exptl.entry_id          2IHD 
_exptl.method            'X-RAY DIFFRACTION' 
_exptl.crystals_number   1 
# 
_exptl_crystal.id                    1 
_exptl_crystal.density_meas          ? 
_exptl_crystal.density_Matthews      2.28 
_exptl_crystal.density_percent_sol   46.01 
_exptl_crystal.description           ? 
_exptl_crystal.F_000                 ? 
_exptl_crystal.preparation           ? 
# 
_exptl_crystal_grow.crystal_id      1 
_exptl_crystal_grow.method          'VAPOR DIFFUSION, SITTING DROP' 
_exptl_crystal_grow.temp            293 
_exptl_crystal_grow.temp_details    ? 
_exptl_crystal_grow.pH              ? 
_exptl_crystal_grow.pdbx_details    
'0.20M NaI;  20.0% PEG 3350;  10.0% Ethylene Glycol, VAPOR DIFFUSION, SITTING DROP, temperature 293K' 
_exptl_crystal_grow.pdbx_pH_range   . 
# 
_diffrn.id                     1 
_diffrn.ambient_temp           100 
_diffrn.ambient_temp_details   ? 
_diffrn.crystal_id             1 
# 
_diffrn_detector.diffrn_id              1 
_diffrn_detector.detector               CCD 
_diffrn_detector.type                   'MARMOSAIC 225 mm CCD' 
_diffrn_detector.pdbx_collection_date   2006-08-16 
_diffrn_detector.details                ? 
# 
_diffrn_radiation.diffrn_id                        1 
_diffrn_radiation.wavelength_id                    1 
_diffrn_radiation.pdbx_monochromatic_or_laue_m_l   M 
_diffrn_radiation.monochromator                    'Si (111)' 
_diffrn_radiation.pdbx_diffrn_protocol             'SINGLE WAVELENGTH' 
_diffrn_radiation.pdbx_scattering_type             x-ray 
# 
_diffrn_radiation_wavelength.id           1 
_diffrn_radiation_wavelength.wavelength   0.978 
_diffrn_radiation_wavelength.wt           1.0 
# 
_diffrn_source.diffrn_id                   1 
_diffrn_source.source                      SYNCHROTRON 
_diffrn_source.type                        'SLS BEAMLINE X10SA' 
_diffrn_source.pdbx_synchrotron_site       SLS 
_diffrn_source.pdbx_synchrotron_beamline   X10SA 
_diffrn_source.pdbx_wavelength             ? 
_diffrn_source.pdbx_wavelength_list        0.978 
# 
_reflns.entry_id                     2IHD 
_reflns.observed_criterion_sigma_F   0 
_reflns.observed_criterion_sigma_I   0 
_reflns.d_resolution_high            1.7 
_reflns.d_resolution_low             50 
_reflns.number_all                   17206 
_reflns.number_obs                   17199 
_reflns.percent_possible_obs         95.7 
_reflns.pdbx_Rmerge_I_obs            ? 
_reflns.pdbx_Rsym_value              ? 
_reflns.pdbx_netI_over_sigmaI        ? 
_reflns.B_iso_Wilson_estimate        ? 
_reflns.pdbx_redundancy              ? 
_reflns.R_free_details               ? 
_reflns.limit_h_max                  ? 
_reflns.limit_h_min                  ? 
_reflns.limit_k_max                  ? 
_reflns.limit_k_min                  ? 
_reflns.limit_l_max                  ? 
_reflns.limit_l_min                  ? 
_reflns.observed_criterion_F_max     ? 
_reflns.observed_criterion_F_min     ? 
_reflns.pdbx_chi_squared             ? 
_reflns.pdbx_scaling_rejects         ? 
_reflns.pdbx_ordinal                 1 
_reflns.pdbx_diffrn_id               1 
# 
_reflns_shell.d_res_high             1.7 
_reflns_shell.d_res_low              1.76 
_reflns_shell.percent_possible_all   99.7 
_reflns_shell.Rmerge_I_obs           ? 
_reflns_shell.pdbx_Rsym_value        ? 
_reflns_shell.meanI_over_sigI_obs    ? 
_reflns_shell.pdbx_redundancy        ? 
_reflns_shell.percent_possible_obs   ? 
_reflns_shell.number_unique_all      ? 
_reflns_shell.number_measured_all    ? 
_reflns_shell.number_measured_obs    ? 
_reflns_shell.number_unique_obs      ? 
_reflns_shell.pdbx_chi_squared       ? 
_reflns_shell.pdbx_ordinal           1 
_reflns_shell.pdbx_diffrn_id         1 
# 
_refine.entry_id                                 2IHD 
_refine.ls_number_reflns_obs                     16320 
_refine.ls_number_reflns_all                     16320 
_refine.pdbx_ls_sigma_I                          ? 
_refine.pdbx_ls_sigma_F                          0 
_refine.pdbx_data_cutoff_high_absF               ? 
_refine.pdbx_data_cutoff_low_absF                ? 
_refine.pdbx_data_cutoff_high_rms_absF           ? 
_refine.ls_d_res_low                             27.5 
_refine.ls_d_res_high                            1.70 
_refine.ls_percent_reflns_obs                    95.71 
_refine.ls_R_factor_obs                          0.17707 
_refine.ls_R_factor_all                          0.17707 
_refine.ls_R_factor_R_work                       0.17524 
_refine.ls_R_factor_R_free                       0.21119 
_refine.ls_R_factor_R_free_error                 ? 
_refine.ls_R_factor_R_free_error_details         ? 
_refine.ls_percent_reflns_R_free                 5.1 
_refine.ls_number_reflns_R_free                  878 
_refine.ls_number_parameters                     ? 
_refine.ls_number_restraints                     ? 
_refine.occupancy_min                            ? 
_refine.occupancy_max                            ? 
_refine.correlation_coeff_Fo_to_Fc               0.962 
_refine.correlation_coeff_Fo_to_Fc_free          0.950 
_refine.B_iso_mean                               12.144 
_refine.aniso_B[1][1]                            0.20 
_refine.aniso_B[2][2]                            0.20 
_refine.aniso_B[3][3]                            -0.41 
_refine.aniso_B[1][2]                            0.00 
_refine.aniso_B[1][3]                            0.00 
_refine.aniso_B[2][3]                            0.00 
_refine.solvent_model_details                    MASK 
_refine.solvent_model_param_ksol                 ? 
_refine.solvent_model_param_bsol                 ? 
_refine.pdbx_solvent_vdw_probe_radii             1.40 
_refine.pdbx_solvent_ion_probe_radii             0.80 
_refine.pdbx_solvent_shrinkage_radii             0.80 
_refine.pdbx_ls_cross_valid_method               THROUGHOUT 
_refine.details                                  'HYDROGENS HAVE BEEN ADDED IN THE RIDING POSITIONS' 
_refine.pdbx_starting_model                      'Swissmodel based on pdb entry 2BT2' 
_refine.pdbx_method_to_determine_struct          'MOLECULAR REPLACEMENT' 
_refine.pdbx_isotropic_thermal_model             ? 
_refine.pdbx_stereochemistry_target_values       'MAXIMUM LIKELIHOOD' 
_refine.pdbx_stereochem_target_val_spec_case     ? 
_refine.pdbx_R_Free_selection_details            RANDOM 
_refine.pdbx_overall_ESU_R                       0.101 
_refine.pdbx_overall_ESU_R_Free                  0.102 
_refine.overall_SU_ML                            0.067 
_refine.overall_SU_B                             3.803 
_refine.ls_redundancy_reflns_obs                 ? 
_refine.B_iso_min                                ? 
_refine.B_iso_max                                ? 
_refine.overall_SU_R_Cruickshank_DPI             ? 
_refine.overall_SU_R_free                        ? 
_refine.ls_wR_factor_R_free                      ? 
_refine.ls_wR_factor_R_work                      ? 
_refine.overall_FOM_free_R_set                   ? 
_refine.overall_FOM_work_R_set                   ? 
_refine.pdbx_refine_id                           'X-RAY DIFFRACTION' 
_refine.pdbx_overall_phase_error                 ? 
_refine.pdbx_TLS_residual_ADP_flag               'LIKELY RESIDUAL' 
_refine.pdbx_diffrn_id                           1 
_refine.pdbx_overall_SU_R_free_Cruickshank_DPI   ? 
_refine.pdbx_overall_SU_R_Blow_DPI               ? 
_refine.pdbx_overall_SU_R_free_Blow_DPI          ? 
# 
_refine_hist.pdbx_refine_id                   'X-RAY DIFFRACTION' 
_refine_hist.cycle_id                         LAST 
_refine_hist.pdbx_number_atoms_protein        1043 
_refine_hist.pdbx_number_atoms_nucleic_acid   0 
_refine_hist.pdbx_number_atoms_ligand         1 
_refine_hist.number_atoms_solvent             170 
_refine_hist.number_atoms_total               1214 
_refine_hist.d_res_high                       1.70 
_refine_hist.d_res_low                        27.5 
# 
loop_
_refine_ls_restr.type 
_refine_ls_restr.dev_ideal 
_refine_ls_restr.dev_ideal_target 
_refine_ls_restr.weight 
_refine_ls_restr.number 
_refine_ls_restr.pdbx_refine_id 
_refine_ls_restr.pdbx_restraint_function 
r_bond_refined_d         0.010  0.022  ? 1090 'X-RAY DIFFRACTION' ? 
r_bond_other_d           0.001  0.020  ? 777  'X-RAY DIFFRACTION' ? 
r_angle_refined_deg      1.141  1.944  ? 1472 'X-RAY DIFFRACTION' ? 
r_angle_other_deg        0.901  3.000  ? 1877 'X-RAY DIFFRACTION' ? 
r_dihedral_angle_1_deg   4.739  5.000  ? 134  'X-RAY DIFFRACTION' ? 
r_dihedral_angle_2_deg   33.115 23.036 ? 56   'X-RAY DIFFRACTION' ? 
r_dihedral_angle_3_deg   11.283 15.000 ? 201  'X-RAY DIFFRACTION' ? 
r_dihedral_angle_4_deg   21.025 15.000 ? 10   'X-RAY DIFFRACTION' ? 
r_chiral_restr           0.067  0.200  ? 159  'X-RAY DIFFRACTION' ? 
r_gen_planes_refined     0.004  0.020  ? 1210 'X-RAY DIFFRACTION' ? 
r_gen_planes_other       0.001  0.020  ? 250  'X-RAY DIFFRACTION' ? 
r_nbd_refined            0.213  0.200  ? 266  'X-RAY DIFFRACTION' ? 
r_nbd_other              0.175  0.200  ? 815  'X-RAY DIFFRACTION' ? 
r_nbtor_refined          0.181  0.200  ? 550  'X-RAY DIFFRACTION' ? 
r_nbtor_other            0.082  0.200  ? 517  'X-RAY DIFFRACTION' ? 
r_xyhbond_nbd_refined    0.188  0.200  ? 108  'X-RAY DIFFRACTION' ? 
r_symmetry_vdw_refined   0.135  0.200  ? 11   'X-RAY DIFFRACTION' ? 
r_symmetry_vdw_other     0.294  0.200  ? 38   'X-RAY DIFFRACTION' ? 
r_symmetry_hbond_refined 0.192  0.200  ? 24   'X-RAY DIFFRACTION' ? 
r_mcbond_it              3.024  5.000  ? 647  'X-RAY DIFFRACTION' ? 
r_mcbond_other           1.192  5.000  ? 256  'X-RAY DIFFRACTION' ? 
r_mcangle_it             4.135  7.000  ? 1046 'X-RAY DIFFRACTION' ? 
r_scbond_it              6.384  9.000  ? 456  'X-RAY DIFFRACTION' ? 
r_scangle_it             8.632  12.000 ? 422  'X-RAY DIFFRACTION' ? 
# 
_refine_ls_shell.pdbx_total_number_of_bins_used   20 
_refine_ls_shell.d_res_high                       1.70 
_refine_ls_shell.d_res_low                        1.746 
_refine_ls_shell.number_reflns_R_work             1256 
_refine_ls_shell.R_factor_R_work                  0.243 
_refine_ls_shell.percent_reflns_obs               99.62 
_refine_ls_shell.R_factor_R_free                  0.302 
_refine_ls_shell.R_factor_R_free_error            ? 
_refine_ls_shell.percent_reflns_R_free            ? 
_refine_ls_shell.number_reflns_R_free             60 
_refine_ls_shell.number_reflns_all                ? 
_refine_ls_shell.R_factor_all                     ? 
_refine_ls_shell.number_reflns_obs                ? 
_refine_ls_shell.redundancy_reflns_obs            ? 
_refine_ls_shell.pdbx_refine_id                   'X-RAY DIFFRACTION' 
# 
_struct.entry_id                  2IHD 
_struct.title                     'Crystal structure of Human Regulator of G-protein signaling 8, RGS8' 
_struct.pdbx_model_details        ? 
_struct.pdbx_CASP_flag            ? 
_struct.pdbx_model_type_details   ? 
# 
_struct_keywords.entry_id        2IHD 
_struct_keywords.pdbx_keywords   'SIGNALING PROTEIN' 
_struct_keywords.text            
'RGS8; RGS; signaling protein, Structural Genomics, Structural Genomics Consortium, SGC, SIGNALING PROTEIN' 
# 
loop_
_struct_asym.id 
_struct_asym.pdbx_blank_PDB_chainid_flag 
_struct_asym.pdbx_modified 
_struct_asym.entity_id 
_struct_asym.details 
A N N 1 ? 
B N N 2 ? 
C N N 3 ? 
# 
_struct_biol.id   1 
# 
loop_
_struct_conf.conf_type_id 
_struct_conf.id 
_struct_conf.pdbx_PDB_helix_id 
_struct_conf.beg_label_comp_id 
_struct_conf.beg_label_asym_id 
_struct_conf.beg_label_seq_id 
_struct_conf.pdbx_beg_PDB_ins_code 
_struct_conf.end_label_comp_id 
_struct_conf.end_label_asym_id 
_struct_conf.end_label_seq_id 
_struct_conf.pdbx_end_PDB_ins_code 
_struct_conf.beg_auth_comp_id 
_struct_conf.beg_auth_asym_id 
_struct_conf.beg_auth_seq_id 
_struct_conf.end_auth_comp_id 
_struct_conf.end_auth_asym_id 
_struct_conf.end_auth_seq_id 
_struct_conf.pdbx_PDB_helix_class 
_struct_conf.details 
_struct_conf.pdbx_PDB_helix_length 
HELX_P HELX_P1 1 SER A 28  ? TRP A 35  ? SER A 46  TRP A 53  1 ? 8  
HELX_P HELX_P2 2 SER A 38  ? SER A 44  ? SER A 56  SER A 62  1 ? 7  
HELX_P HELX_P3 3 HIS A 45  ? GLU A 59  ? HIS A 63  GLU A 77  1 ? 15 
HELX_P HELX_P4 4 GLU A 62  ? LYS A 75  ? GLU A 80  LYS A 93  1 ? 14 
HELX_P HELX_P5 5 SER A 79  ? VAL A 95  ? SER A 97  VAL A 113 1 ? 17 
HELX_P HELX_P6 6 ASP A 106 ? LEU A 117 ? ASP A 124 LEU A 135 1 ? 12 
HELX_P HELX_P7 7 PHE A 125 ? ASP A 139 ? PHE A 143 ASP A 157 1 ? 15 
HELX_P HELX_P8 8 ASP A 139 ? ARG A 146 ? ASP A 157 ARG A 164 1 ? 8  
HELX_P HELX_P9 9 SER A 147 ? ASP A 152 ? SER A 165 ASP A 170 1 ? 6  
# 
_struct_conf_type.id          HELX_P 
_struct_conf_type.criteria    ? 
_struct_conf_type.reference   ? 
# 
_struct_site.id                   AC1 
_struct_site.pdbx_evidence_code   Software 
_struct_site.pdbx_auth_asym_id    A 
_struct_site.pdbx_auth_comp_id    CL 
_struct_site.pdbx_auth_seq_id     1 
_struct_site.pdbx_auth_ins_code   ? 
_struct_site.pdbx_num_residues    2 
_struct_site.details              'BINDING SITE FOR RESIDUE CL A 1' 
# 
loop_
_struct_site_gen.id 
_struct_site_gen.site_id 
_struct_site_gen.pdbx_num_res 
_struct_site_gen.label_comp_id 
_struct_site_gen.label_asym_id 
_struct_site_gen.label_seq_id 
_struct_site_gen.pdbx_auth_ins_code 
_struct_site_gen.auth_comp_id 
_struct_site_gen.auth_asym_id 
_struct_site_gen.auth_seq_id 
_struct_site_gen.label_atom_id 
_struct_site_gen.label_alt_id 
_struct_site_gen.symmetry 
_struct_site_gen.details 
1 AC1 2 TRP A 68 ? TRP A 86  . ? 1_555 ? 
2 AC1 2 HOH C .  ? HOH A 324 . ? 1_555 ? 
# 
_atom_sites.entry_id                    2IHD 
_atom_sites.fract_transf_matrix[1][1]   0.00338698 
_atom_sites.fract_transf_matrix[1][2]   0.01423055 
_atom_sites.fract_transf_matrix[1][3]   -0.00397682 
_atom_sites.fract_transf_matrix[2][1]   -0.00919843 
_atom_sites.fract_transf_matrix[2][2]   0.00522366 
_atom_sites.fract_transf_matrix[2][3]   0.01085806 
_atom_sites.fract_transf_matrix[3][1]   0.00998745 
_atom_sites.fract_transf_matrix[3][2]   -0.00001114 
_atom_sites.fract_transf_matrix[3][3]   0.00846625 
_atom_sites.fract_transf_vector[1]      0.426289 
_atom_sites.fract_transf_vector[2]      -0.204596 
_atom_sites.fract_transf_vector[3]      0.132477 
# 
loop_
_atom_type.symbol 
C  
CL 
N  
O  
S  
# 
loop_
_atom_site.group_PDB 
_atom_site.id 
_atom_site.type_symbol 
_atom_site.label_atom_id 
_atom_site.label_alt_id 
_atom_site.label_comp_id 
_atom_site.label_asym_id 
_atom_site.label_entity_id 
_atom_site.label_seq_id 
_atom_site.pdbx_PDB_ins_code 
_atom_site.Cartn_x 
_atom_site.Cartn_y 
_atom_site.Cartn_z 
_atom_site.occupancy 
_atom_site.B_iso_or_equiv 
_atom_site.pdbx_formal_charge 
_atom_site.auth_seq_id 
_atom_site.auth_comp_id 
_atom_site.auth_asym_id 
_atom_site.auth_atom_id 
_atom_site.pdbx_PDB_model_num 
ATOM   1    N  N   . SER A 1 28  ? -23.102 -3.105  9.526   1.00 26.77 ? 46  SER A N   1 
ATOM   2    C  CA  . SER A 1 28  ? -22.239 -4.080  8.800   1.00 32.47 ? 46  SER A CA  1 
ATOM   3    C  C   . SER A 1 28  ? -22.507 -4.006  7.302   1.00 30.42 ? 46  SER A C   1 
ATOM   4    O  O   . SER A 1 28  ? -21.579 -3.822  6.517   1.00 39.44 ? 46  SER A O   1 
ATOM   5    C  CB  . SER A 1 28  ? -22.464 -5.500  9.315   1.00 34.10 ? 46  SER A CB  1 
ATOM   6    O  OG  . SER A 1 28  ? -21.378 -6.335  8.953   1.00 25.21 ? 46  SER A OG  1 
ATOM   7    N  N   . THR A 1 29  ? -23.773 -4.150  6.910   1.00 32.33 ? 47  THR A N   1 
ATOM   8    C  CA  . THR A 1 29  ? -24.186 -3.819  5.544   1.00 26.30 ? 47  THR A CA  1 
ATOM   9    C  C   . THR A 1 29  ? -23.925 -2.330  5.329   1.00 21.65 ? 47  THR A C   1 
ATOM   10   O  O   . THR A 1 29  ? -23.343 -1.937  4.315   1.00 19.67 ? 47  THR A O   1 
ATOM   11   C  CB  . THR A 1 29  ? -25.674 -4.146  5.264   1.00 22.20 ? 47  THR A CB  1 
ATOM   12   O  OG1 . THR A 1 29  ? -26.486 -3.682  6.349   1.00 36.45 ? 47  THR A OG1 1 
ATOM   13   C  CG2 . THR A 1 29  ? -25.879 -5.654  5.080   1.00 19.33 ? 47  THR A CG2 1 
ATOM   14   N  N   . GLU A 1 30  ? -24.336 -1.517  6.304   1.00 16.42 ? 48  GLU A N   1 
ATOM   15   C  CA  . GLU A 1 30  ? -24.012 -0.088  6.324   1.00 18.07 ? 48  GLU A CA  1 
ATOM   16   C  C   . GLU A 1 30  ? -22.512 0.167   6.178   1.00 16.05 ? 48  GLU A C   1 
ATOM   17   O  O   . GLU A 1 30  ? -22.111 1.024   5.397   1.00 15.89 ? 48  GLU A O   1 
ATOM   18   C  CB  . GLU A 1 30  ? -24.498 0.567   7.620   1.00 18.71 ? 48  GLU A CB  1 
ATOM   19   C  CG  . GLU A 1 30  ? -24.078 2.031   7.772   1.00 21.18 ? 48  GLU A CG  1 
ATOM   20   N  N   . GLU A 1 31  ? -21.695 -0.561  6.942   1.00 23.68 ? 49  GLU A N   1 
ATOM   21   C  CA  . GLU A 1 31  ? -20.242 -0.369  6.901   1.00 23.86 ? 49  GLU A CA  1 
ATOM   22   C  C   . GLU A 1 31  ? -19.677 -0.708  5.531   1.00 22.00 ? 49  GLU A C   1 
ATOM   23   O  O   . GLU A 1 31  ? -18.867 0.043   4.995   1.00 20.54 ? 49  GLU A O   1 
ATOM   24   C  CB  . GLU A 1 31  ? -19.523 -1.204  7.963   1.00 26.32 ? 49  GLU A CB  1 
ATOM   25   C  CG  . GLU A 1 31  ? -18.037 -0.823  8.121   1.00 34.25 ? 49  GLU A CG  1 
ATOM   26   C  CD  . GLU A 1 31  ? -17.180 -1.934  8.701   1.00 25.89 ? 49  GLU A CD  1 
ATOM   27   O  OE1 . GLU A 1 31  ? -17.700 -2.765  9.471   1.00 49.12 ? 49  GLU A OE1 1 
ATOM   28   O  OE2 . GLU A 1 31  ? -15.976 -1.965  8.394   1.00 14.51 ? 49  GLU A OE2 1 
ATOM   29   N  N   . ALA A 1 32  ? -20.098 -1.838  4.970   1.00 21.90 ? 50  ALA A N   1 
ATOM   30   C  CA  . ALA A 1 32  ? -19.667 -2.239  3.626   1.00 18.62 ? 50  ALA A CA  1 
ATOM   31   C  C   . ALA A 1 32  ? -20.035 -1.172  2.593   1.00 13.37 ? 50  ALA A C   1 
ATOM   32   O  O   . ALA A 1 32  ? -19.252 -0.862  1.701   1.00 12.46 ? 50  ALA A O   1 
ATOM   33   C  CB  . ALA A 1 32  ? -20.273 -3.589  3.250   1.00 21.30 ? 50  ALA A CB  1 
ATOM   34   N  N   . THR A 1 33  ? -21.216 -0.584  2.735   1.00 11.79 ? 51  THR A N   1 
ATOM   35   C  CA  . THR A 1 33  ? -21.622 0.517   1.865   1.00 13.17 ? 51  THR A CA  1 
ATOM   36   C  C   . THR A 1 33  ? -20.674 1.716   2.001   1.00 15.41 ? 51  THR A C   1 
ATOM   37   O  O   . THR A 1 33  ? -20.340 2.360   1.006   1.00 15.05 ? 51  THR A O   1 
ATOM   38   C  CB  . THR A 1 33  ? -23.074 0.968   2.164   1.00 19.39 ? 51  THR A CB  1 
ATOM   39   O  OG1 . THR A 1 33  ? -23.965 -0.137  1.970   1.00 15.62 ? 51  THR A OG1 1 
ATOM   40   C  CG2 . THR A 1 33  ? -23.476 2.108   1.252   1.00 7.99  ? 51  THR A CG2 1 
ATOM   41   N  N   . ARG A 1 34  ? -20.239 1.994   3.231   1.00 17.20 ? 52  ARG A N   1 
ATOM   42   C  CA  . ARG A 1 34  ? -19.327 3.104   3.513   1.00 17.14 ? 52  ARG A CA  1 
ATOM   43   C  C   . ARG A 1 34  ? -18.005 2.981   2.771   1.00 15.16 ? 52  ARG A C   1 
ATOM   44   O  O   . ARG A 1 34  ? -17.404 3.994   2.415   1.00 17.27 ? 52  ARG A O   1 
ATOM   45   C  CB  . ARG A 1 34  ? -19.029 3.235   5.023   1.00 19.93 ? 52  ARG A CB  1 
ATOM   46   C  CG  . ARG A 1 34  ? -20.151 3.797   5.912   1.00 22.21 ? 52  ARG A CG  1 
ATOM   47   C  CD  . ARG A 1 34  ? -20.849 5.032   5.329   1.00 20.80 ? 52  ARG A CD  1 
ATOM   48   N  NE  . ARG A 1 34  ? -22.174 4.686   4.807   1.00 36.07 ? 52  ARG A NE  1 
ATOM   49   C  CZ  . ARG A 1 34  ? -22.730 5.173   3.696   1.00 35.58 ? 52  ARG A CZ  1 
ATOM   50   N  NH1 . ARG A 1 34  ? -23.949 4.769   3.352   1.00 34.97 ? 52  ARG A NH1 1 
ATOM   51   N  NH2 . ARG A 1 34  ? -22.088 6.044   2.919   1.00 24.08 ? 52  ARG A NH2 1 
ATOM   52   N  N   . TRP A 1 35  ? -17.544 1.748   2.544   1.00 14.05 ? 53  TRP A N   1 
ATOM   53   C  CA  . TRP A 1 35  ? -16.278 1.526   1.836   1.00 16.76 ? 53  TRP A CA  1 
ATOM   54   C  C   . TRP A 1 35  ? -16.300 2.130   0.438   1.00 11.83 ? 53  TRP A C   1 
ATOM   55   O  O   . TRP A 1 35  ? -15.248 2.427   -0.111  1.00 15.20 ? 53  TRP A O   1 
ATOM   56   C  CB  . TRP A 1 35  ? -15.936 0.042   1.705   1.00 15.07 ? 53  TRP A CB  1 
ATOM   57   C  CG  . TRP A 1 35  ? -15.850 -0.739  2.984   1.00 11.23 ? 53  TRP A CG  1 
ATOM   58   C  CD1 . TRP A 1 35  ? -15.806 -0.250  4.266   1.00 17.10 ? 53  TRP A CD1 1 
ATOM   59   C  CD2 . TRP A 1 35  ? -15.778 -2.159  3.093   1.00 14.66 ? 53  TRP A CD2 1 
ATOM   60   N  NE1 . TRP A 1 35  ? -15.728 -1.288  5.161   1.00 14.64 ? 53  TRP A NE1 1 
ATOM   61   C  CE2 . TRP A 1 35  ? -15.707 -2.471  4.467   1.00 14.96 ? 53  TRP A CE2 1 
ATOM   62   C  CE3 . TRP A 1 35  ? -15.777 -3.207  2.157   1.00 13.14 ? 53  TRP A CE3 1 
ATOM   63   C  CZ2 . TRP A 1 35  ? -15.636 -3.789  4.927   1.00 14.68 ? 53  TRP A CZ2 1 
ATOM   64   C  CZ3 . TRP A 1 35  ? -15.704 -4.504  2.613   1.00 12.77 ? 53  TRP A CZ3 1 
ATOM   65   C  CH2 . TRP A 1 35  ? -15.633 -4.786  3.988   1.00 21.25 ? 53  TRP A CH2 1 
ATOM   66   N  N   . ALA A 1 36  ? -17.493 2.300   -0.138  1.00 10.48 ? 54  ALA A N   1 
ATOM   67   C  CA  . ALA A 1 36  ? -17.635 2.901   -1.466  1.00 10.93 ? 54  ALA A CA  1 
ATOM   68   C  C   . ALA A 1 36  ? -17.535 4.432   -1.450  1.00 13.52 ? 54  ALA A C   1 
ATOM   69   O  O   . ALA A 1 36  ? -17.529 5.037   -2.507  1.00 11.27 ? 54  ALA A O   1 
ATOM   70   C  CB  . ALA A 1 36  ? -18.958 2.469   -2.105  1.00 15.88 ? 54  ALA A CB  1 
ATOM   71   N  N   . ASP A 1 37  ? -17.468 5.054   -0.269  1.00 13.96 ? 55  ASP A N   1 
ATOM   72   C  CA  . ASP A 1 37  ? -17.362 6.523   -0.175  1.00 14.59 ? 55  ASP A CA  1 
ATOM   73   C  C   . ASP A 1 37  ? -16.090 7.055   -0.840  1.00 13.61 ? 55  ASP A C   1 
ATOM   74   O  O   . ASP A 1 37  ? -16.124 8.067   -1.547  1.00 7.71  ? 55  ASP A O   1 
ATOM   75   C  CB  . ASP A 1 37  ? -17.396 6.982   1.288   1.00 16.78 ? 55  ASP A CB  1 
ATOM   76   C  CG  . ASP A 1 37  ? -18.790 6.891   1.908   1.00 21.02 ? 55  ASP A CG  1 
ATOM   77   O  OD1 . ASP A 1 37  ? -19.754 6.526   1.191   1.00 19.68 ? 55  ASP A OD1 1 
ATOM   78   O  OD2 . ASP A 1 37  ? -18.917 7.199   3.116   1.00 20.47 ? 55  ASP A OD2 1 
ATOM   79   N  N   . SER A 1 38  ? -14.976 6.376   -0.578  1.00 11.17 ? 56  SER A N   1 
ATOM   80   C  CA  . SER A 1 38  ? -13.691 6.674   -1.196  1.00 9.64  ? 56  SER A CA  1 
ATOM   81   C  C   . SER A 1 38  ? -12.720 5.571   -0.825  1.00 10.59 ? 56  SER A C   1 
ATOM   82   O  O   . SER A 1 38  ? -12.949 4.823   0.118   1.00 7.62  ? 56  SER A O   1 
ATOM   83   C  CB  . SER A 1 38  ? -13.121 8.015   -0.719  1.00 8.52  ? 56  SER A CB  1 
ATOM   84   O  OG  . SER A 1 38  ? -12.536 7.903   0.571   1.00 10.91 ? 56  SER A OG  1 
ATOM   85   N  N   . PHE A 1 39  ? -11.617 5.502   -1.543  1.00 10.85 ? 57  PHE A N   1 
ATOM   86   C  CA  . PHE A 1 39  ? -10.599 4.519   -1.245  1.00 12.26 ? 57  PHE A CA  1 
ATOM   87   C  C   . PHE A 1 39  ? -10.035 4.721   0.171   1.00 9.10  ? 57  PHE A C   1 
ATOM   88   O  O   . PHE A 1 39  ? -9.843  3.764   0.912   1.00 9.84  ? 57  PHE A O   1 
ATOM   89   C  CB  . PHE A 1 39  ? -9.503  4.601   -2.299  1.00 11.15 ? 57  PHE A CB  1 
ATOM   90   C  CG  . PHE A 1 39  ? -8.438  3.570   -2.137  1.00 8.51  ? 57  PHE A CG  1 
ATOM   91   C  CD1 . PHE A 1 39  ? -8.757  2.246   -1.845  1.00 8.85  ? 57  PHE A CD1 1 
ATOM   92   C  CD2 . PHE A 1 39  ? -7.104  3.922   -2.285  1.00 9.25  ? 57  PHE A CD2 1 
ATOM   93   C  CE1 . PHE A 1 39  ? -7.765  1.294   -1.687  1.00 12.28 ? 57  PHE A CE1 1 
ATOM   94   C  CE2 . PHE A 1 39  ? -6.108  2.966   -2.138  1.00 14.35 ? 57  PHE A CE2 1 
ATOM   95   C  CZ  . PHE A 1 39  ? -6.429  1.659   -1.840  1.00 9.29  ? 57  PHE A CZ  1 
ATOM   96   N  N   . ASP A 1 40  ? -9.832  5.976   0.570   1.00 13.64 ? 58  ASP A N   1 
ATOM   97   C  CA  . ASP A 1 40  ? -9.262  6.259   1.896   1.00 14.82 ? 58  ASP A CA  1 
ATOM   98   C  C   . ASP A 1 40  ? -10.220 5.885   3.026   1.00 12.71 ? 58  ASP A C   1 
ATOM   99   O  O   . ASP A 1 40  ? -9.788  5.470   4.106   1.00 16.05 ? 58  ASP A O   1 
ATOM   100  C  CB  . ASP A 1 40  ? -8.805  7.713   2.000   1.00 14.17 ? 58  ASP A CB  1 
ATOM   101  C  CG  . ASP A 1 40  ? -7.540  7.982   1.184   1.00 20.25 ? 58  ASP A CG  1 
ATOM   102  O  OD1 . ASP A 1 40  ? -6.587  7.175   1.286   1.00 21.45 ? 58  ASP A OD1 1 
ATOM   103  O  OD2 . ASP A 1 40  ? -7.507  8.995   0.445   1.00 26.14 ? 58  ASP A OD2 1 
ATOM   104  N  N   . VAL A 1 41  ? -11.516 6.014   2.776   1.00 10.28 ? 59  VAL A N   1 
ATOM   105  C  CA  . VAL A 1 41  ? -12.515 5.504   3.709   1.00 12.60 ? 59  VAL A CA  1 
ATOM   106  C  C   . VAL A 1 41  ? -12.426 3.972   3.845   1.00 9.23  ? 59  VAL A C   1 
ATOM   107  O  O   . VAL A 1 41  ? -12.401 3.445   4.965   1.00 10.89 ? 59  VAL A O   1 
ATOM   108  C  CB  . VAL A 1 41  ? -13.939 5.949   3.322   1.00 11.18 ? 59  VAL A CB  1 
ATOM   109  C  CG1 . VAL A 1 41  ? -14.974 5.147   4.109   1.00 12.32 ? 59  VAL A CG1 1 
ATOM   110  C  CG2 . VAL A 1 41  ? -14.118 7.482   3.570   1.00 9.82  ? 59  VAL A CG2 1 
ATOM   111  N  N   . LEU A 1 42  ? -12.352 3.251   2.724   1.00 11.85 ? 60  LEU A N   1 
ATOM   112  C  CA  . LEU A 1 42  ? -12.142 1.796   2.785   1.00 10.91 ? 60  LEU A CA  1 
ATOM   113  C  C   . LEU A 1 42  ? -10.935 1.439   3.652   1.00 9.99  ? 60  LEU A C   1 
ATOM   114  O  O   . LEU A 1 42  ? -11.031 0.574   4.531   1.00 10.55 ? 60  LEU A O   1 
ATOM   115  C  CB  . LEU A 1 42  ? -12.002 1.185   1.387   1.00 8.46  ? 60  LEU A CB  1 
ATOM   116  C  CG  . LEU A 1 42  ? -11.727 -0.328  1.274   1.00 10.45 ? 60  LEU A CG  1 
ATOM   117  C  CD1 . LEU A 1 42  ? -11.998 -0.807  -0.137  1.00 19.30 ? 60  LEU A CD1 1 
ATOM   118  C  CD2 . LEU A 1 42  ? -10.287 -0.680  1.639   1.00 16.12 ? 60  LEU A CD2 1 
ATOM   119  N  N   . LEU A 1 43  ? -9.828  2.144   3.433   1.00 10.06 ? 61  LEU A N   1 
ATOM   120  C  CA  . LEU A 1 43  ? -8.571  1.869   4.130   1.00 10.26 ? 61  LEU A CA  1 
ATOM   121  C  C   . LEU A 1 43  ? -8.629  2.151   5.643   1.00 9.31  ? 61  LEU A C   1 
ATOM   122  O  O   . LEU A 1 43  ? -7.842  1.584   6.403   1.00 13.03 ? 61  LEU A O   1 
ATOM   123  C  CB  . LEU A 1 43  ? -7.432  2.669   3.494   1.00 12.30 ? 61  LEU A CB  1 
ATOM   124  C  CG  . LEU A 1 43  ? -7.018  2.241   2.086   1.00 18.05 ? 61  LEU A CG  1 
ATOM   125  C  CD1 . LEU A 1 43  ? -6.064  3.266   1.491   1.00 18.82 ? 61  LEU A CD1 1 
ATOM   126  C  CD2 . LEU A 1 43  ? -6.391  0.853   2.102   1.00 17.95 ? 61  LEU A CD2 1 
ATOM   127  N  N   . SER A 1 44  ? -9.550  3.013   6.068   1.00 13.69 ? 62  SER A N   1 
ATOM   128  C  CA  . SER A 1 44  ? -9.731  3.341   7.494   1.00 10.23 ? 62  SER A CA  1 
ATOM   129  C  C   . SER A 1 44  ? -10.492 2.276   8.280   1.00 11.62 ? 62  SER A C   1 
ATOM   130  O  O   . SER A 1 44  ? -10.585 2.363   9.499   1.00 11.95 ? 62  SER A O   1 
ATOM   131  C  CB  . SER A 1 44  ? -10.448 4.684   7.639   1.00 14.08 ? 62  SER A CB  1 
ATOM   132  O  OG  . SER A 1 44  ? -11.827 4.569   7.357   1.00 13.27 ? 62  SER A OG  1 
ATOM   133  N  N   . HIS A 1 45  ? -11.042 1.284   7.582   1.00 13.43 ? 63  HIS A N   1 
ATOM   134  C  CA  . HIS A 1 45  ? -11.793 0.195   8.212   1.00 11.62 ? 63  HIS A CA  1 
ATOM   135  C  C   . HIS A 1 45  ? -10.984 -1.107  8.113   1.00 4.55  ? 63  HIS A C   1 
ATOM   136  O  O   . HIS A 1 45  ? -10.651 -1.535  7.005   1.00 10.27 ? 63  HIS A O   1 
ATOM   137  C  CB  . HIS A 1 45  ? -13.128 0.003   7.491   1.00 10.66 ? 63  HIS A CB  1 
ATOM   138  C  CG  . HIS A 1 45  ? -14.103 1.119   7.700   1.00 19.17 ? 63  HIS A CG  1 
ATOM   139  N  ND1 . HIS A 1 45  ? -14.691 1.376   8.919   1.00 30.71 ? 63  HIS A ND1 1 
ATOM   140  C  CD2 . HIS A 1 45  ? -14.615 2.032   6.837   1.00 20.09 ? 63  HIS A CD2 1 
ATOM   141  C  CE1 . HIS A 1 45  ? -15.510 2.407   8.803   1.00 19.00 ? 63  HIS A CE1 1 
ATOM   142  N  NE2 . HIS A 1 45  ? -15.485 2.821   7.549   1.00 16.48 ? 63  HIS A NE2 1 
ATOM   143  N  N   . LYS A 1 46  ? -10.679 -1.727  9.255   1.00 8.66  ? 64  LYS A N   1 
ATOM   144  C  CA  . LYS A 1 46  ? -9.936  -2.996  9.266   1.00 10.96 ? 64  LYS A CA  1 
ATOM   145  C  C   . LYS A 1 46  ? -10.578 -4.081  8.386   1.00 6.68  ? 64  LYS A C   1 
ATOM   146  O  O   . LYS A 1 46  ? -9.884  -4.779  7.665   1.00 9.33  ? 64  LYS A O   1 
ATOM   147  C  CB  . LYS A 1 46  ? -9.775  -3.520  10.698  1.00 11.30 ? 64  LYS A CB  1 
ATOM   148  C  CG  . LYS A 1 46  ? -8.753  -2.762  11.522  1.00 29.42 ? 64  LYS A CG  1 
ATOM   149  N  N   . TYR A 1 47  ? -11.903 -4.227  8.454   1.00 12.22 ? 65  TYR A N   1 
ATOM   150  C  CA  . TYR A 1 47  ? -12.585 -5.209  7.602   1.00 8.95  ? 65  TYR A CA  1 
ATOM   151  C  C   . TYR A 1 47  ? -12.532 -4.789  6.113   1.00 7.61  ? 65  TYR A C   1 
ATOM   152  O  O   . TYR A 1 47  ? -12.478 -5.645  5.227   1.00 9.54  ? 65  TYR A O   1 
ATOM   153  C  CB  . TYR A 1 47  ? -14.037 -5.439  8.067   1.00 8.35  ? 65  TYR A CB  1 
ATOM   154  C  CG  . TYR A 1 47  ? -14.202 -6.160  9.405   1.00 12.97 ? 65  TYR A CG  1 
ATOM   155  C  CD1 . TYR A 1 47  ? -13.353 -7.206  9.779   1.00 31.86 ? 65  TYR A CD1 1 
ATOM   156  C  CD2 . TYR A 1 47  ? -15.240 -5.826  10.268  1.00 31.82 ? 65  TYR A CD2 1 
ATOM   157  C  CE1 . TYR A 1 47  ? -13.519 -7.875  10.994  1.00 27.55 ? 65  TYR A CE1 1 
ATOM   158  C  CE2 . TYR A 1 47  ? -15.416 -6.492  11.481  1.00 32.11 ? 65  TYR A CE2 1 
ATOM   159  C  CZ  . TYR A 1 47  ? -14.552 -7.517  11.835  1.00 29.31 ? 65  TYR A CZ  1 
ATOM   160  O  OH  . TYR A 1 47  ? -14.717 -8.180  13.031  1.00 24.78 ? 65  TYR A OH  1 
ATOM   161  N  N   . GLY A 1 48  ? -12.522 -3.478  5.856   1.00 9.62  ? 66  GLY A N   1 
ATOM   162  C  CA  . GLY A 1 48  ? -12.332 -2.939  4.505   1.00 10.66 ? 66  GLY A CA  1 
ATOM   163  C  C   . GLY A 1 48  ? -10.986 -3.327  3.921   1.00 13.03 ? 66  GLY A C   1 
ATOM   164  O  O   . GLY A 1 48  ? -10.913 -3.849  2.815   1.00 9.25  ? 66  GLY A O   1 
ATOM   165  N  N   . VAL A 1 49  ? -9.928  -3.087  4.687   1.00 9.87  ? 67  VAL A N   1 
ATOM   166  C  CA  . VAL A 1 49  ? -8.583  -3.540  4.317   1.00 9.43  ? 67  VAL A CA  1 
ATOM   167  C  C   . VAL A 1 49  ? -8.512  -5.047  4.069   1.00 9.38  ? 67  VAL A C   1 
ATOM   168  O  O   . VAL A 1 49  ? -7.960  -5.471  3.067   1.00 8.90  ? 67  VAL A O   1 
ATOM   169  C  CB  . VAL A 1 49  ? -7.530  -3.100  5.366   1.00 12.14 ? 67  VAL A CB  1 
ATOM   170  C  CG1 . VAL A 1 49  ? -6.160  -3.701  5.047   1.00 9.53  ? 67  VAL A CG1 1 
ATOM   171  C  CG2 . VAL A 1 49  ? -7.463  -1.561  5.420   1.00 13.68 ? 67  VAL A CG2 1 
ATOM   172  N  N   . ALA A 1 50  ? -9.082  -5.857  4.967   1.00 8.64  ? 68  ALA A N   1 
ATOM   173  C  CA  . ALA A 1 50  ? -9.070  -7.329  4.806   1.00 7.86  ? 68  ALA A CA  1 
ATOM   174  C  C   . ALA A 1 50  ? -9.770  -7.783  3.524   1.00 8.86  ? 68  ALA A C   1 
ATOM   175  O  O   . ALA A 1 50  ? -9.287  -8.664  2.819   1.00 9.61  ? 68  ALA A O   1 
ATOM   176  C  CB  . ALA A 1 50  ? -9.705  -8.015  6.035   1.00 7.79  ? 68  ALA A CB  1 
ATOM   177  N  N   . ALA A 1 51  ? -10.925 -7.182  3.241   1.00 10.26 ? 69  ALA A N   1 
ATOM   178  C  CA  . ALA A 1 51  ? -11.703 -7.522  2.059   1.00 8.99  ? 69  ALA A CA  1 
ATOM   179  C  C   . ALA A 1 51  ? -10.965 -7.148  0.778   1.00 9.47  ? 69  ALA A C   1 
ATOM   180  O  O   . ALA A 1 51  ? -10.932 -7.922  -0.173  1.00 9.31  ? 69  ALA A O   1 
ATOM   181  C  CB  . ALA A 1 51  ? -13.050 -6.841  2.098   1.00 11.51 ? 69  ALA A CB  1 
ATOM   182  N  N   . PHE A 1 52  ? -10.382 -5.949  0.779   1.00 6.39  ? 70  PHE A N   1 
ATOM   183  C  CA  . PHE A 1 52  ? -9.634  -5.439  -0.354  1.00 8.54  ? 70  PHE A CA  1 
ATOM   184  C  C   . PHE A 1 52  ? -8.392  -6.279  -0.589  1.00 6.01  ? 70  PHE A C   1 
ATOM   185  O  O   . PHE A 1 52  ? -8.052  -6.559  -1.737  1.00 9.55  ? 70  PHE A O   1 
ATOM   186  C  CB  . PHE A 1 52  ? -9.292  -3.958  -0.157  1.00 11.32 ? 70  PHE A CB  1 
ATOM   187  C  CG  . PHE A 1 52  ? -8.716  -3.284  -1.390  1.00 9.06  ? 70  PHE A CG  1 
ATOM   188  C  CD1 . PHE A 1 52  ? -9.388  -3.296  -2.593  1.00 11.07 ? 70  PHE A CD1 1 
ATOM   189  C  CD2 . PHE A 1 52  ? -7.495  -2.626  -1.322  1.00 7.60  ? 70  PHE A CD2 1 
ATOM   190  C  CE1 . PHE A 1 52  ? -8.867  -2.675  -3.717  1.00 10.79 ? 70  PHE A CE1 1 
ATOM   191  C  CE2 . PHE A 1 52  ? -6.959  -1.999  -2.445  1.00 12.80 ? 70  PHE A CE2 1 
ATOM   192  C  CZ  . PHE A 1 52  ? -7.643  -2.038  -3.646  1.00 10.61 ? 70  PHE A CZ  1 
ATOM   193  N  N   . ARG A 1 53  ? -7.716  -6.668  0.503   1.00 7.84  ? 71  ARG A N   1 
ATOM   194  C  CA  A ARG A 1 53  ? -6.530  -7.517  0.474   0.50 12.39 ? 71  ARG A CA  1 
ATOM   195  C  CA  B ARG A 1 53  ? -6.515  -7.501  0.392   0.50 6.86  ? 71  ARG A CA  1 
ATOM   196  C  C   . ARG A 1 53  ? -6.873  -8.826  -0.265  1.00 8.56  ? 71  ARG A C   1 
ATOM   197  O  O   . ARG A 1 53  ? -6.158  -9.275  -1.174  1.00 11.18 ? 71  ARG A O   1 
ATOM   198  C  CB  A ARG A 1 53  ? -6.128  -7.756  1.948   0.50 13.65 ? 71  ARG A CB  1 
ATOM   199  C  CB  B ARG A 1 53  ? -5.871  -7.760  1.758   0.50 5.63  ? 71  ARG A CB  1 
ATOM   200  C  CG  A ARG A 1 53  ? -4.911  -8.597  2.278   0.50 21.25 ? 71  ARG A CG  1 
ATOM   201  C  CG  B ARG A 1 53  ? -4.608  -8.632  1.712   0.50 2.64  ? 71  ARG A CG  1 
ATOM   202  C  CD  A ARG A 1 53  ? -4.785  -8.740  3.832   0.50 15.88 ? 71  ARG A CD  1 
ATOM   203  C  CD  B ARG A 1 53  ? -4.317  -9.238  3.087   0.50 5.86  ? 71  ARG A CD  1 
ATOM   204  N  NE  A ARG A 1 53  ? -4.178  -7.569  4.491   0.50 19.33 ? 71  ARG A NE  1 
ATOM   205  N  NE  B ARG A 1 53  ? -4.169  -8.230  4.128   0.50 4.62  ? 71  ARG A NE  1 
ATOM   206  C  CZ  A ARG A 1 53  ? -4.622  -6.910  5.583   0.50 22.91 ? 71  ARG A CZ  1 
ATOM   207  C  CZ  B ARG A 1 53  ? -3.057  -7.544  4.381   0.50 7.49  ? 71  ARG A CZ  1 
ATOM   208  N  NH1 A ARG A 1 53  ? -5.724  -7.243  6.273   0.50 2.00  ? 71  ARG A NH1 1 
ATOM   209  N  NH1 B ARG A 1 53  ? -1.966  -7.724  3.645   0.50 4.14  ? 71  ARG A NH1 1 
ATOM   210  N  NH2 A ARG A 1 53  ? -3.914  -5.877  6.016   0.50 28.32 ? 71  ARG A NH2 1 
ATOM   211  N  NH2 B ARG A 1 53  ? -3.045  -6.652  5.367   0.50 4.30  ? 71  ARG A NH2 1 
ATOM   212  N  N   . ALA A 1 54  ? -7.974  -9.445  0.156   1.00 9.60  ? 72  ALA A N   1 
ATOM   213  C  CA  . ALA A 1 54  ? -8.421  -10.700 -0.448  1.00 11.14 ? 72  ALA A CA  1 
ATOM   214  C  C   . ALA A 1 54  ? -8.657  -10.514 -1.940  1.00 8.74  ? 72  ALA A C   1 
ATOM   215  O  O   . ALA A 1 54  ? -8.250  -11.340 -2.739  1.00 9.82  ? 72  ALA A O   1 
ATOM   216  C  CB  . ALA A 1 54  ? -9.701  -11.187 0.214   1.00 10.62 ? 72  ALA A CB  1 
ATOM   217  N  N   . PHE A 1 55  ? -9.335  -9.429  -2.307  1.00 9.68  ? 73  PHE A N   1 
ATOM   218  C  CA  . PHE A 1 55  ? -9.564  -9.107  -3.713  1.00 9.04  ? 73  PHE A CA  1 
ATOM   219  C  C   . PHE A 1 55  ? -8.249  -8.966  -4.476  1.00 9.85  ? 73  PHE A C   1 
ATOM   220  O  O   . PHE A 1 55  ? -8.085  -9.542  -5.546  1.00 10.00 ? 73  PHE A O   1 
ATOM   221  C  CB  . PHE A 1 55  ? -10.375 -7.809  -3.836  1.00 10.61 ? 73  PHE A CB  1 
ATOM   222  C  CG  . PHE A 1 55  ? -10.650 -7.416  -5.254  1.00 7.71  ? 73  PHE A CG  1 
ATOM   223  C  CD1 . PHE A 1 55  ? -11.547 -8.144  -6.019  1.00 7.84  ? 73  PHE A CD1 1 
ATOM   224  C  CD2 . PHE A 1 55  ? -9.948  -6.364  -5.852  1.00 11.99 ? 73  PHE A CD2 1 
ATOM   225  C  CE1 . PHE A 1 55  ? -11.788 -7.806  -7.330  1.00 10.97 ? 73  PHE A CE1 1 
ATOM   226  C  CE2 . PHE A 1 55  ? -10.184 -6.023  -7.170  1.00 10.28 ? 73  PHE A CE2 1 
ATOM   227  C  CZ  . PHE A 1 55  ? -11.099 -6.754  -7.914  1.00 9.80  ? 73  PHE A CZ  1 
ATOM   228  N  N   . LEU A 1 56  ? -7.312  -8.197  -3.932  1.00 8.61  ? 74  LEU A N   1 
ATOM   229  C  CA  . LEU A 1 56  ? -6.035  -7.986  -4.628  1.00 7.67  ? 74  LEU A CA  1 
ATOM   230  C  C   . LEU A 1 56  ? -5.287  -9.319  -4.863  1.00 7.74  ? 74  LEU A C   1 
ATOM   231  O  O   . LEU A 1 56  ? -4.647  -9.498  -5.893  1.00 9.21  ? 74  LEU A O   1 
ATOM   232  C  CB  . LEU A 1 56  ? -5.152  -6.985  -3.885  1.00 11.28 ? 74  LEU A CB  1 
ATOM   233  C  CG  . LEU A 1 56  ? -5.671  -5.548  -3.863  1.00 9.60  ? 74  LEU A CG  1 
ATOM   234  C  CD1 . LEU A 1 56  ? -4.584  -4.651  -3.233  1.00 13.68 ? 74  LEU A CD1 1 
ATOM   235  C  CD2 . LEU A 1 56  ? -5.985  -5.007  -5.215  1.00 9.42  ? 74  LEU A CD2 1 
ATOM   236  N  N   . LYS A 1 57  ? -5.392  -10.247 -3.920  1.00 5.31  ? 75  LYS A N   1 
ATOM   237  C  CA  . LYS A 1 57  ? -4.803  -11.586 -4.116  1.00 4.07  ? 75  LYS A CA  1 
ATOM   238  C  C   . LYS A 1 57  ? -5.358  -12.246 -5.365  1.00 4.89  ? 75  LYS A C   1 
ATOM   239  O  O   . LYS A 1 57  ? -4.635  -12.944 -6.066  1.00 7.94  ? 75  LYS A O   1 
ATOM   240  C  CB  . LYS A 1 57  ? -4.959  -12.453 -2.886  1.00 6.83  ? 75  LYS A CB  1 
ATOM   241  C  CG  . LYS A 1 57  ? -4.058  -12.039 -1.746  1.00 10.90 ? 75  LYS A CG  1 
ATOM   242  C  CD  . LYS A 1 57  ? -4.375  -12.853 -0.499  1.00 13.09 ? 75  LYS A CD  1 
ATOM   243  C  CE  . LYS A 1 57  ? -3.562  -12.427 0.702   1.00 18.27 ? 75  LYS A CE  1 
ATOM   244  N  NZ  . LYS A 1 57  ? -3.997  -13.186 1.927   1.00 19.35 ? 75  LYS A NZ  1 
ATOM   245  N  N   . THR A 1 58  ? -6.640  -12.020 -5.651  1.00 5.08  ? 76  THR A N   1 
ATOM   246  C  CA  . THR A 1 58  ? -7.275  -12.616 -6.840  1.00 6.97  ? 76  THR A CA  1 
ATOM   247  C  C   . THR A 1 58  ? -6.793  -11.983 -8.156  1.00 8.09  ? 76  THR A C   1 
ATOM   248  O  O   . THR A 1 58  ? -6.922  -12.594 -9.214  1.00 8.72  ? 76  THR A O   1 
ATOM   249  C  CB  . THR A 1 58  ? -8.817  -12.618 -6.766  1.00 7.37  ? 76  THR A CB  1 
ATOM   250  O  OG1 . THR A 1 58  ? -9.340  -11.325 -7.094  1.00 6.47  ? 76  THR A OG1 1 
ATOM   251  C  CG2 . THR A 1 58  ? -9.313  -13.079 -5.383  1.00 10.42 ? 76  THR A CG2 1 
ATOM   252  N  N   . GLU A 1 59  ? -6.224  -10.780 -8.083  1.00 8.33  ? 77  GLU A N   1 
ATOM   253  C  CA  . GLU A 1 59  ? -5.669  -10.082 -9.253  1.00 8.37  ? 77  GLU A CA  1 
ATOM   254  C  C   . GLU A 1 59  ? -4.139  -10.038 -9.229  1.00 7.48  ? 77  GLU A C   1 
ATOM   255  O  O   . GLU A 1 59  ? -3.508  -9.370  -10.071 1.00 7.64  ? 77  GLU A O   1 
ATOM   256  C  CB  . GLU A 1 59  ? -6.196  -8.632  -9.278  1.00 15.91 ? 77  GLU A CB  1 
ATOM   257  C  CG  . GLU A 1 59  ? -7.687  -8.542  -9.465  1.00 23.47 ? 77  GLU A CG  1 
ATOM   258  C  CD  . GLU A 1 59  ? -8.134  -7.190  -9.982  1.00 26.24 ? 77  GLU A CD  1 
ATOM   259  O  OE1 . GLU A 1 59  ? -7.519  -6.184  -9.594  1.00 15.49 ? 77  GLU A OE1 1 
ATOM   260  O  OE2 . GLU A 1 59  ? -9.090  -7.153  -10.791 1.00 25.99 ? 77  GLU A OE2 1 
ATOM   261  N  N   . PHE A 1 60  ? -3.540  -10.709 -8.250  1.00 5.73  ? 78  PHE A N   1 
ATOM   262  C  CA  . PHE A 1 60  ? -2.094  -10.845 -8.162  1.00 8.35  ? 78  PHE A CA  1 
ATOM   263  C  C   . PHE A 1 60  ? -1.415  -9.496  -8.044  1.00 13.88 ? 78  PHE A C   1 
ATOM   264  O  O   . PHE A 1 60  ? -0.430  -9.219  -8.735  1.00 10.14 ? 78  PHE A O   1 
ATOM   265  C  CB  . PHE A 1 60  ? -1.541  -11.624 -9.369  1.00 5.37  ? 78  PHE A CB  1 
ATOM   266  C  CG  . PHE A 1 60  ? -2.312  -12.897 -9.663  1.00 6.66  ? 78  PHE A CG  1 
ATOM   267  C  CD1 . PHE A 1 60  ? -2.047  -14.062 -8.957  1.00 6.85  ? 78  PHE A CD1 1 
ATOM   268  C  CD2 . PHE A 1 60  ? -3.365  -12.901 -10.576 1.00 4.29  ? 78  PHE A CD2 1 
ATOM   269  C  CE1 . PHE A 1 60  ? -2.778  -15.228 -9.194  1.00 8.99  ? 78  PHE A CE1 1 
ATOM   270  C  CE2 . PHE A 1 60  ? -4.109  -14.047 -10.803 1.00 6.93  ? 78  PHE A CE2 1 
ATOM   271  C  CZ  . PHE A 1 60  ? -3.816  -15.213 -10.119 1.00 10.19 ? 78  PHE A CZ  1 
ATOM   272  N  N   . SER A 1 61  ? -1.962  -8.655  -7.174  1.00 8.45  ? 79  SER A N   1 
ATOM   273  C  CA  . SER A 1 61  ? -1.405  -7.314  -6.974  1.00 11.36 ? 79  SER A CA  1 
ATOM   274  C  C   . SER A 1 61  ? -1.383  -6.877  -5.515  1.00 11.20 ? 79  SER A C   1 
ATOM   275  O  O   . SER A 1 61  ? -1.237  -5.687  -5.227  1.00 11.37 ? 79  SER A O   1 
ATOM   276  C  CB  . SER A 1 61  ? -2.188  -6.310  -7.823  1.00 14.61 ? 79  SER A CB  1 
ATOM   277  O  OG  . SER A 1 61  ? -3.514  -6.194  -7.358  1.00 16.57 ? 79  SER A OG  1 
ATOM   278  N  N   . GLU A 1 62  ? -1.523  -7.826  -4.590  1.00 8.97  ? 80  GLU A N   1 
ATOM   279  C  CA  . GLU A 1 62  ? -1.615  -7.483  -3.180  1.00 11.51 ? 80  GLU A CA  1 
ATOM   280  C  C   . GLU A 1 62  ? -0.337  -6.834  -2.635  1.00 10.93 ? 80  GLU A C   1 
ATOM   281  O  O   . GLU A 1 62  ? -0.386  -6.182  -1.595  1.00 9.65  ? 80  GLU A O   1 
ATOM   282  C  CB  . GLU A 1 62  ? -2.052  -8.689  -2.307  1.00 8.28  ? 80  GLU A CB  1 
ATOM   283  C  CG  . GLU A 1 62  ? -0.999  -9.723  -1.977  1.00 10.74 ? 80  GLU A CG  1 
ATOM   284  C  CD  . GLU A 1 62  ? -0.661  -10.676 -3.105  1.00 17.75 ? 80  GLU A CD  1 
ATOM   285  O  OE1 . GLU A 1 62  ? -1.310  -10.692 -4.171  1.00 10.78 ? 80  GLU A OE1 1 
ATOM   286  O  OE2 . GLU A 1 62  ? 0.273   -11.465 -2.895  1.00 12.16 ? 80  GLU A OE2 1 
ATOM   287  N  N   . GLU A 1 63  ? 0.797   -7.028  -3.325  1.00 8.44  ? 81  GLU A N   1 
ATOM   288  C  CA  . GLU A 1 63  ? 2.049   -6.328  -2.948  1.00 9.21  ? 81  GLU A CA  1 
ATOM   289  C  C   . GLU A 1 63  ? 1.839   -4.802  -2.844  1.00 8.58  ? 81  GLU A C   1 
ATOM   290  O  O   . GLU A 1 63  ? 2.475   -4.144  -2.025  1.00 8.70  ? 81  GLU A O   1 
ATOM   291  C  CB  . GLU A 1 63  ? 3.199   -6.671  -3.894  1.00 12.92 ? 81  GLU A CB  1 
ATOM   292  C  CG  . GLU A 1 63  ? 3.021   -6.329  -5.381  1.00 17.46 ? 81  GLU A CG  1 
ATOM   293  C  CD  . GLU A 1 63  ? 2.406   -7.475  -6.219  1.00 23.70 ? 81  GLU A CD  1 
ATOM   294  O  OE1 . GLU A 1 63  ? 1.643   -8.324  -5.696  1.00 13.94 ? 81  GLU A OE1 1 
ATOM   295  O  OE2 . GLU A 1 63  ? 2.677   -7.516  -7.438  1.00 26.47 ? 81  GLU A OE2 1 
ATOM   296  N  N   . ASN A 1 64  ? 0.967   -4.244  -3.690  1.00 8.98  ? 82  ASN A N   1 
ATOM   297  C  CA  . ASN A 1 64  ? 0.698   -2.803  -3.623  1.00 13.83 ? 82  ASN A CA  1 
ATOM   298  C  C   . ASN A 1 64  ? 0.178   -2.416  -2.238  1.00 11.13 ? 82  ASN A C   1 
ATOM   299  O  O   . ASN A 1 64  ? 0.611   -1.424  -1.653  1.00 10.15 ? 82  ASN A O   1 
ATOM   300  C  CB  . ASN A 1 64  ? -0.307  -2.392  -4.694  1.00 12.51 ? 82  ASN A CB  1 
ATOM   301  C  CG  . ASN A 1 64  ? 0.256   -2.493  -6.099  1.00 12.45 ? 82  ASN A CG  1 
ATOM   302  O  OD1 . ASN A 1 64  ? 1.464   -2.460  -6.291  1.00 11.60 ? 82  ASN A OD1 1 
ATOM   303  N  ND2 . ASN A 1 64  ? -0.627  -2.586  -7.096  1.00 15.21 ? 82  ASN A ND2 1 
ATOM   304  N  N   . LEU A 1 65  ? -0.745  -3.215  -1.714  1.00 9.87  ? 83  LEU A N   1 
ATOM   305  C  CA  . LEU A 1 65  ? -1.351  -2.933  -0.416  1.00 10.53 ? 83  LEU A CA  1 
ATOM   306  C  C   . LEU A 1 65  ? -0.396  -3.281  0.720   1.00 10.24 ? 83  LEU A C   1 
ATOM   307  O  O   . LEU A 1 65  ? -0.313  -2.565  1.717   1.00 9.56  ? 83  LEU A O   1 
ATOM   308  C  CB  . LEU A 1 65  ? -2.668  -3.703  -0.270  1.00 7.80  ? 83  LEU A CB  1 
ATOM   309  C  CG  . LEU A 1 65  ? -3.406  -3.520  1.045   1.00 10.01 ? 83  LEU A CG  1 
ATOM   310  C  CD1 . LEU A 1 65  ? -3.897  -2.070  1.204   1.00 8.55  ? 83  LEU A CD1 1 
ATOM   311  C  CD2 . LEU A 1 65  ? -4.556  -4.543  1.103   1.00 10.65 ? 83  LEU A CD2 1 
ATOM   312  N  N   . GLU A 1 66  ? 0.318   -4.398  0.579   1.00 8.22  ? 84  GLU A N   1 
ATOM   313  C  CA  . GLU A 1 66  ? 1.348   -4.775  1.563   1.00 6.72  ? 84  GLU A CA  1 
ATOM   314  C  C   . GLU A 1 66  ? 2.397   -3.664  1.727   1.00 5.90  ? 84  GLU A C   1 
ATOM   315  O  O   . GLU A 1 66  ? 2.768   -3.294  2.863   1.00 8.58  ? 84  GLU A O   1 
ATOM   316  C  CB  . GLU A 1 66  ? 1.965   -6.130  1.189   1.00 8.54  ? 84  GLU A CB  1 
ATOM   317  C  CG  . GLU A 1 66  ? 0.941   -7.290  1.257   1.00 9.53  ? 84  GLU A CG  1 
ATOM   318  C  CD  . GLU A 1 66  ? 1.450   -8.617  0.683   1.00 15.40 ? 84  GLU A CD  1 
ATOM   319  O  OE1 . GLU A 1 66  ? 2.404   -8.599  -0.125  1.00 11.55 ? 84  GLU A OE1 1 
ATOM   320  O  OE2 . GLU A 1 66  ? 0.862   -9.683  1.020   1.00 13.74 ? 84  GLU A OE2 1 
ATOM   321  N  N   . PHE A 1 67  ? 2.845   -3.100  0.612   1.00 7.08  ? 85  PHE A N   1 
ATOM   322  C  CA  . PHE A 1 67  ? 3.798   -2.000  0.653   1.00 8.72  ? 85  PHE A CA  1 
ATOM   323  C  C   . PHE A 1 67  ? 3.169   -0.764  1.303   1.00 9.60  ? 85  PHE A C   1 
ATOM   324  O  O   . PHE A 1 67  ? 3.778   -0.115  2.158   1.00 9.74  ? 85  PHE A O   1 
ATOM   325  C  CB  . PHE A 1 67  ? 4.271   -1.641  -0.757  1.00 10.22 ? 85  PHE A CB  1 
ATOM   326  C  CG  . PHE A 1 67  ? 5.172   -0.442  -0.805  1.00 10.86 ? 85  PHE A CG  1 
ATOM   327  C  CD1 . PHE A 1 67  ? 6.324   -0.386  -0.038  1.00 10.68 ? 85  PHE A CD1 1 
ATOM   328  C  CD2 . PHE A 1 67  ? 4.878   0.642   -1.639  1.00 8.59  ? 85  PHE A CD2 1 
ATOM   329  C  CE1 . PHE A 1 67  ? 7.162   0.738   -0.089  1.00 13.64 ? 85  PHE A CE1 1 
ATOM   330  C  CE2 . PHE A 1 67  ? 5.725   1.767   -1.693  1.00 11.30 ? 85  PHE A CE2 1 
ATOM   331  C  CZ  . PHE A 1 67  ? 6.843   1.820   -0.906  1.00 9.88  ? 85  PHE A CZ  1 
ATOM   332  N  N   . TRP A 1 68  ? 1.957   -0.425  0.885   1.00 8.35  ? 86  TRP A N   1 
ATOM   333  C  CA  . TRP A 1 68  ? 1.289   0.757   1.448   1.00 8.73  ? 86  TRP A CA  1 
ATOM   334  C  C   . TRP A 1 68  ? 1.155   0.656   2.981   1.00 10.04 ? 86  TRP A C   1 
ATOM   335  O  O   . TRP A 1 68  ? 1.455   1.624   3.715   1.00 8.47  ? 86  TRP A O   1 
ATOM   336  C  CB  . TRP A 1 68  ? -0.066  0.986   0.765   1.00 6.74  ? 86  TRP A CB  1 
ATOM   337  C  CG  . TRP A 1 68  ? -0.686  2.286   1.120   1.00 7.59  ? 86  TRP A CG  1 
ATOM   338  C  CD1 . TRP A 1 68  ? -0.484  3.472   0.488   1.00 11.53 ? 86  TRP A CD1 1 
ATOM   339  C  CD2 . TRP A 1 68  ? -1.566  2.566   2.226   1.00 11.34 ? 86  TRP A CD2 1 
ATOM   340  N  NE1 . TRP A 1 68  ? -1.190  4.467   1.105   1.00 12.06 ? 86  TRP A NE1 1 
ATOM   341  C  CE2 . TRP A 1 68  ? -1.868  3.940   2.173   1.00 12.58 ? 86  TRP A CE2 1 
ATOM   342  C  CE3 . TRP A 1 68  ? -2.149  1.779   3.234   1.00 11.44 ? 86  TRP A CE3 1 
ATOM   343  C  CZ2 . TRP A 1 68  ? -2.729  4.564   3.098   1.00 12.86 ? 86  TRP A CZ2 1 
ATOM   344  C  CZ3 . TRP A 1 68  ? -3.002  2.396   4.154   1.00 15.44 ? 86  TRP A CZ3 1 
ATOM   345  C  CH2 . TRP A 1 68  ? -3.274  3.773   4.084   1.00 12.92 ? 86  TRP A CH2 1 
ATOM   346  N  N   . LEU A 1 69  ? 0.726   -0.512  3.460   1.00 9.10  ? 87  LEU A N   1 
ATOM   347  C  CA  . LEU A 1 69  ? 0.559   -0.744  4.890   1.00 7.00  ? 87  LEU A CA  1 
ATOM   348  C  C   . LEU A 1 69  ? 1.896   -0.742  5.646   1.00 8.74  ? 87  LEU A C   1 
ATOM   349  O  O   . LEU A 1 69  ? 1.964   -0.243  6.793   1.00 10.61 ? 87  LEU A O   1 
ATOM   350  C  CB  . LEU A 1 69  ? -0.204  -2.039  5.123   1.00 7.37  ? 87  LEU A CB  1 
ATOM   351  C  CG  . LEU A 1 69  ? -1.651  -2.044  4.642   1.00 9.24  ? 87  LEU A CG  1 
ATOM   352  C  CD1 . LEU A 1 69  ? -2.145  -3.495  4.595   1.00 12.22 ? 87  LEU A CD1 1 
ATOM   353  C  CD2 . LEU A 1 69  ? -2.568  -1.166  5.520   1.00 13.79 ? 87  LEU A CD2 1 
ATOM   354  N  N   . ALA A 1 70  ? 2.927   -1.320  5.028   1.00 8.45  ? 88  ALA A N   1 
ATOM   355  C  CA  . ALA A 1 70  ? 4.278   -1.273  5.606   1.00 11.12 ? 88  ALA A CA  1 
ATOM   356  C  C   . ALA A 1 70  ? 4.747   0.174   5.793   1.00 8.07  ? 88  ALA A C   1 
ATOM   357  O  O   . ALA A 1 70  ? 5.373   0.516   6.815   1.00 5.88  ? 88  ALA A O   1 
ATOM   358  C  CB  . ALA A 1 70  ? 5.251   -2.033  4.741   1.00 8.03  ? 88  ALA A CB  1 
ATOM   359  N  N   . CYS A 1 71  ? 4.456   1.030   4.814   1.00 4.89  ? 89  CYS A N   1 
ATOM   360  C  CA  . CYS A 1 71  ? 4.810   2.452   4.922   1.00 3.89  ? 89  CYS A CA  1 
ATOM   361  C  C   . CYS A 1 71  ? 4.054   3.123   6.061   1.00 4.66  ? 89  CYS A C   1 
ATOM   362  O  O   . CYS A 1 71  ? 4.607   3.936   6.784   1.00 6.48  ? 89  CYS A O   1 
ATOM   363  C  CB  . CYS A 1 71  ? 4.564   3.189   3.606   1.00 8.45  ? 89  CYS A CB  1 
ATOM   364  S  SG  . CYS A 1 71  ? 5.660   2.687   2.257   1.00 8.56  ? 89  CYS A SG  1 
ATOM   365  N  N   . GLU A 1 72  ? 2.789   2.754   6.232   1.00 4.71  ? 90  GLU A N   1 
ATOM   366  C  CA  . GLU A 1 72  ? 1.998   3.320   7.319   1.00 8.82  ? 90  GLU A CA  1 
ATOM   367  C  C   . GLU A 1 72  ? 2.604   2.938   8.671   1.00 9.48  ? 90  GLU A C   1 
ATOM   368  O  O   . GLU A 1 72  ? 2.714   3.779   9.575   1.00 13.16 ? 90  GLU A O   1 
ATOM   369  C  CB  . GLU A 1 72  ? 0.544   2.860   7.215   1.00 7.77  ? 90  GLU A CB  1 
ATOM   370  C  CG  . GLU A 1 72  ? -0.215  3.525   6.076   1.00 11.18 ? 90  GLU A CG  1 
ATOM   371  C  CD  . GLU A 1 72  ? -0.341  5.030   6.251   1.00 15.92 ? 90  GLU A CD  1 
ATOM   372  O  OE1 . GLU A 1 72  ? -1.167  5.473   7.079   1.00 15.56 ? 90  GLU A OE1 1 
ATOM   373  O  OE2 . GLU A 1 72  ? 0.383   5.774   5.562   1.00 10.51 ? 90  GLU A OE2 1 
ATOM   374  N  N   . GLU A 1 73  ? 3.027   1.683   8.799   1.00 6.34  ? 91  GLU A N   1 
ATOM   375  C  CA  . GLU A 1 73  ? 3.673   1.205   10.026  1.00 8.50  ? 91  GLU A CA  1 
ATOM   376  C  C   . GLU A 1 73  ? 5.016   1.900   10.218  1.00 6.03  ? 91  GLU A C   1 
ATOM   377  O  O   . GLU A 1 73  ? 5.363   2.309   11.343  1.00 9.25  ? 91  GLU A O   1 
ATOM   378  C  CB  . GLU A 1 73  ? 3.891   -0.297  9.978   1.00 11.56 ? 91  GLU A CB  1 
ATOM   379  C  CG  . GLU A 1 73  ? 4.365   -0.895  11.300  1.00 25.94 ? 91  GLU A CG  1 
ATOM   380  N  N   . PHE A 1 74  ? 5.760   2.052   9.119   1.00 6.72  ? 92  PHE A N   1 
ATOM   381  C  CA  . PHE A 1 74  ? 7.056   2.739   9.158   1.00 5.36  ? 92  PHE A CA  1 
ATOM   382  C  C   . PHE A 1 74  ? 6.946   4.140   9.763   1.00 7.61  ? 92  PHE A C   1 
ATOM   383  O  O   . PHE A 1 74  ? 7.817   4.560   10.543  1.00 7.89  ? 92  PHE A O   1 
ATOM   384  C  CB  . PHE A 1 74  ? 7.646   2.823   7.743   1.00 4.99  ? 92  PHE A CB  1 
ATOM   385  C  CG  . PHE A 1 74  ? 8.942   3.574   7.670   1.00 2.45  ? 92  PHE A CG  1 
ATOM   386  C  CD1 . PHE A 1 74  ? 10.103  3.048   8.213   1.00 3.95  ? 92  PHE A CD1 1 
ATOM   387  C  CD2 . PHE A 1 74  ? 8.999   4.814   7.051   1.00 5.69  ? 92  PHE A CD2 1 
ATOM   388  C  CE1 . PHE A 1 74  ? 11.303  3.748   8.116   1.00 6.32  ? 92  PHE A CE1 1 
ATOM   389  C  CE2 . PHE A 1 74  ? 10.195  5.531   6.957   1.00 5.14  ? 92  PHE A CE2 1 
ATOM   390  C  CZ  . PHE A 1 74  ? 11.341  5.000   7.508   1.00 4.89  ? 92  PHE A CZ  1 
ATOM   391  N  N   . LYS A 1 75  ? 5.877   4.862   9.416   1.00 3.84  ? 93  LYS A N   1 
ATOM   392  C  CA  . LYS A 1 75  ? 5.661   6.230   9.882   1.00 7.89  ? 93  LYS A CA  1 
ATOM   393  C  C   . LYS A 1 75  ? 5.412   6.366   11.393  1.00 3.71  ? 93  LYS A C   1 
ATOM   394  O  O   . LYS A 1 75  ? 5.506   7.468   11.933  1.00 5.22  ? 93  LYS A O   1 
ATOM   395  C  CB  . LYS A 1 75  ? 4.523   6.889   9.086   1.00 9.15  ? 93  LYS A CB  1 
ATOM   396  C  CG  . LYS A 1 75  ? 4.926   7.225   7.658   1.00 17.76 ? 93  LYS A CG  1 
ATOM   397  C  CD  . LYS A 1 75  ? 3.888   8.085   6.941   1.00 23.76 ? 93  LYS A CD  1 
ATOM   398  C  CE  . LYS A 1 75  ? 2.712   7.288   6.447   1.00 29.50 ? 93  LYS A CE  1 
ATOM   399  N  NZ  . LYS A 1 75  ? 1.959   8.042   5.404   1.00 17.90 ? 93  LYS A NZ  1 
ATOM   400  N  N   . LYS A 1 76  ? 5.125   5.249   12.064  1.00 5.07  ? 94  LYS A N   1 
ATOM   401  C  CA  . LYS A 1 76  ? 4.962   5.220   13.501  1.00 6.12  ? 94  LYS A CA  1 
ATOM   402  C  C   . LYS A 1 76  ? 6.265   5.040   14.257  1.00 4.10  ? 94  LYS A C   1 
ATOM   403  O  O   . LYS A 1 76  ? 6.264   5.071   15.482  1.00 5.48  ? 94  LYS A O   1 
ATOM   404  C  CB  . LYS A 1 76  ? 3.977   4.127   13.910  1.00 13.44 ? 94  LYS A CB  1 
ATOM   405  C  CG  . LYS A 1 76  ? 2.549   4.431   13.480  1.00 17.90 ? 94  LYS A CG  1 
ATOM   406  C  CD  . LYS A 1 76  ? 1.660   3.216   13.623  1.00 22.68 ? 94  LYS A CD  1 
ATOM   407  C  CE  . LYS A 1 76  ? 0.284   3.484   13.040  1.00 33.26 ? 94  LYS A CE  1 
ATOM   408  N  NZ  . LYS A 1 76  ? -0.541  2.248   12.973  1.00 23.56 ? 94  LYS A NZ  1 
ATOM   409  N  N   . THR A 1 77  ? 7.376   4.909   13.538  1.00 2.03  ? 95  THR A N   1 
ATOM   410  C  CA  . THR A 1 77  ? 8.667   4.629   14.151  1.00 3.26  ? 95  THR A CA  1 
ATOM   411  C  C   . THR A 1 77  ? 9.198   5.841   14.912  1.00 3.72  ? 95  THR A C   1 
ATOM   412  O  O   . THR A 1 77  ? 9.149   6.961   14.414  1.00 3.67  ? 95  THR A O   1 
ATOM   413  C  CB  . THR A 1 77  ? 9.689   4.204   13.093  1.00 3.38  ? 95  THR A CB  1 
ATOM   414  O  OG1 . THR A 1 77  ? 9.175   3.078   12.354  1.00 8.09  ? 95  THR A OG1 1 
ATOM   415  C  CG2 . THR A 1 77  ? 11.041  3.860   13.737  1.00 6.10  ? 95  THR A CG2 1 
ATOM   416  N  N   . ARG A 1 78  ? 9.694   5.598   16.115  1.00 3.80  ? 96  ARG A N   1 
ATOM   417  C  CA  . ARG A 1 78  ? 10.216  6.653   16.982  1.00 2.00  ? 96  ARG A CA  1 
ATOM   418  C  C   . ARG A 1 78  ? 11.724  6.542   17.027  1.00 7.18  ? 96  ARG A C   1 
ATOM   419  O  O   . ARG A 1 78  ? 12.423  7.495   16.673  1.00 12.10 ? 96  ARG A O   1 
ATOM   420  C  CB  . ARG A 1 78  ? 9.558   6.575   18.367  1.00 5.70  ? 96  ARG A CB  1 
ATOM   421  C  CG  . ARG A 1 78  ? 8.012   6.567   18.261  1.00 16.97 ? 96  ARG A CG  1 
ATOM   422  C  CD  . ARG A 1 78  ? 7.301   6.307   19.586  1.00 26.94 ? 96  ARG A CD  1 
ATOM   423  N  NE  . ARG A 1 78  ? 7.626   4.994   20.146  1.00 40.64 ? 96  ARG A NE  1 
ATOM   424  C  CZ  . ARG A 1 78  ? 6.926   4.373   21.095  1.00 41.83 ? 96  ARG A CZ  1 
ATOM   425  N  NH1 . ARG A 1 78  ? 5.820   4.912   21.597  1.00 43.98 ? 96  ARG A NH1 1 
ATOM   426  N  NH2 . ARG A 1 78  ? 7.331   3.189   21.535  1.00 39.85 ? 96  ARG A NH2 1 
ATOM   427  N  N   . SER A 1 79  ? 12.214  5.364   17.409  1.00 4.55  ? 97  SER A N   1 
ATOM   428  C  CA  . SER A 1 79  ? 13.662  5.075   17.464  1.00 4.41  ? 97  SER A CA  1 
ATOM   429  C  C   . SER A 1 79  ? 14.361  5.284   16.131  1.00 5.46  ? 97  SER A C   1 
ATOM   430  O  O   . SER A 1 79  ? 13.953  4.717   15.111  1.00 4.53  ? 97  SER A O   1 
ATOM   431  C  CB  . SER A 1 79  ? 13.893  3.629   17.906  1.00 2.00  ? 97  SER A CB  1 
ATOM   432  O  OG  . SER A 1 79  ? 15.254  3.277   17.738  1.00 3.53  ? 97  SER A OG  1 
ATOM   433  N  N   . THR A 1 80  ? 15.435  6.067   16.139  1.00 3.10  ? 98  THR A N   1 
ATOM   434  C  CA  . THR A 1 80  ? 16.168  6.352   14.892  1.00 4.33  ? 98  THR A CA  1 
ATOM   435  C  C   . THR A 1 80  ? 16.953  5.116   14.386  1.00 4.68  ? 98  THR A C   1 
ATOM   436  O  O   . THR A 1 80  ? 17.074  4.892   13.185  1.00 7.49  ? 98  THR A O   1 
ATOM   437  C  CB  . THR A 1 80  ? 17.071  7.615   15.021  1.00 12.89 ? 98  THR A CB  1 
ATOM   438  O  OG1 . THR A 1 80  ? 18.104  7.384   15.971  1.00 18.98 ? 98  THR A OG1 1 
ATOM   439  C  CG2 . THR A 1 80  ? 16.251  8.806   15.461  1.00 10.45 ? 98  THR A CG2 1 
ATOM   440  N  N   . ALA A 1 81  ? 17.413  4.274   15.299  1.00 4.18  ? 99  ALA A N   1 
ATOM   441  C  CA  . ALA A 1 81  ? 18.062  3.010   14.909  1.00 2.84  ? 99  ALA A CA  1 
ATOM   442  C  C   . ALA A 1 81  ? 17.086  2.053   14.218  1.00 5.74  ? 99  ALA A C   1 
ATOM   443  O  O   . ALA A 1 81  ? 17.418  1.414   13.222  1.00 4.61  ? 99  ALA A O   1 
ATOM   444  C  CB  . ALA A 1 81  ? 18.682  2.332   16.147  1.00 4.97  ? 99  ALA A CB  1 
ATOM   445  N  N   . LYS A 1 82  ? 15.878  1.948   14.765  1.00 4.85  ? 100 LYS A N   1 
ATOM   446  C  CA  . LYS A 1 82  ? 14.829  1.111   14.174  1.00 3.40  ? 100 LYS A CA  1 
ATOM   447  C  C   . LYS A 1 82  ? 14.393  1.712   12.839  1.00 5.57  ? 100 LYS A C   1 
ATOM   448  O  O   . LYS A 1 82  ? 14.142  0.988   11.877  1.00 5.48  ? 100 LYS A O   1 
ATOM   449  C  CB  . LYS A 1 82  ? 13.645  0.993   15.131  1.00 3.03  ? 100 LYS A CB  1 
ATOM   450  C  CG  . LYS A 1 82  ? 12.459  0.201   14.604  1.00 7.19  ? 100 LYS A CG  1 
ATOM   451  C  CD  . LYS A 1 82  ? 11.318  0.234   15.608  1.00 9.95  ? 100 LYS A CD  1 
ATOM   452  C  CE  . LYS A 1 82  ? 10.040  -0.279  15.026  1.00 13.11 ? 100 LYS A CE  1 
ATOM   453  N  NZ  . LYS A 1 82  ? 8.892   -0.122  15.975  1.00 14.35 ? 100 LYS A NZ  1 
ATOM   454  N  N   . LEU A 1 83  ? 14.283  3.034   12.788  1.00 4.67  ? 101 LEU A N   1 
ATOM   455  C  CA  . LEU A 1 83  ? 13.922  3.722   11.546  1.00 3.89  ? 101 LEU A CA  1 
ATOM   456  C  C   . LEU A 1 83  ? 14.853  3.288   10.394  1.00 4.74  ? 101 LEU A C   1 
ATOM   457  O  O   . LEU A 1 83  ? 14.392  2.909   9.319   1.00 5.84  ? 101 LEU A O   1 
ATOM   458  C  CB  . LEU A 1 83  ? 13.959  5.237   11.752  1.00 4.43  ? 101 LEU A CB  1 
ATOM   459  C  CG  . LEU A 1 83  ? 13.434  6.109   10.607  1.00 5.31  ? 101 LEU A CG  1 
ATOM   460  C  CD1 . LEU A 1 83  ? 13.342  7.523   11.088  1.00 5.45  ? 101 LEU A CD1 1 
ATOM   461  C  CD2 . LEU A 1 83  ? 14.344  6.054   9.373   1.00 11.95 ? 101 LEU A CD2 1 
ATOM   462  N  N   . VAL A 1 84  ? 16.161  3.318   10.648  1.00 3.97  ? 102 VAL A N   1 
ATOM   463  C  CA  . VAL A 1 84  ? 17.143  2.948   9.629   1.00 5.11  ? 102 VAL A CA  1 
ATOM   464  C  C   . VAL A 1 84  ? 17.012  1.479   9.208   1.00 6.57  ? 102 VAL A C   1 
ATOM   465  O  O   . VAL A 1 84  ? 16.911  1.163   8.017   1.00 5.62  ? 102 VAL A O   1 
ATOM   466  C  CB  . VAL A 1 84  ? 18.566  3.257   10.101  1.00 7.98  ? 102 VAL A CB  1 
ATOM   467  C  CG1 . VAL A 1 84  ? 19.583  2.714   9.107   1.00 6.92  ? 102 VAL A CG1 1 
ATOM   468  C  CG2 . VAL A 1 84  ? 18.734  4.784   10.313  1.00 10.35 ? 102 VAL A CG2 1 
ATOM   469  N  N   . SER A 1 85  ? 16.971  0.566   10.172  1.00 4.22  ? 103 SER A N   1 
ATOM   470  C  CA  . SER A 1 85  ? 16.896  -0.863  9.806   1.00 6.06  ? 103 SER A CA  1 
ATOM   471  C  C   . SER A 1 85  ? 15.573  -1.171  9.076   1.00 5.59  ? 103 SER A C   1 
ATOM   472  O  O   . SER A 1 85  ? 15.550  -1.891  8.061   1.00 5.66  ? 103 SER A O   1 
ATOM   473  C  CB  . SER A 1 85  ? 17.113  -1.754  11.030  1.00 11.59 ? 103 SER A CB  1 
ATOM   474  O  OG  . SER A 1 85  ? 16.100  -1.581  11.992  1.00 12.49 ? 103 SER A OG  1 
ATOM   475  N  N   . LYS A 1 86  ? 14.470  -0.609  9.565   1.00 4.89  ? 104 LYS A N   1 
ATOM   476  C  CA  A LYS A 1 86  ? 13.157  -0.881  8.953   0.50 3.92  ? 104 LYS A CA  1 
ATOM   477  C  CA  B LYS A 1 86  ? 13.154  -0.857  8.967   0.50 6.91  ? 104 LYS A CA  1 
ATOM   478  C  C   . LYS A 1 86  ? 13.078  -0.285  7.545   1.00 6.17  ? 104 LYS A C   1 
ATOM   479  O  O   . LYS A 1 86  ? 12.498  -0.899  6.650   1.00 5.22  ? 104 LYS A O   1 
ATOM   480  C  CB  A LYS A 1 86  ? 12.001  -0.390  9.836   0.50 6.41  ? 104 LYS A CB  1 
ATOM   481  C  CB  B LYS A 1 86  ? 12.057  -0.276  9.865   0.50 9.41  ? 104 LYS A CB  1 
ATOM   482  C  CG  A LYS A 1 86  ? 10.648  -0.970  9.407   0.50 5.90  ? 104 LYS A CG  1 
ATOM   483  C  CG  B LYS A 1 86  ? 10.658  -0.710  9.487   0.50 12.70 ? 104 LYS A CG  1 
ATOM   484  C  CD  A LYS A 1 86  ? 9.490   -0.599  10.340  0.50 9.68  ? 104 LYS A CD  1 
ATOM   485  C  CD  B LYS A 1 86  ? 9.718   -0.658  10.679  0.50 20.10 ? 104 LYS A CD  1 
ATOM   486  C  CE  A LYS A 1 86  ? 9.644   -1.156  11.763  0.50 9.68  ? 104 LYS A CE  1 
ATOM   487  C  CE  B LYS A 1 86  ? 8.338   -1.096  10.275  0.50 18.66 ? 104 LYS A CE  1 
ATOM   488  N  NZ  A LYS A 1 86  ? 9.773   -2.634  11.849  0.50 7.88  ? 104 LYS A NZ  1 
ATOM   489  N  NZ  B LYS A 1 86  ? 7.332   -0.929  11.349  0.50 16.85 ? 104 LYS A NZ  1 
ATOM   490  N  N   . ALA A 1 87  ? 13.670  0.894   7.338   1.00 2.93  ? 105 ALA A N   1 
ATOM   491  C  CA  . ALA A 1 87  ? 13.698  1.520   6.002   1.00 2.00  ? 105 ALA A CA  1 
ATOM   492  C  C   . ALA A 1 87  ? 14.413  0.592   5.000   1.00 5.46  ? 105 ALA A C   1 
ATOM   493  O  O   . ALA A 1 87  ? 13.918  0.340   3.899   1.00 6.11  ? 105 ALA A O   1 
ATOM   494  C  CB  . ALA A 1 87  ? 14.327  2.887   6.032   1.00 5.03  ? 105 ALA A CB  1 
ATOM   495  N  N   . HIS A 1 88  ? 15.559  0.046   5.397   1.00 6.20  ? 106 HIS A N   1 
ATOM   496  C  CA  . HIS A 1 88  ? 16.273  -0.875  4.506   1.00 4.43  ? 106 HIS A CA  1 
ATOM   497  C  C   . HIS A 1 88  ? 15.485  -2.149  4.212   1.00 3.23  ? 106 HIS A C   1 
ATOM   498  O  O   . HIS A 1 88  ? 15.520  -2.626  3.093   1.00 6.79  ? 106 HIS A O   1 
ATOM   499  C  CB  . HIS A 1 88  ? 17.649  -1.185  5.045   1.00 4.62  ? 106 HIS A CB  1 
ATOM   500  C  CG  . HIS A 1 88  ? 18.615  -0.064  4.830   1.00 5.25  ? 106 HIS A CG  1 
ATOM   501  N  ND1 . HIS A 1 88  ? 19.266  0.125   3.630   1.00 10.23 ? 106 HIS A ND1 1 
ATOM   502  C  CD2 . HIS A 1 88  ? 19.006  0.947   5.639   1.00 9.04  ? 106 HIS A CD2 1 
ATOM   503  C  CE1 . HIS A 1 88  ? 20.048  1.188   3.724   1.00 17.72 ? 106 HIS A CE1 1 
ATOM   504  N  NE2 . HIS A 1 88  ? 19.911  1.705   4.933   1.00 13.59 ? 106 HIS A NE2 1 
ATOM   505  N  N   . ARG A 1 89  ? 14.774  -2.689  5.200   1.00 3.02  ? 107 ARG A N   1 
ATOM   506  C  CA  . ARG A 1 89  ? 14.003  -3.914  4.983   1.00 2.14  ? 107 ARG A CA  1 
ATOM   507  C  C   . ARG A 1 89  ? 12.857  -3.690  3.998   1.00 2.00  ? 107 ARG A C   1 
ATOM   508  O  O   . ARG A 1 89  ? 12.644  -4.497  3.075   1.00 4.11  ? 107 ARG A O   1 
ATOM   509  C  CB  . ARG A 1 89  ? 13.483  -4.441  6.314   1.00 6.20  ? 107 ARG A CB  1 
ATOM   510  C  CG  . ARG A 1 89  ? 14.620  -5.035  7.122   1.00 7.91  ? 107 ARG A CG  1 
ATOM   511  C  CD  . ARG A 1 89  ? 14.170  -5.723  8.350   1.00 16.50 ? 107 ARG A CD  1 
ATOM   512  N  NE  . ARG A 1 89  ? 13.058  -6.650  8.140   1.00 20.47 ? 107 ARG A NE  1 
ATOM   513  C  CZ  . ARG A 1 89  ? 12.392  -7.193  9.155   1.00 19.58 ? 107 ARG A CZ  1 
ATOM   514  N  NH1 . ARG A 1 89  ? 12.786  -6.910  10.386  1.00 14.82 ? 107 ARG A NH1 1 
ATOM   515  N  NH2 . ARG A 1 89  ? 11.357  -8.008  8.947   1.00 9.49  ? 107 ARG A NH2 1 
ATOM   516  N  N   . ILE A 1 90  ? 12.150  -2.582  4.183   1.00 6.56  ? 108 ILE A N   1 
ATOM   517  C  CA  . ILE A 1 90  ? 10.996  -2.246  3.341   1.00 6.18  ? 108 ILE A CA  1 
ATOM   518  C  C   . ILE A 1 90  ? 11.484  -1.945  1.929   1.00 4.35  ? 108 ILE A C   1 
ATOM   519  O  O   . ILE A 1 90  ? 10.926  -2.469  0.964   1.00 5.20  ? 108 ILE A O   1 
ATOM   520  C  CB  . ILE A 1 90  ? 10.182  -1.046  3.932   1.00 4.53  ? 108 ILE A CB  1 
ATOM   521  C  CG1 . ILE A 1 90  ? 9.499   -1.431  5.239   1.00 5.42  ? 108 ILE A CG1 1 
ATOM   522  C  CG2 . ILE A 1 90  ? 9.149   -0.525  2.921   1.00 7.94  ? 108 ILE A CG2 1 
ATOM   523  C  CD1 . ILE A 1 90  ? 8.864   -0.236  5.929   1.00 6.87  ? 108 ILE A CD1 1 
ATOM   524  N  N   . PHE A 1 91  ? 12.540  -1.149  1.799   1.00 3.02  ? 109 PHE A N   1 
ATOM   525  C  CA  . PHE A 1 91  ? 13.134  -0.860  0.484   1.00 3.71  ? 109 PHE A CA  1 
ATOM   526  C  C   . PHE A 1 91  ? 13.525  -2.143  -0.253  1.00 5.58  ? 109 PHE A C   1 
ATOM   527  O  O   . PHE A 1 91  ? 13.213  -2.312  -1.444  1.00 4.22  ? 109 PHE A O   1 
ATOM   528  C  CB  . PHE A 1 91  ? 14.344  0.053   0.625   1.00 3.62  ? 109 PHE A CB  1 
ATOM   529  C  CG  . PHE A 1 91  ? 14.967  0.446   -0.689  1.00 5.82  ? 109 PHE A CG  1 
ATOM   530  C  CD1 . PHE A 1 91  ? 14.418  1.476   -1.451  1.00 8.84  ? 109 PHE A CD1 1 
ATOM   531  C  CD2 . PHE A 1 91  ? 16.091  -0.210  -1.161  1.00 9.54  ? 109 PHE A CD2 1 
ATOM   532  C  CE1 . PHE A 1 91  ? 14.992  1.846   -2.685  1.00 13.46 ? 109 PHE A CE1 1 
ATOM   533  C  CE2 . PHE A 1 91  ? 16.661  0.156   -2.373  1.00 13.00 ? 109 PHE A CE2 1 
ATOM   534  C  CZ  . PHE A 1 91  ? 16.110  1.189   -3.131  1.00 8.06  ? 109 PHE A CZ  1 
ATOM   535  N  N   . GLU A 1 92  ? 14.201  -3.047  0.455   1.00 4.45  ? 110 GLU A N   1 
ATOM   536  C  CA  . GLU A 1 92  ? 14.689  -4.297  -0.154  1.00 3.92  ? 110 GLU A CA  1 
ATOM   537  C  C   . GLU A 1 92  ? 13.550  -5.239  -0.557  1.00 4.32  ? 110 GLU A C   1 
ATOM   538  O  O   . GLU A 1 92  ? 13.639  -5.954  -1.565  1.00 4.38  ? 110 GLU A O   1 
ATOM   539  C  CB  . GLU A 1 92  ? 15.675  -4.986  0.778   1.00 6.31  ? 110 GLU A CB  1 
ATOM   540  C  CG  . GLU A 1 92  ? 16.985  -4.185  0.874   1.00 6.12  ? 110 GLU A CG  1 
ATOM   541  C  CD  . GLU A 1 92  ? 18.080  -4.867  1.666   1.00 23.50 ? 110 GLU A CD  1 
ATOM   542  O  OE1 . GLU A 1 92  ? 17.982  -6.081  1.940   1.00 17.35 ? 110 GLU A OE1 1 
ATOM   543  O  OE2 . GLU A 1 92  ? 19.063  -4.173  1.995   1.00 25.00 ? 110 GLU A OE2 1 
ATOM   544  N  N   . GLU A 1 93  ? 12.457  -5.198  0.186   1.00 3.55  ? 111 GLU A N   1 
ATOM   545  C  CA  . GLU A 1 93  ? 11.337  -6.105  -0.072  1.00 4.87  ? 111 GLU A CA  1 
ATOM   546  C  C   . GLU A 1 93  ? 10.451  -5.649  -1.239  1.00 6.36  ? 111 GLU A C   1 
ATOM   547  O  O   . GLU A 1 93  ? 9.928   -6.495  -1.987  1.00 6.14  ? 111 GLU A O   1 
ATOM   548  C  CB  . GLU A 1 93  ? 10.514  -6.278  1.204   1.00 6.56  ? 111 GLU A CB  1 
ATOM   549  C  CG  . GLU A 1 93  ? 9.417   -7.331  1.110   1.00 6.35  ? 111 GLU A CG  1 
ATOM   550  C  CD  . GLU A 1 93  ? 9.922   -8.774  0.849   1.00 15.24 ? 111 GLU A CD  1 
ATOM   551  O  OE1 . GLU A 1 93  ? 11.128  -9.059  1.009   1.00 16.03 ? 111 GLU A OE1 1 
ATOM   552  O  OE2 . GLU A 1 93  ? 9.097   -9.639  0.493   1.00 12.84 ? 111 GLU A OE2 1 
ATOM   553  N  N   . PHE A 1 94  ? 10.266  -4.331  -1.373  1.00 4.18  ? 112 PHE A N   1 
ATOM   554  C  CA  . PHE A 1 94  ? 9.255   -3.800  -2.291  1.00 2.00  ? 112 PHE A CA  1 
ATOM   555  C  C   . PHE A 1 94  ? 9.779   -2.895  -3.403  1.00 6.85  ? 112 PHE A C   1 
ATOM   556  O  O   . PHE A 1 94  ? 9.112   -2.737  -4.430  1.00 5.79  ? 112 PHE A O   1 
ATOM   557  C  CB  . PHE A 1 94  ? 8.175   -3.024  -1.528  1.00 3.70  ? 112 PHE A CB  1 
ATOM   558  C  CG  . PHE A 1 94  ? 7.397   -3.828  -0.537  1.00 4.60  ? 112 PHE A CG  1 
ATOM   559  C  CD1 . PHE A 1 94  ? 6.407   -4.738  -0.934  1.00 4.81  ? 112 PHE A CD1 1 
ATOM   560  C  CD2 . PHE A 1 94  ? 7.602   -3.620  0.822   1.00 4.81  ? 112 PHE A CD2 1 
ATOM   561  C  CE1 . PHE A 1 94  ? 5.677   -5.434  0.017   1.00 5.24  ? 112 PHE A CE1 1 
ATOM   562  C  CE2 . PHE A 1 94  ? 6.880   -4.302  1.746   1.00 7.47  ? 112 PHE A CE2 1 
ATOM   563  C  CZ  . PHE A 1 94  ? 5.911   -5.188  1.362   1.00 7.74  ? 112 PHE A CZ  1 
ATOM   564  N  N   . VAL A 1 95  ? 10.923  -2.242  -3.186  1.00 4.86  ? 113 VAL A N   1 
ATOM   565  C  CA  . VAL A 1 95  ? 11.300  -1.127  -4.049  1.00 5.03  ? 113 VAL A CA  1 
ATOM   566  C  C   . VAL A 1 95  ? 12.545  -1.404  -4.880  1.00 5.35  ? 113 VAL A C   1 
ATOM   567  O  O   . VAL A 1 95  ? 12.609  -1.028  -6.047  1.00 5.57  ? 113 VAL A O   1 
ATOM   568  C  CB  . VAL A 1 95  ? 11.513  0.166   -3.240  1.00 4.29  ? 113 VAL A CB  1 
ATOM   569  C  CG1 . VAL A 1 95  ? 11.763  1.351   -4.166  1.00 4.97  ? 113 VAL A CG1 1 
ATOM   570  C  CG2 . VAL A 1 95  ? 10.273  0.451   -2.325  1.00 9.49  ? 113 VAL A CG2 1 
ATOM   571  N  N   . ASP A 1 96  ? 13.522  -2.078  -4.291  1.00 6.46  ? 114 ASP A N   1 
ATOM   572  C  CA  . ASP A 1 96  ? 14.811  -2.203  -4.934  1.00 10.52 ? 114 ASP A CA  1 
ATOM   573  C  C   . ASP A 1 96  ? 14.701  -3.140  -6.124  1.00 10.65 ? 114 ASP A C   1 
ATOM   574  O  O   . ASP A 1 96  ? 13.723  -3.888  -6.287  1.00 4.12  ? 114 ASP A O   1 
ATOM   575  C  CB  . ASP A 1 96  ? 15.864  -2.716  -3.940  1.00 13.30 ? 114 ASP A CB  1 
ATOM   576  C  CG  . ASP A 1 96  ? 17.301  -2.317  -4.323  1.00 17.36 ? 114 ASP A CG  1 
ATOM   577  O  OD1 . ASP A 1 96  ? 17.504  -1.618  -5.339  1.00 15.72 ? 114 ASP A OD1 1 
ATOM   578  O  OD2 . ASP A 1 96  ? 18.226  -2.692  -3.578  1.00 29.53 ? 114 ASP A OD2 1 
ATOM   579  N  N   . VAL A 1 97  ? 15.713  -3.042  -6.964  1.00 11.68 ? 115 VAL A N   1 
ATOM   580  C  CA  . VAL A 1 97  ? 15.993  -4.026  -7.964  1.00 11.12 ? 115 VAL A CA  1 
ATOM   581  C  C   . VAL A 1 97  ? 15.979  -5.391  -7.289  1.00 21.36 ? 115 VAL A C   1 
ATOM   582  O  O   . VAL A 1 97  ? 16.551  -5.598  -6.196  1.00 13.63 ? 115 VAL A O   1 
ATOM   583  C  CB  . VAL A 1 97  ? 17.357  -3.738  -8.631  1.00 3.79  ? 115 VAL A CB  1 
ATOM   584  C  CG1 . VAL A 1 97  ? 17.681  -4.784  -9.707  1.00 12.31 ? 115 VAL A CG1 1 
ATOM   585  C  CG2 . VAL A 1 97  ? 17.328  -2.325  -9.171  1.00 7.90  ? 115 VAL A CG2 1 
ATOM   586  N  N   . GLN A 1 98  ? 15.268  -6.306  -7.929  1.00 7.53  ? 116 GLN A N   1 
ATOM   587  C  CA  . GLN A 1 98  ? 15.156  -7.676  -7.443  1.00 7.52  ? 116 GLN A CA  1 
ATOM   588  C  C   . GLN A 1 98  ? 14.289  -7.869  -6.176  1.00 2.81  ? 116 GLN A C   1 
ATOM   589  O  O   . GLN A 1 98  ? 14.240  -8.969  -5.654  1.00 4.86  ? 116 GLN A O   1 
ATOM   590  C  CB  . GLN A 1 98  ? 16.547  -8.310  -7.307  1.00 14.39 ? 116 GLN A CB  1 
ATOM   591  C  CG  . GLN A 1 98  ? 17.217  -8.512  -8.650  1.00 13.09 ? 116 GLN A CG  1 
ATOM   592  C  CD  . GLN A 1 98  ? 16.457  -9.526  -9.504  1.00 10.25 ? 116 GLN A CD  1 
ATOM   593  O  OE1 . GLN A 1 98  ? 16.538  -10.730 -9.283  1.00 30.08 ? 116 GLN A OE1 1 
ATOM   594  N  NE2 . GLN A 1 98  ? 15.711  -9.040  -10.451 1.00 7.05  ? 116 GLN A NE2 1 
ATOM   595  N  N   . ALA A 1 99  ? 13.544  -6.840  -5.744  1.00 3.66  ? 117 ALA A N   1 
ATOM   596  C  CA  . ALA A 1 99  ? 12.612  -6.995  -4.637  1.00 4.83  ? 117 ALA A CA  1 
ATOM   597  C  C   . ALA A 1 99  ? 11.659  -8.178  -4.879  1.00 5.97  ? 117 ALA A C   1 
ATOM   598  O  O   . ALA A 1 99  ? 11.028  -8.266  -5.936  1.00 5.10  ? 117 ALA A O   1 
ATOM   599  C  CB  . ALA A 1 99  ? 11.793  -5.681  -4.418  1.00 5.11  ? 117 ALA A CB  1 
ATOM   600  N  N   . PRO A 1 100 ? 11.538  -9.085  -3.894  1.00 5.38  ? 118 PRO A N   1 
ATOM   601  C  CA  . PRO A 1 100 ? 10.628  -10.221 -4.049  1.00 4.77  ? 118 PRO A CA  1 
ATOM   602  C  C   . PRO A 1 100 ? 9.167   -9.816  -4.190  1.00 3.82  ? 118 PRO A C   1 
ATOM   603  O  O   . PRO A 1 100 ? 8.396   -10.520 -4.832  1.00 8.06  ? 118 PRO A O   1 
ATOM   604  C  CB  . PRO A 1 100 ? 10.839  -11.047 -2.771  1.00 9.99  ? 118 PRO A CB  1 
ATOM   605  C  CG  . PRO A 1 100 ? 12.003  -10.462 -2.090  1.00 18.51 ? 118 PRO A CG  1 
ATOM   606  C  CD  . PRO A 1 100 ? 12.255  -9.108  -2.610  1.00 10.87 ? 118 PRO A CD  1 
ATOM   607  N  N   . ARG A 1 101 ? 8.784   -8.687  -3.608  1.00 5.05  ? 119 ARG A N   1 
ATOM   608  C  CA  . ARG A 1 101 ? 7.427   -8.176  -3.712  1.00 5.48  ? 119 ARG A CA  1 
ATOM   609  C  C   . ARG A 1 101 ? 7.434   -6.798  -4.378  1.00 5.78  ? 119 ARG A C   1 
ATOM   610  O  O   . ARG A 1 101 ? 6.684   -5.872  -4.018  1.00 5.83  ? 119 ARG A O   1 
ATOM   611  C  CB  . ARG A 1 101 ? 6.756   -8.178  -2.346  1.00 6.79  ? 119 ARG A CB  1 
ATOM   612  C  CG  . ARG A 1 101 ? 6.440   -9.541  -1.838  1.00 7.05  ? 119 ARG A CG  1 
ATOM   613  C  CD  . ARG A 1 101 ? 5.580   -9.461  -0.580  1.00 6.95  ? 119 ARG A CD  1 
ATOM   614  N  NE  . ARG A 1 101 ? 6.369   -9.154  0.613   1.00 8.07  ? 119 ARG A NE  1 
ATOM   615  C  CZ  . ARG A 1 101 ? 5.868   -8.795  1.786   1.00 10.33 ? 119 ARG A CZ  1 
ATOM   616  N  NH1 . ARG A 1 101 ? 4.572   -8.579  1.930   1.00 6.43  ? 119 ARG A NH1 1 
ATOM   617  N  NH2 . ARG A 1 101 ? 6.685   -8.597  2.813   1.00 5.76  ? 119 ARG A NH2 1 
ATOM   618  N  N   . GLU A 1 102 ? 8.251   -6.703  -5.422  1.00 7.53  ? 120 GLU A N   1 
ATOM   619  C  CA  . GLU A 1 102 ? 8.440   -5.469  -6.161  1.00 8.41  ? 120 GLU A CA  1 
ATOM   620  C  C   . GLU A 1 102 ? 7.111   -4.838  -6.564  1.00 5.32  ? 120 GLU A C   1 
ATOM   621  O  O   . GLU A 1 102 ? 6.215   -5.514  -7.098  1.00 6.63  ? 120 GLU A O   1 
ATOM   622  C  CB  . GLU A 1 102 ? 9.254   -5.745  -7.403  1.00 6.97  ? 120 GLU A CB  1 
ATOM   623  C  CG  . GLU A 1 102 ? 9.681   -4.523  -8.201  1.00 13.68 ? 120 GLU A CG  1 
ATOM   624  C  CD  . GLU A 1 102 ? 10.469  -4.931  -9.422  1.00 21.74 ? 120 GLU A CD  1 
ATOM   625  O  OE1 . GLU A 1 102 ? 9.965   -5.780  -10.197 1.00 10.05 ? 120 GLU A OE1 1 
ATOM   626  O  OE2 . GLU A 1 102 ? 11.595  -4.416  -9.606  1.00 32.17 ? 120 GLU A OE2 1 
ATOM   627  N  N   . VAL A 1 103 ? 6.983   -3.548  -6.273  1.00 4.32  ? 121 VAL A N   1 
ATOM   628  C  CA  . VAL A 1 103 ? 5.836   -2.763  -6.718  1.00 2.33  ? 121 VAL A CA  1 
ATOM   629  C  C   . VAL A 1 103 ? 6.190   -2.039  -8.032  1.00 6.09  ? 121 VAL A C   1 
ATOM   630  O  O   . VAL A 1 103 ? 7.281   -1.502  -8.191  1.00 6.60  ? 121 VAL A O   1 
ATOM   631  C  CB  . VAL A 1 103 ? 5.301   -1.801  -5.616  1.00 6.28  ? 121 VAL A CB  1 
ATOM   632  C  CG1 . VAL A 1 103 ? 4.718   -2.601  -4.386  1.00 7.64  ? 121 VAL A CG1 1 
ATOM   633  C  CG2 . VAL A 1 103 ? 6.371   -0.795  -5.171  1.00 12.04 ? 121 VAL A CG2 1 
ATOM   634  N  N   . ASN A 1 104 ? 5.252   -2.038  -8.974  1.00 12.41 ? 122 ASN A N   1 
ATOM   635  C  CA  . ASN A 1 104 ? 5.479   -1.439  -10.289 1.00 8.25  ? 122 ASN A CA  1 
ATOM   636  C  C   . ASN A 1 104 ? 5.238   0.074   -10.324 1.00 6.55  ? 122 ASN A C   1 
ATOM   637  O  O   . ASN A 1 104 ? 4.359   0.560   -11.034 1.00 13.99 ? 122 ASN A O   1 
ATOM   638  C  CB  . ASN A 1 104 ? 4.656   -2.179  -11.349 1.00 11.43 ? 122 ASN A CB  1 
ATOM   639  C  CG  . ASN A 1 104 ? 5.220   -3.576  -11.632 1.00 19.54 ? 122 ASN A CG  1 
ATOM   640  O  OD1 . ASN A 1 104 ? 6.414   -3.802  -11.468 1.00 23.37 ? 122 ASN A OD1 1 
ATOM   641  N  ND2 . ASN A 1 104 ? 4.362   -4.510  -12.014 1.00 25.88 ? 122 ASN A ND2 1 
ATOM   642  N  N   . ILE A 1 105 ? 6.054   0.790   -9.555  1.00 6.42  ? 123 ILE A N   1 
ATOM   643  C  CA  . ILE A 1 105 ? 6.128   2.242   -9.567  1.00 10.95 ? 123 ILE A CA  1 
ATOM   644  C  C   . ILE A 1 105 ? 7.157   2.660   -10.612 1.00 6.04  ? 123 ILE A C   1 
ATOM   645  O  O   . ILE A 1 105 ? 7.993   1.851   -11.015 1.00 7.61  ? 123 ILE A O   1 
ATOM   646  C  CB  . ILE A 1 105 ? 6.512   2.832   -8.185  1.00 12.47 ? 123 ILE A CB  1 
ATOM   647  C  CG1 . ILE A 1 105 ? 7.907   2.389   -7.733  1.00 11.52 ? 123 ILE A CG1 1 
ATOM   648  C  CG2 . ILE A 1 105 ? 5.475   2.450   -7.136  1.00 20.49 ? 123 ILE A CG2 1 
ATOM   649  C  CD1 . ILE A 1 105 ? 8.370   3.081   -6.453  1.00 21.59 ? 123 ILE A CD1 1 
ATOM   650  N  N   . ASP A 1 106 ? 7.099   3.916   -11.048 1.00 6.19  ? 124 ASP A N   1 
ATOM   651  C  CA  . ASP A 1 106 ? 8.027   4.414   -12.057 1.00 12.34 ? 124 ASP A CA  1 
ATOM   652  C  C   . ASP A 1 106 ? 9.473   4.414   -11.552 1.00 6.97  ? 124 ASP A C   1 
ATOM   653  O  O   . ASP A 1 106 ? 9.731   4.518   -10.351 1.00 3.30  ? 124 ASP A O   1 
ATOM   654  C  CB  . ASP A 1 106 ? 7.638   5.818   -12.520 1.00 14.55 ? 124 ASP A CB  1 
ATOM   655  C  CG  . ASP A 1 106 ? 7.879   6.873   -11.456 1.00 11.25 ? 124 ASP A CG  1 
ATOM   656  O  OD1 . ASP A 1 106 ? 7.058   6.986   -10.524 1.00 23.01 ? 124 ASP A OD1 1 
ATOM   657  O  OD2 . ASP A 1 106 ? 8.889   7.599   -11.567 1.00 15.22 ? 124 ASP A OD2 1 
ATOM   658  N  N   . PHE A 1 107 ? 10.403  4.325   -12.493 1.00 9.14  ? 125 PHE A N   1 
ATOM   659  C  CA  . PHE A 1 107 ? 11.819  4.160   -12.193 1.00 5.08  ? 125 PHE A CA  1 
ATOM   660  C  C   . PHE A 1 107 ? 12.404  5.385   -11.481 1.00 16.23 ? 125 PHE A C   1 
ATOM   661  O  O   . PHE A 1 107 ? 13.222  5.251   -10.577 1.00 8.41  ? 125 PHE A O   1 
ATOM   662  C  CB  . PHE A 1 107 ? 12.598  3.837   -13.474 1.00 11.46 ? 125 PHE A CB  1 
ATOM   663  C  CG  . PHE A 1 107 ? 12.209  2.531   -14.088 1.00 18.97 ? 125 PHE A CG  1 
ATOM   664  C  CD1 . PHE A 1 107 ? 12.658  1.336   -13.541 1.00 20.18 ? 125 PHE A CD1 1 
ATOM   665  C  CD2 . PHE A 1 107 ? 11.375  2.483   -15.198 1.00 15.32 ? 125 PHE A CD2 1 
ATOM   666  C  CE1 . PHE A 1 107 ? 12.300  0.121   -14.101 1.00 24.48 ? 125 PHE A CE1 1 
ATOM   667  C  CE2 . PHE A 1 107 ? 11.017  1.271   -15.761 1.00 18.84 ? 125 PHE A CE2 1 
ATOM   668  C  CZ  . PHE A 1 107 ? 11.472  0.091   -15.208 1.00 24.94 ? 125 PHE A CZ  1 
ATOM   669  N  N   . GLN A 1 108 ? 11.973  6.580   -11.877 1.00 2.69  ? 126 GLN A N   1 
ATOM   670  C  CA  . GLN A 1 108 ? 12.427  7.798   -11.202 1.00 8.22  ? 126 GLN A CA  1 
ATOM   671  C  C   . GLN A 1 108 ? 12.034  7.835   -9.729  1.00 6.76  ? 126 GLN A C   1 
ATOM   672  O  O   . GLN A 1 108 ? 12.813  8.306   -8.906  1.00 2.51  ? 126 GLN A O   1 
ATOM   673  C  CB  . GLN A 1 108 ? 11.912  9.048   -11.924 1.00 7.58  ? 126 GLN A CB  1 
ATOM   674  C  CG  . GLN A 1 108 ? 12.571  9.283   -13.228 1.00 6.29  ? 126 GLN A CG  1 
ATOM   675  C  CD  . GLN A 1 108 ? 12.048  10.513  -13.939 1.00 5.75  ? 126 GLN A CD  1 
ATOM   676  O  OE1 . GLN A 1 108 ? 10.838  10.694  -14.073 1.00 10.65 ? 126 GLN A OE1 1 
ATOM   677  N  NE2 . GLN A 1 108 ? 12.964  11.354  -14.426 1.00 4.90  ? 126 GLN A NE2 1 
ATOM   678  N  N   . THR A 1 109 ? 10.839  7.352   -9.390  1.00 4.78  ? 127 THR A N   1 
ATOM   679  C  CA  . THR A 1 109 ? 10.410  7.303   -7.982  1.00 3.20  ? 127 THR A CA  1 
ATOM   680  C  C   . THR A 1 109 ? 11.234  6.283   -7.227  1.00 5.23  ? 127 THR A C   1 
ATOM   681  O  O   . THR A 1 109 ? 11.673  6.544   -6.118  1.00 6.36  ? 127 THR A O   1 
ATOM   682  C  CB  . THR A 1 109 ? 8.916   6.980   -7.875  1.00 7.01  ? 127 THR A CB  1 
ATOM   683  O  OG1 . THR A 1 109 ? 8.201   8.041   -8.509  1.00 8.51  ? 127 THR A OG1 1 
ATOM   684  C  CG2 . THR A 1 109 ? 8.446   6.833   -6.416  1.00 7.35  ? 127 THR A CG2 1 
ATOM   685  N  N   . ARG A 1 110 ? 11.499  5.142   -7.849  1.00 7.19  ? 128 ARG A N   1 
ATOM   686  C  CA  . ARG A 1 110 ? 12.393  4.179   -7.211  1.00 5.79  ? 128 ARG A CA  1 
ATOM   687  C  C   . ARG A 1 110 ? 13.764  4.793   -6.908  1.00 6.74  ? 128 ARG A C   1 
ATOM   688  O  O   . ARG A 1 110 ? 14.284  4.639   -5.814  1.00 4.85  ? 128 ARG A O   1 
ATOM   689  C  CB  . ARG A 1 110 ? 12.547  2.938   -8.063  1.00 11.32 ? 128 ARG A CB  1 
ATOM   690  C  CG  . ARG A 1 110 ? 13.407  1.894   -7.405  1.00 14.87 ? 128 ARG A CG  1 
ATOM   691  C  CD  . ARG A 1 110 ? 13.690  0.808   -8.368  1.00 16.74 ? 128 ARG A CD  1 
ATOM   692  N  NE  . ARG A 1 110 ? 14.499  1.319   -9.458  1.00 16.43 ? 128 ARG A NE  1 
ATOM   693  C  CZ  . ARG A 1 110 ? 14.826  0.629   -10.538 1.00 7.18  ? 128 ARG A CZ  1 
ATOM   694  N  NH1 . ARG A 1 110 ? 14.405  -0.621  -10.700 1.00 33.40 ? 128 ARG A NH1 1 
ATOM   695  N  NH2 . ARG A 1 110 ? 15.578  1.185   -11.444 1.00 11.08 ? 128 ARG A NH2 1 
ATOM   696  N  N   . GLU A 1 111 ? 14.352  5.511   -7.858  1.00 4.06  ? 129 GLU A N   1 
ATOM   697  C  CA  . GLU A 1 111 ? 15.674  6.065   -7.630  1.00 2.00  ? 129 GLU A CA  1 
ATOM   698  C  C   . GLU A 1 111 ? 15.652  7.225   -6.637  1.00 9.87  ? 129 GLU A C   1 
ATOM   699  O  O   . GLU A 1 111 ? 16.613  7.407   -5.888  1.00 9.07  ? 129 GLU A O   1 
ATOM   700  C  CB  . GLU A 1 111 ? 16.314  6.480   -8.955  1.00 10.76 ? 129 GLU A CB  1 
ATOM   701  C  CG  . GLU A 1 111 ? 16.569  5.297   -9.867  1.00 8.62  ? 129 GLU A CG  1 
ATOM   702  C  CD  . GLU A 1 111 ? 17.442  4.221   -9.231  1.00 18.93 ? 129 GLU A CD  1 
ATOM   703  O  OE1 . GLU A 1 111 ? 18.523  4.569   -8.711  1.00 13.78 ? 129 GLU A OE1 1 
ATOM   704  O  OE2 . GLU A 1 111 ? 17.053  3.027   -9.245  1.00 14.60 ? 129 GLU A OE2 1 
ATOM   705  N  N   . ALA A 1 112 ? 14.570  8.009   -6.633  1.00 3.55  ? 130 ALA A N   1 
ATOM   706  C  CA  . ALA A 1 112 ? 14.403  9.050   -5.611  1.00 8.52  ? 130 ALA A CA  1 
ATOM   707  C  C   . ALA A 1 112 ? 14.368  8.398   -4.239  1.00 11.57 ? 130 ALA A C   1 
ATOM   708  O  O   . ALA A 1 112 ? 14.966  8.907   -3.277  1.00 6.01  ? 130 ALA A O   1 
ATOM   709  C  CB  . ALA A 1 112 ? 13.148  9.843   -5.841  1.00 7.16  ? 130 ALA A CB  1 
ATOM   710  N  N   . THR A 1 113 ? 13.683  7.255   -4.164  1.00 4.69  ? 131 THR A N   1 
ATOM   711  C  CA  . THR A 1 113 ? 13.544  6.514   -2.910  1.00 4.70  ? 131 THR A CA  1 
ATOM   712  C  C   . THR A 1 113 ? 14.908  5.969   -2.463  1.00 4.17  ? 131 THR A C   1 
ATOM   713  O  O   . THR A 1 113 ? 15.279  6.098   -1.288  1.00 6.07  ? 131 THR A O   1 
ATOM   714  C  CB  . THR A 1 113 ? 12.475  5.382   -3.015  1.00 7.42  ? 131 THR A CB  1 
ATOM   715  O  OG1 . THR A 1 113 ? 11.225  5.932   -3.446  1.00 8.03  ? 131 THR A OG1 1 
ATOM   716  C  CG2 . THR A 1 113 ? 12.249  4.735   -1.656  1.00 5.57  ? 131 THR A CG2 1 
ATOM   717  N  N   . ARG A 1 114 ? 15.671  5.414   -3.401  1.00 8.28  ? 132 ARG A N   1 
ATOM   718  C  CA  . ARG A 1 114 ? 17.047  4.961   -3.124  1.00 6.16  ? 132 ARG A CA  1 
ATOM   719  C  C   . ARG A 1 114 ? 17.934  6.092   -2.579  1.00 6.82  ? 132 ARG A C   1 
ATOM   720  O  O   . ARG A 1 114 ? 18.699  5.873   -1.650  1.00 6.51  ? 132 ARG A O   1 
ATOM   721  C  CB  . ARG A 1 114 ? 17.662  4.360   -4.385  1.00 6.23  ? 132 ARG A CB  1 
ATOM   722  C  CG  . ARG A 1 114 ? 19.078  3.802   -4.237  1.00 5.88  ? 132 ARG A CG  1 
ATOM   723  C  CD  . ARG A 1 114 ? 19.671  3.508   -5.622  1.00 19.56 ? 132 ARG A CD  1 
ATOM   724  N  NE  . ARG A 1 114 ? 18.710  2.760   -6.439  1.00 28.89 ? 132 ARG A NE  1 
ATOM   725  C  CZ  . ARG A 1 114 ? 18.466  1.455   -6.319  1.00 28.07 ? 132 ARG A CZ  1 
ATOM   726  N  NH1 . ARG A 1 114 ? 19.119  0.735   -5.413  1.00 12.71 ? 132 ARG A NH1 1 
ATOM   727  N  NH2 . ARG A 1 114 ? 17.549  0.870   -7.103  1.00 14.60 ? 132 ARG A NH2 1 
ATOM   728  N  N   . LYS A 1 115 ? 17.815  7.293   -3.148  1.00 5.30  ? 133 LYS A N   1 
ATOM   729  C  CA  . LYS A 1 115 ? 18.561  8.468   -2.662  1.00 4.39  ? 133 LYS A CA  1 
ATOM   730  C  C   . LYS A 1 115 ? 18.119  8.840   -1.248  1.00 4.40  ? 133 LYS A C   1 
ATOM   731  O  O   . LYS A 1 115 ? 18.962  9.121   -0.361  1.00 5.93  ? 133 LYS A O   1 
ATOM   732  C  CB  . LYS A 1 115 ? 18.372  9.651   -3.627  1.00 6.72  ? 133 LYS A CB  1 
ATOM   733  C  CG  . LYS A 1 115 ? 19.239  10.867  -3.317  1.00 21.16 ? 133 LYS A CG  1 
ATOM   734  C  CD  . LYS A 1 115 ? 18.461  11.967  -2.591  1.00 31.95 ? 133 LYS A CD  1 
ATOM   735  C  CE  . LYS A 1 115 ? 19.400  12.982  -1.949  1.00 29.50 ? 133 LYS A CE  1 
ATOM   736  N  NZ  . LYS A 1 115 ? 20.402  13.512  -2.917  1.00 37.75 ? 133 LYS A NZ  1 
ATOM   737  N  N   . ASN A 1 116 ? 16.804  8.817   -1.026  1.00 3.25  ? 134 ASN A N   1 
ATOM   738  C  CA  . ASN A 1 116 ? 16.260  9.082   0.304   1.00 9.75  ? 134 ASN A CA  1 
ATOM   739  C  C   . ASN A 1 116 ? 16.856  8.145   1.336   1.00 6.59  ? 134 ASN A C   1 
ATOM   740  O  O   . ASN A 1 116 ? 17.156  8.565   2.452   1.00 9.03  ? 134 ASN A O   1 
ATOM   741  C  CB  . ASN A 1 116 ? 14.737  8.951   0.331   1.00 10.18 ? 134 ASN A CB  1 
ATOM   742  C  CG  . ASN A 1 116 ? 14.041  10.040  -0.436  1.00 11.64 ? 134 ASN A CG  1 
ATOM   743  O  OD1 . ASN A 1 116 ? 14.653  11.041  -0.845  1.00 11.40 ? 134 ASN A OD1 1 
ATOM   744  N  ND2 . ASN A 1 116 ? 12.740  9.873   -0.615  1.00 8.09  ? 134 ASN A ND2 1 
ATOM   745  N  N   . LEU A 1 117 ? 17.030  6.877   0.953   1.00 8.50  ? 135 LEU A N   1 
ATOM   746  C  CA  . LEU A 1 117 ? 17.522  5.832   1.852   1.00 9.40  ? 135 LEU A CA  1 
ATOM   747  C  C   . LEU A 1 117 ? 18.991  6.024   2.280   1.00 9.41  ? 135 LEU A C   1 
ATOM   748  O  O   . LEU A 1 117 ? 19.467  5.380   3.227   1.00 8.45  ? 135 LEU A O   1 
ATOM   749  C  CB  . LEU A 1 117 ? 17.287  4.456   1.196   1.00 8.29  ? 135 LEU A CB  1 
ATOM   750  C  CG  . LEU A 1 117 ? 17.593  3.178   1.987   1.00 16.92 ? 135 LEU A CG  1 
ATOM   751  C  CD1 . LEU A 1 117 ? 16.529  2.896   3.059   1.00 16.09 ? 135 LEU A CD1 1 
ATOM   752  C  CD2 . LEU A 1 117 ? 17.708  2.008   1.026   1.00 13.93 ? 135 LEU A CD2 1 
ATOM   753  N  N   . GLN A 1 118 ? 19.717  6.925   1.614   1.00 5.93  ? 136 GLN A N   1 
ATOM   754  C  CA  . GLN A 1 118 ? 21.102  7.229   2.008   1.00 7.50  ? 136 GLN A CA  1 
ATOM   755  C  C   . GLN A 1 118 ? 21.156  7.954   3.357   1.00 13.49 ? 136 GLN A C   1 
ATOM   756  O  O   . GLN A 1 118 ? 22.098  7.766   4.125   1.00 12.52 ? 136 GLN A O   1 
ATOM   757  C  CB  . GLN A 1 118 ? 21.842  7.995   0.894   1.00 10.02 ? 136 GLN A CB  1 
ATOM   758  C  CG  . GLN A 1 118 ? 21.785  7.280   -0.479  1.00 16.87 ? 136 GLN A CG  1 
ATOM   759  C  CD  . GLN A 1 118 ? 21.911  5.756   -0.368  1.00 36.13 ? 136 GLN A CD  1 
ATOM   760  O  OE1 . GLN A 1 118 ? 22.937  5.248   0.088   1.00 38.81 ? 136 GLN A OE1 1 
ATOM   761  N  NE2 . GLN A 1 118 ? 20.859  5.027   -0.770  1.00 20.56 ? 136 GLN A NE2 1 
ATOM   762  N  N   . GLU A 1 119 ? 20.130  8.752   3.648   1.00 9.28  ? 137 GLU A N   1 
ATOM   763  C  CA  . GLU A 1 119 ? 19.923  9.321   4.987   1.00 15.47 ? 137 GLU A CA  1 
ATOM   764  C  C   . GLU A 1 119 ? 18.456  9.150   5.382   1.00 12.20 ? 137 GLU A C   1 
ATOM   765  O  O   . GLU A 1 119 ? 17.649  10.066  5.231   1.00 9.42  ? 137 GLU A O   1 
ATOM   766  C  CB  . GLU A 1 119 ? 20.332  10.797  5.024   1.00 17.38 ? 137 GLU A CB  1 
ATOM   767  C  CG  . GLU A 1 119 ? 21.837  11.011  5.191   1.00 25.99 ? 137 GLU A CG  1 
ATOM   768  C  CD  . GLU A 1 119 ? 22.184  12.411  5.670   1.00 33.87 ? 137 GLU A CD  1 
ATOM   769  O  OE1 . GLU A 1 119 ? 22.759  12.537  6.773   1.00 40.89 ? 137 GLU A OE1 1 
ATOM   770  O  OE2 . GLU A 1 119 ? 21.875  13.384  4.949   1.00 47.55 ? 137 GLU A OE2 1 
ATOM   771  N  N   . PRO A 1 120 ? 18.093  7.955   5.879   1.00 8.24  ? 138 PRO A N   1 
ATOM   772  C  CA  . PRO A 1 120 ? 16.669  7.678   6.060   1.00 9.72  ? 138 PRO A CA  1 
ATOM   773  C  C   . PRO A 1 120 ? 15.978  8.605   7.065   1.00 7.32  ? 138 PRO A C   1 
ATOM   774  O  O   . PRO A 1 120 ? 16.564  8.961   8.092   1.00 6.54  ? 138 PRO A O   1 
ATOM   775  C  CB  . PRO A 1 120 ? 16.658  6.234   6.586   1.00 11.85 ? 138 PRO A CB  1 
ATOM   776  C  CG  . PRO A 1 120 ? 17.988  5.675   6.250   1.00 15.29 ? 138 PRO A CG  1 
ATOM   777  C  CD  . PRO A 1 120 ? 18.933  6.813   6.279   1.00 13.98 ? 138 PRO A CD  1 
ATOM   778  N  N   . SER A 1 121 ? 14.739  8.963   6.754   1.00 4.54  ? 139 SER A N   1 
ATOM   779  C  CA  . SER A 1 121 ? 13.852  9.727   7.634   1.00 6.98  ? 139 SER A CA  1 
ATOM   780  C  C   . SER A 1 121 ? 12.436  9.168   7.477   1.00 2.00  ? 139 SER A C   1 
ATOM   781  O  O   . SER A 1 121 ? 12.189  8.318   6.609   1.00 3.25  ? 139 SER A O   1 
ATOM   782  C  CB  . SER A 1 121 ? 13.837  11.195  7.240   1.00 8.72  ? 139 SER A CB  1 
ATOM   783  O  OG  . SER A 1 121 ? 13.191  11.357  6.001   1.00 7.32  ? 139 SER A OG  1 
ATOM   784  N  N   . LEU A 1 122 ? 11.497  9.704   8.263   1.00 6.75  ? 140 LEU A N   1 
ATOM   785  C  CA  . LEU A 1 122 ? 10.100  9.260   8.206   1.00 6.18  ? 140 LEU A CA  1 
ATOM   786  C  C   . LEU A 1 122 ? 9.405   9.555   6.876   1.00 4.72  ? 140 LEU A C   1 
ATOM   787  O  O   . LEU A 1 122 ? 8.392   8.948   6.586   1.00 7.41  ? 140 LEU A O   1 
ATOM   788  C  CB  . LEU A 1 122 ? 9.277   9.840   9.374   1.00 6.92  ? 140 LEU A CB  1 
ATOM   789  C  CG  . LEU A 1 122 ? 9.623   9.232   10.720  1.00 4.10  ? 140 LEU A CG  1 
ATOM   790  C  CD1 . LEU A 1 122 ? 8.881   9.962   11.852  1.00 17.11 ? 140 LEU A CD1 1 
ATOM   791  C  CD2 . LEU A 1 122 ? 9.351   7.715   10.721  1.00 9.69  ? 140 LEU A CD2 1 
ATOM   792  N  N   . THR A 1 123 ? 9.980   10.430  6.054   1.00 5.09  ? 141 THR A N   1 
ATOM   793  C  CA  . THR A 1 123 ? 9.406   10.751  4.737   1.00 11.61 ? 141 THR A CA  1 
ATOM   794  C  C   . THR A 1 123 ? 10.021  9.950   3.572   1.00 8.05  ? 141 THR A C   1 
ATOM   795  O  O   . THR A 1 123 ? 9.663   10.165  2.415   1.00 7.87  ? 141 THR A O   1 
ATOM   796  C  CB  . THR A 1 123 ? 9.503   12.280  4.454   1.00 7.00  ? 141 THR A CB  1 
ATOM   797  O  OG1 . THR A 1 123 ? 10.870  12.700  4.458   1.00 7.66  ? 141 THR A OG1 1 
ATOM   798  C  CG2 . THR A 1 123 ? 8.748   13.075  5.515   1.00 12.21 ? 141 THR A CG2 1 
ATOM   799  N  N   . CYS A 1 124 ? 10.916  9.016   3.891   1.00 6.54  ? 142 CYS A N   1 
ATOM   800  C  CA  . CYS A 1 124 ? 11.657  8.212   2.923   1.00 8.36  ? 142 CYS A CA  1 
ATOM   801  C  C   . CYS A 1 124 ? 10.784  7.643   1.804   1.00 6.87  ? 142 CYS A C   1 
ATOM   802  O  O   . CYS A 1 124 ? 11.143  7.717   0.632   1.00 6.95  ? 142 CYS A O   1 
ATOM   803  C  CB  . CYS A 1 124 ? 12.361  7.048   3.656   1.00 16.73 ? 142 CYS A CB  1 
ATOM   804  S  SG  . CYS A 1 124 ? 13.479  6.056   2.641   1.00 19.56 ? 142 CYS A SG  1 
ATOM   805  N  N   . PHE A 1 125 ? 9.622   7.110   2.178   1.00 5.80  ? 143 PHE A N   1 
ATOM   806  C  CA  . PHE A 1 125 ? 8.742   6.439   1.224   1.00 7.87  ? 143 PHE A CA  1 
ATOM   807  C  C   . PHE A 1 125 ? 7.530   7.236   0.756   1.00 6.90  ? 143 PHE A C   1 
ATOM   808  O  O   . PHE A 1 125 ? 6.689   6.683   0.047   1.00 7.99  ? 143 PHE A O   1 
ATOM   809  C  CB  . PHE A 1 125 ? 8.268   5.103   1.788   1.00 7.62  ? 143 PHE A CB  1 
ATOM   810  C  CG  . PHE A 1 125 ? 9.392   4.158   2.122   1.00 4.17  ? 143 PHE A CG  1 
ATOM   811  C  CD1 . PHE A 1 125 ? 10.068  3.488   1.114   1.00 7.76  ? 143 PHE A CD1 1 
ATOM   812  C  CD2 . PHE A 1 125 ? 9.769   3.951   3.441   1.00 7.32  ? 143 PHE A CD2 1 
ATOM   813  C  CE1 . PHE A 1 125 ? 11.113  2.623   1.409   1.00 6.44  ? 143 PHE A CE1 1 
ATOM   814  C  CE2 . PHE A 1 125 ? 10.804  3.086   3.754   1.00 10.06 ? 143 PHE A CE2 1 
ATOM   815  C  CZ  . PHE A 1 125 ? 11.475  2.410   2.730   1.00 10.26 ? 143 PHE A CZ  1 
ATOM   816  N  N   . ASP A 1 126 ? 7.431   8.512   1.118   1.00 6.20  ? 144 ASP A N   1 
ATOM   817  C  CA  . ASP A 1 126 ? 6.235   9.283   0.784   1.00 6.99  ? 144 ASP A CA  1 
ATOM   818  C  C   . ASP A 1 126 ? 5.898   9.240   -0.710  1.00 8.62  ? 144 ASP A C   1 
ATOM   819  O  O   . ASP A 1 126 ? 4.737   9.021   -1.091  1.00 7.60  ? 144 ASP A O   1 
ATOM   820  C  CB  . ASP A 1 126 ? 6.351   10.731  1.262   1.00 10.27 ? 144 ASP A CB  1 
ATOM   821  C  CG  . ASP A 1 126 ? 6.115   10.893  2.771   1.00 13.60 ? 144 ASP A CG  1 
ATOM   822  O  OD1 . ASP A 1 126 ? 5.780   9.912   3.478   1.00 10.84 ? 144 ASP A OD1 1 
ATOM   823  O  OD2 . ASP A 1 126 ? 6.258   12.049  3.246   1.00 17.16 ? 144 ASP A OD2 1 
ATOM   824  N  N   . GLN A 1 127 ? 6.900   9.463   -1.556  1.00 7.07  ? 145 GLN A N   1 
ATOM   825  C  CA  . GLN A 1 127 ? 6.663   9.539   -2.984  1.00 10.02 ? 145 GLN A CA  1 
ATOM   826  C  C   . GLN A 1 127 ? 6.222   8.149   -3.511  1.00 4.87  ? 145 GLN A C   1 
ATOM   827  O  O   . GLN A 1 127 ? 5.222   8.024   -4.227  1.00 7.84  ? 145 GLN A O   1 
ATOM   828  C  CB  . GLN A 1 127 ? 7.924   10.050  -3.690  1.00 9.96  ? 145 GLN A CB  1 
ATOM   829  C  CG  . GLN A 1 127 ? 7.758   10.266  -5.165  1.00 12.86 ? 145 GLN A CG  1 
ATOM   830  C  CD  . GLN A 1 127 ? 9.010   10.819  -5.825  1.00 18.37 ? 145 GLN A CD  1 
ATOM   831  O  OE1 . GLN A 1 127 ? 9.802   11.537  -5.203  1.00 21.43 ? 145 GLN A OE1 1 
ATOM   832  N  NE2 . GLN A 1 127 ? 9.191   10.488  -7.094  1.00 13.41 ? 145 GLN A NE2 1 
ATOM   833  N  N   . ALA A 1 128 ? 6.941   7.116   -3.094  1.00 5.92  ? 146 ALA A N   1 
ATOM   834  C  CA  . ALA A 1 128 ? 6.654   5.747   -3.541  1.00 6.05  ? 146 ALA A CA  1 
ATOM   835  C  C   . ALA A 1 128 ? 5.283   5.285   -3.039  1.00 6.32  ? 146 ALA A C   1 
ATOM   836  O  O   . ALA A 1 128 ? 4.531   4.651   -3.794  1.00 7.11  ? 146 ALA A O   1 
ATOM   837  C  CB  . ALA A 1 128 ? 7.754   4.768   -3.063  1.00 5.59  ? 146 ALA A CB  1 
ATOM   838  N  N   . GLN A 1 129 ? 4.977   5.586   -1.776  1.00 7.06  ? 147 GLN A N   1 
ATOM   839  C  CA  . GLN A 1 129 ? 3.685   5.235   -1.190  1.00 4.04  ? 147 GLN A CA  1 
ATOM   840  C  C   . GLN A 1 129 ? 2.571   5.953   -1.937  1.00 5.89  ? 147 GLN A C   1 
ATOM   841  O  O   . GLN A 1 129 ? 1.527   5.379   -2.240  1.00 6.94  ? 147 GLN A O   1 
ATOM   842  C  CB  . GLN A 1 129 ? 3.663   5.600   0.302   1.00 9.11  ? 147 GLN A CB  1 
ATOM   843  C  CG  . GLN A 1 129 ? 2.406   5.078   0.986   1.00 7.66  ? 147 GLN A CG  1 
ATOM   844  C  CD  . GLN A 1 129 ? 2.267   5.522   2.416   1.00 7.62  ? 147 GLN A CD  1 
ATOM   845  O  OE1 . GLN A 1 129 ? 2.885   6.518   2.858   1.00 9.84  ? 147 GLN A OE1 1 
ATOM   846  N  NE2 . GLN A 1 129 ? 1.417   4.818   3.152   1.00 10.24 ? 147 GLN A NE2 1 
ATOM   847  N  N   . GLY A 1 130 ? 2.800   7.220   -2.259  1.00 6.70  ? 148 GLY A N   1 
ATOM   848  C  CA  . GLY A 1 130 ? 1.842   7.995   -3.052  1.00 7.89  ? 148 GLY A CA  1 
ATOM   849  C  C   . GLY A 1 130 ? 1.526   7.368   -4.395  1.00 8.81  ? 148 GLY A C   1 
ATOM   850  O  O   . GLY A 1 130 ? 0.351   7.296   -4.808  1.00 7.52  ? 148 GLY A O   1 
ATOM   851  N  N   . LYS A 1 131 ? 2.561   6.869   -5.068  1.00 7.96  ? 149 LYS A N   1 
ATOM   852  C  CA  . LYS A 1 131 ? 2.380   6.218   -6.373  1.00 11.23 ? 149 LYS A CA  1 
ATOM   853  C  C   . LYS A 1 131 ? 1.566   4.912   -6.265  1.00 9.09  ? 149 LYS A C   1 
ATOM   854  O  O   . LYS A 1 131 ? 0.682   4.651   -7.104  1.00 7.92  ? 149 LYS A O   1 
ATOM   855  C  CB  . LYS A 1 131 ? 3.729   5.927   -7.025  1.00 12.62 ? 149 LYS A CB  1 
ATOM   856  C  CG  . LYS A 1 131 ? 4.590   7.148   -7.330  1.00 19.20 ? 149 LYS A CG  1 
ATOM   857  C  CD  . LYS A 1 131 ? 3.896   8.107   -8.287  1.00 14.11 ? 149 LYS A CD  1 
ATOM   858  C  CE  . LYS A 1 131 ? 4.814   9.251   -8.702  1.00 24.77 ? 149 LYS A CE  1 
ATOM   859  N  NZ  . LYS A 1 131 ? 4.100   10.232  -9.562  1.00 22.16 ? 149 LYS A NZ  1 
ATOM   860  N  N   . VAL A 1 132 ? 1.831   4.100   -5.247  1.00 4.78  ? 150 VAL A N   1 
ATOM   861  C  CA  . VAL A 1 132 ? 1.074   2.821   -5.113  1.00 7.72  ? 150 VAL A CA  1 
ATOM   862  C  C   . VAL A 1 132 ? -0.353  3.083   -4.670  1.00 6.87  ? 150 VAL A C   1 
ATOM   863  O  O   . VAL A 1 132 ? -1.262  2.353   -5.037  1.00 7.44  ? 150 VAL A O   1 
ATOM   864  C  CB  . VAL A 1 132 ? 1.704   1.780   -4.152  1.00 9.71  ? 150 VAL A CB  1 
ATOM   865  C  CG1 . VAL A 1 132 ? 3.068   1.349   -4.668  1.00 20.36 ? 150 VAL A CG1 1 
ATOM   866  C  CG2 . VAL A 1 132 ? 1.760   2.298   -2.718  1.00 14.94 ? 150 VAL A CG2 1 
ATOM   867  N  N   . HIS A 1 133 ? -0.544  4.127   -3.864  1.00 7.42  ? 151 HIS A N   1 
ATOM   868  C  CA  . HIS A 1 133 ? -1.878  4.548   -3.459  1.00 6.44  ? 151 HIS A CA  1 
ATOM   869  C  C   . HIS A 1 133 ? -2.701  4.869   -4.701  1.00 6.96  ? 151 HIS A C   1 
ATOM   870  O  O   . HIS A 1 133 ? -3.856  4.435   -4.819  1.00 8.09  ? 151 HIS A O   1 
ATOM   871  C  CB  . HIS A 1 133 ? -1.796  5.757   -2.512  1.00 4.77  ? 151 HIS A CB  1 
ATOM   872  C  CG  . HIS A 1 133 ? -3.132  6.209   -1.982  1.00 8.22  ? 151 HIS A CG  1 
ATOM   873  N  ND1 . HIS A 1 133 ? -3.925  7.124   -2.644  1.00 11.64 ? 151 HIS A ND1 1 
ATOM   874  C  CD2 . HIS A 1 133 ? -3.815  5.863   -0.868  1.00 10.94 ? 151 HIS A CD2 1 
ATOM   875  C  CE1 . HIS A 1 133 ? -5.044  7.314   -1.967  1.00 11.20 ? 151 HIS A CE1 1 
ATOM   876  N  NE2 . HIS A 1 133 ? -4.996  6.579   -0.871  1.00 7.83  ? 151 HIS A NE2 1 
ATOM   877  N  N   . SER A 1 134 ? -2.094  5.623   -5.622  1.00 7.27  ? 152 SER A N   1 
ATOM   878  C  CA  A SER A 1 134 ? -2.744  6.035   -6.871  0.50 10.78 ? 152 SER A CA  1 
ATOM   879  C  CA  B SER A 1 134 ? -2.767  6.031   -6.862  0.50 11.54 ? 152 SER A CA  1 
ATOM   880  C  C   . SER A 1 134 ? -3.086  4.848   -7.769  1.00 6.87  ? 152 SER A C   1 
ATOM   881  O  O   . SER A 1 134 ? -4.175  4.791   -8.370  1.00 12.08 ? 152 SER A O   1 
ATOM   882  C  CB  A SER A 1 134 ? -1.833  7.003   -7.635  0.50 8.55  ? 152 SER A CB  1 
ATOM   883  C  CB  B SER A 1 134 ? -1.926  7.064   -7.621  0.50 11.95 ? 152 SER A CB  1 
ATOM   884  O  OG  A SER A 1 134 ? -2.516  7.568   -8.735  0.50 8.65  ? 152 SER A OG  1 
ATOM   885  O  OG  B SER A 1 134 ? -2.003  8.329   -6.989  0.50 12.52 ? 152 SER A OG  1 
ATOM   886  N  N   . LEU A 1 135 ? -2.154  3.908   -7.882  1.00 9.37  ? 153 LEU A N   1 
ATOM   887  C  CA  . LEU A 1 135 ? -2.400  2.679   -8.656  1.00 10.69 ? 153 LEU A CA  1 
ATOM   888  C  C   . LEU A 1 135 ? -3.623  1.927   -8.135  1.00 13.93 ? 153 LEU A C   1 
ATOM   889  O  O   . LEU A 1 135 ? -4.489  1.516   -8.918  1.00 15.53 ? 153 LEU A O   1 
ATOM   890  C  CB  . LEU A 1 135 ? -1.200  1.733   -8.598  1.00 20.22 ? 153 LEU A CB  1 
ATOM   891  C  CG  . LEU A 1 135 ? 0.087   2.104   -9.332  1.00 22.46 ? 153 LEU A CG  1 
ATOM   892  C  CD1 . LEU A 1 135 ? 1.150   1.058   -9.026  1.00 17.92 ? 153 LEU A CD1 1 
ATOM   893  C  CD2 . LEU A 1 135 ? -0.157  2.223   -10.846 1.00 23.76 ? 153 LEU A CD2 1 
ATOM   894  N  N   . MET A 1 136 ? -3.681  1.746   -6.818  1.00 7.15  ? 154 MET A N   1 
ATOM   895  C  CA  . MET A 1 136 ? -4.825  1.082   -6.186  1.00 4.64  ? 154 MET A CA  1 
ATOM   896  C  C   . MET A 1 136 ? -6.132  1.868   -6.336  1.00 5.67  ? 154 MET A C   1 
ATOM   897  O  O   . MET A 1 136 ? -7.179  1.307   -6.666  1.00 5.15  ? 154 MET A O   1 
ATOM   898  C  CB  . MET A 1 136 ? -4.554  0.802   -4.715  1.00 3.86  ? 154 MET A CB  1 
ATOM   899  C  CG  . MET A 1 136 ? -3.466  -0.245  -4.475  1.00 4.67  ? 154 MET A CG  1 
ATOM   900  S  SD  . MET A 1 136 ? -3.224  -0.661  -2.763  1.00 9.28  ? 154 MET A SD  1 
ATOM   901  C  CE  . MET A 1 136 ? -2.708  0.902   -2.031  1.00 6.67  ? 154 MET A CE  1 
ATOM   902  N  N   . GLU A 1 137 ? -6.088  3.172   -6.063  1.00 18.29 ? 155 GLU A N   1 
ATOM   903  C  CA  . GLU A 1 137 ? -7.297  4.008   -6.121  1.00 17.14 ? 155 GLU A CA  1 
ATOM   904  C  C   . GLU A 1 137 ? -7.915  4.068   -7.525  1.00 23.51 ? 155 GLU A C   1 
ATOM   905  O  O   . GLU A 1 137 ? -9.141  4.096   -7.675  1.00 25.51 ? 155 GLU A O   1 
ATOM   906  C  CB  . GLU A 1 137 ? -6.999  5.428   -5.611  1.00 20.40 ? 155 GLU A CB  1 
ATOM   907  C  CG  . GLU A 1 137 ? -8.236  6.320   -5.527  1.00 18.08 ? 155 GLU A CG  1 
ATOM   908  C  CD  . GLU A 1 137 ? -8.033  7.601   -4.731  1.00 22.13 ? 155 GLU A CD  1 
ATOM   909  O  OE1 . GLU A 1 137 ? -6.914  8.164   -4.725  1.00 29.37 ? 155 GLU A OE1 1 
ATOM   910  O  OE2 . GLU A 1 137 ? -9.020  8.062   -4.117  1.00 32.60 ? 155 GLU A OE2 1 
ATOM   911  N  N   . LYS A 1 138 ? -7.064  4.086   -8.542  1.00 20.57 ? 156 LYS A N   1 
ATOM   912  C  CA  . LYS A 1 138 ? -7.504  4.295   -9.929  1.00 21.02 ? 156 LYS A CA  1 
ATOM   913  C  C   . LYS A 1 138 ? -7.831  3.002   -10.663 1.00 24.24 ? 156 LYS A C   1 
ATOM   914  O  O   . LYS A 1 138 ? -8.679  2.991   -11.571 1.00 22.81 ? 156 LYS A O   1 
ATOM   915  C  CB  . LYS A 1 138 ? -6.419  5.049   -10.701 1.00 24.64 ? 156 LYS A CB  1 
ATOM   916  C  CG  . LYS A 1 138 ? -6.244  6.501   -10.272 1.00 26.28 ? 156 LYS A CG  1 
ATOM   917  C  CD  . LYS A 1 138 ? -4.991  7.116   -10.887 1.00 36.80 ? 156 LYS A CD  1 
ATOM   918  C  CE  . LYS A 1 138 ? -4.857  8.588   -10.528 1.00 39.85 ? 156 LYS A CE  1 
ATOM   919  N  NZ  . LYS A 1 138 ? -3.481  9.099   -10.763 1.00 47.90 ? 156 LYS A NZ  1 
ATOM   920  N  N   . ASP A 1 139 ? -7.132  1.928   -10.305 1.00 21.81 ? 157 ASP A N   1 
ATOM   921  C  CA  . ASP A 1 139 ? -7.265  0.663   -11.026 1.00 24.18 ? 157 ASP A CA  1 
ATOM   922  C  C   . ASP A 1 139 ? -8.034  -0.390  -10.216 1.00 22.71 ? 157 ASP A C   1 
ATOM   923  O  O   . ASP A 1 139 ? -9.180  -0.712  -10.545 1.00 24.97 ? 157 ASP A O   1 
ATOM   924  C  CB  . ASP A 1 139 ? -5.888  0.157   -11.453 1.00 21.83 ? 157 ASP A CB  1 
ATOM   925  C  CG  . ASP A 1 139 ? -5.138  1.163   -12.321 1.00 36.63 ? 157 ASP A CG  1 
ATOM   926  O  OD1 . ASP A 1 139 ? -5.798  1.876   -13.103 1.00 33.12 ? 157 ASP A OD1 1 
ATOM   927  O  OD2 . ASP A 1 139 ? -3.891  1.242   -12.222 1.00 34.35 ? 157 ASP A OD2 1 
ATOM   928  N  N   . SER A 1 140 ? -7.436  -0.885  -9.138  1.00 19.81 ? 158 SER A N   1 
ATOM   929  C  CA  A SER A 1 140 ? -8.000  -1.989  -8.335  0.50 20.51 ? 158 SER A CA  1 
ATOM   930  C  CA  B SER A 1 140 ? -8.045  -2.009  -8.415  0.50 20.47 ? 158 SER A CA  1 
ATOM   931  C  C   . SER A 1 140 ? -9.279  -1.664  -7.569  1.00 25.61 ? 158 SER A C   1 
ATOM   932  O  O   . SER A 1 140 ? -10.197 -2.485  -7.477  1.00 23.16 ? 158 SER A O   1 
ATOM   933  C  CB  A SER A 1 140 ? -6.968  -2.466  -7.311  0.50 23.76 ? 158 SER A CB  1 
ATOM   934  C  CB  B SER A 1 140 ? -7.000  -2.755  -7.583  0.50 25.14 ? 158 SER A CB  1 
ATOM   935  O  OG  A SER A 1 140 ? -5.828  -3.003  -7.945  0.50 25.73 ? 158 SER A OG  1 
ATOM   936  O  OG  B SER A 1 140 ? -6.088  -1.861  -6.993  0.50 19.61 ? 158 SER A OG  1 
ATOM   937  N  N   . TYR A 1 141 ? -9.312  -0.484  -6.960  1.00 23.58 ? 159 TYR A N   1 
ATOM   938  C  CA  . TYR A 1 141 ? -10.447 -0.088  -6.121  1.00 23.06 ? 159 TYR A CA  1 
ATOM   939  C  C   . TYR A 1 141 ? -11.779 -0.057  -6.901  1.00 20.00 ? 159 TYR A C   1 
ATOM   940  O  O   . TYR A 1 141 ? -12.758 -0.668  -6.454  1.00 20.28 ? 159 TYR A O   1 
ATOM   941  C  CB  . TYR A 1 141 ? -10.144 1.233   -5.393  1.00 23.40 ? 159 TYR A CB  1 
ATOM   942  C  CG  . TYR A 1 141 ? -11.297 1.823   -4.619  1.00 24.46 ? 159 TYR A CG  1 
ATOM   943  C  CD1 . TYR A 1 141 ? -11.805 1.191   -3.477  1.00 21.75 ? 159 TYR A CD1 1 
ATOM   944  C  CD2 . TYR A 1 141 ? -11.863 3.038   -5.003  1.00 28.33 ? 159 TYR A CD2 1 
ATOM   945  C  CE1 . TYR A 1 141 ? -12.858 1.769   -2.748  1.00 20.16 ? 159 TYR A CE1 1 
ATOM   946  C  CE2 . TYR A 1 141 ? -12.918 3.608   -4.289  1.00 28.19 ? 159 TYR A CE2 1 
ATOM   947  C  CZ  . TYR A 1 141 ? -13.410 2.974   -3.163  1.00 19.68 ? 159 TYR A CZ  1 
ATOM   948  O  OH  . TYR A 1 141 ? -14.458 3.565   -2.467  1.00 21.29 ? 159 TYR A OH  1 
ATOM   949  N  N   . PRO A 1 142 ? -11.844 0.641   -8.063  1.00 21.73 ? 160 PRO A N   1 
ATOM   950  C  CA  . PRO A 1 142 ? -13.087 0.577   -8.850  1.00 23.12 ? 160 PRO A CA  1 
ATOM   951  C  C   . PRO A 1 142 ? -13.501 -0.848  -9.215  1.00 20.79 ? 160 PRO A C   1 
ATOM   952  O  O   . PRO A 1 142 ? -14.685 -1.160  -9.176  1.00 21.68 ? 160 PRO A O   1 
ATOM   953  C  CB  . PRO A 1 142 ? -12.759 1.377   -10.116 1.00 24.72 ? 160 PRO A CB  1 
ATOM   954  C  CG  . PRO A 1 142 ? -11.670 2.285   -9.727  1.00 26.06 ? 160 PRO A CG  1 
ATOM   955  C  CD  . PRO A 1 142 ? -10.866 1.569   -8.668  1.00 21.23 ? 160 PRO A CD  1 
ATOM   956  N  N   . ARG A 1 143 ? -12.535 -1.703  -9.556  1.00 19.78 ? 161 ARG A N   1 
ATOM   957  C  CA  . ARG A 1 143 ? -12.824 -3.106  -9.864  1.00 18.89 ? 161 ARG A CA  1 
ATOM   958  C  C   . ARG A 1 143 ? -13.356 -3.876  -8.645  1.00 17.81 ? 161 ARG A C   1 
ATOM   959  O  O   . ARG A 1 143 ? -14.292 -4.666  -8.778  1.00 17.78 ? 161 ARG A O   1 
ATOM   960  C  CB  . ARG A 1 143 ? -11.591 -3.816  -10.415 1.00 23.13 ? 161 ARG A CB  1 
ATOM   961  C  CG  . ARG A 1 143 ? -11.171 -3.321  -11.792 1.00 21.54 ? 161 ARG A CG  1 
ATOM   962  C  CD  . ARG A 1 143 ? -10.174 -4.250  -12.421 1.00 23.20 ? 161 ARG A CD  1 
ATOM   963  N  NE  . ARG A 1 143 ? -8.870  -4.266  -11.754 1.00 23.09 ? 161 ARG A NE  1 
ATOM   964  C  CZ  . ARG A 1 143 ? -7.798  -3.568  -12.138 1.00 30.78 ? 161 ARG A CZ  1 
ATOM   965  N  NH1 . ARG A 1 143 ? -7.853  -2.726  -13.163 1.00 21.87 ? 161 ARG A NH1 1 
ATOM   966  N  NH2 . ARG A 1 143 ? -6.656  -3.701  -11.478 1.00 27.18 ? 161 ARG A NH2 1 
ATOM   967  N  N   . PHE A 1 144 ? -12.770 -3.613  -7.478  1.00 18.66 ? 162 PHE A N   1 
ATOM   968  C  CA  . PHE A 1 144 ? -13.226 -4.209  -6.224  1.00 19.72 ? 162 PHE A CA  1 
ATOM   969  C  C   . PHE A 1 144 ? -14.717 -3.933  -5.987  1.00 19.36 ? 162 PHE A C   1 
ATOM   970  O  O   . PHE A 1 144 ? -15.482 -4.831  -5.594  1.00 19.00 ? 162 PHE A O   1 
ATOM   971  C  CB  . PHE A 1 144 ? -12.436 -3.641  -5.044  1.00 21.29 ? 162 PHE A CB  1 
ATOM   972  C  CG  . PHE A 1 144 ? -12.958 -4.075  -3.710  1.00 19.77 ? 162 PHE A CG  1 
ATOM   973  C  CD1 . PHE A 1 144 ? -12.890 -5.410  -3.317  1.00 19.37 ? 162 PHE A CD1 1 
ATOM   974  C  CD2 . PHE A 1 144 ? -13.501 -3.149  -2.816  1.00 19.98 ? 162 PHE A CD2 1 
ATOM   975  C  CE1 . PHE A 1 144 ? -13.380 -5.816  -2.061  1.00 24.46 ? 162 PHE A CE1 1 
ATOM   976  C  CE2 . PHE A 1 144 ? -13.991 -3.555  -1.575  1.00 19.09 ? 162 PHE A CE2 1 
ATOM   977  C  CZ  . PHE A 1 144 ? -13.921 -4.877  -1.195  1.00 23.85 ? 162 PHE A CZ  1 
ATOM   978  N  N   . LEU A 1 145 ? -15.125 -2.685  -6.214  1.00 18.54 ? 163 LEU A N   1 
ATOM   979  C  CA  . LEU A 1 145 ? -16.521 -2.277  -5.977  1.00 21.12 ? 163 LEU A CA  1 
ATOM   980  C  C   . LEU A 1 145 ? -17.550 -2.937  -6.920  1.00 19.19 ? 163 LEU A C   1 
ATOM   981  O  O   . LEU A 1 145 ? -18.757 -2.905  -6.642  1.00 18.56 ? 163 LEU A O   1 
ATOM   982  C  CB  . LEU A 1 145 ? -16.648 -0.746  -6.032  1.00 20.38 ? 163 LEU A CB  1 
ATOM   983  C  CG  . LEU A 1 145 ? -15.876 0.071   -4.980  1.00 24.85 ? 163 LEU A CG  1 
ATOM   984  C  CD1 . LEU A 1 145 ? -16.101 1.573   -5.176  1.00 22.10 ? 163 LEU A CD1 1 
ATOM   985  C  CD2 . LEU A 1 145 ? -16.224 -0.339  -3.553  1.00 27.54 ? 163 LEU A CD2 1 
ATOM   986  N  N   . ARG A 1 146 ? -17.086 -3.516  -8.032  1.00 19.43 ? 164 ARG A N   1 
ATOM   987  C  CA  . ARG A 1 146 ? -17.956 -4.277  -8.946  1.00 22.49 ? 164 ARG A CA  1 
ATOM   988  C  C   . ARG A 1 146 ? -17.824 -5.799  -8.764  1.00 22.82 ? 164 ARG A C   1 
ATOM   989  O  O   . ARG A 1 146 ? -18.476 -6.575  -9.479  1.00 19.95 ? 164 ARG A O   1 
ATOM   990  C  CB  . ARG A 1 146 ? -17.673 -3.903  -10.410 1.00 20.60 ? 164 ARG A CB  1 
ATOM   991  C  CG  . ARG A 1 146 ? -17.569 -2.406  -10.677 1.00 26.26 ? 164 ARG A CG  1 
ATOM   992  C  CD  . ARG A 1 146 ? -17.319 -2.110  -12.155 1.00 37.67 ? 164 ARG A CD  1 
ATOM   993  N  NE  . ARG A 1 146 ? -16.792 -0.759  -12.388 1.00 43.98 ? 164 ARG A NE  1 
ATOM   994  C  CZ  . ARG A 1 146 ? -15.526 -0.446  -12.686 1.00 47.23 ? 164 ARG A CZ  1 
ATOM   995  N  NH1 . ARG A 1 146 ? -14.575 -1.375  -12.815 1.00 23.08 ? 164 ARG A NH1 1 
ATOM   996  N  NH2 . ARG A 1 146 ? -15.204 0.831   -12.864 1.00 56.75 ? 164 ARG A NH2 1 
ATOM   997  N  N   . SER A 1 147 ? -17.003 -6.231  -7.808  1.00 17.60 ? 165 SER A N   1 
ATOM   998  C  CA  . SER A 1 147 ? -16.738 -7.659  -7.602  1.00 20.08 ? 165 SER A CA  1 
ATOM   999  C  C   . SER A 1 147 ? -17.871 -8.322  -6.826  1.00 19.74 ? 165 SER A C   1 
ATOM   1000 O  O   . SER A 1 147 ? -18.525 -7.669  -6.005  1.00 22.51 ? 165 SER A O   1 
ATOM   1001 C  CB  . SER A 1 147 ? -15.403 -7.862  -6.873  1.00 23.63 ? 165 SER A CB  1 
ATOM   1002 O  OG  . SER A 1 147 ? -15.484 -7.489  -5.501  1.00 21.64 ? 165 SER A OG  1 
ATOM   1003 N  N   . LYS A 1 148 ? -18.113 -9.611  -7.091  1.00 24.71 ? 166 LYS A N   1 
ATOM   1004 C  CA  . LYS A 1 148 ? -19.124 -10.366 -6.331  1.00 24.61 ? 166 LYS A CA  1 
ATOM   1005 C  C   . LYS A 1 148 ? -18.720 -10.455 -4.854  1.00 22.87 ? 166 LYS A C   1 
ATOM   1006 O  O   . LYS A 1 148 ? -19.579 -10.460 -3.974  1.00 22.77 ? 166 LYS A O   1 
ATOM   1007 C  CB  . LYS A 1 148 ? -19.378 -11.763 -6.929  1.00 32.89 ? 166 LYS A CB  1 
ATOM   1008 C  CG  . LYS A 1 148 ? -18.452 -12.884 -6.433  1.00 37.88 ? 166 LYS A CG  1 
ATOM   1009 C  CD  . LYS A 1 148 ? -18.822 -14.232 -7.052  1.00 36.26 ? 166 LYS A CD  1 
ATOM   1010 C  CE  . LYS A 1 148 ? -20.028 -14.865 -6.374  1.00 39.16 ? 166 LYS A CE  1 
ATOM   1011 N  NZ  . LYS A 1 148 ? -20.734 -15.806 -7.281  1.00 40.83 ? 166 LYS A NZ  1 
ATOM   1012 N  N   . MET A 1 149 ? -17.411 -10.509 -4.599  1.00 30.29 ? 167 MET A N   1 
ATOM   1013 C  CA  . MET A 1 149 ? -16.870 -10.461 -3.236  1.00 30.91 ? 167 MET A CA  1 
ATOM   1014 C  C   . MET A 1 149 ? -17.421 -9.259  -2.447  1.00 30.26 ? 167 MET A C   1 
ATOM   1015 O  O   . MET A 1 149 ? -17.861 -9.419  -1.311  1.00 26.38 ? 167 MET A O   1 
ATOM   1016 C  CB  . MET A 1 149 ? -15.332 -10.411 -3.274  1.00 32.32 ? 167 MET A CB  1 
ATOM   1017 C  CG  . MET A 1 149 ? -14.651 -10.379 -1.900  1.00 42.07 ? 167 MET A CG  1 
ATOM   1018 S  SD  . MET A 1 149 ? -12.864 -10.068 -1.944  1.00 41.01 ? 167 MET A SD  1 
ATOM   1019 C  CE  . MET A 1 149 ? -12.383 -11.404 -3.067  1.00 18.36 ? 167 MET A CE  1 
ATOM   1020 N  N   . TYR A 1 150 ? -17.389 -8.068  -3.042  1.00 25.03 ? 168 TYR A N   1 
ATOM   1021 C  CA  . TYR A 1 150 ? -17.892 -6.856  -2.377  1.00 24.56 ? 168 TYR A CA  1 
ATOM   1022 C  C   . TYR A 1 150 ? -19.427 -6.787  -2.376  1.00 26.10 ? 168 TYR A C   1 
ATOM   1023 O  O   . TYR A 1 150 ? -20.057 -6.506  -1.343  1.00 24.91 ? 168 TYR A O   1 
ATOM   1024 C  CB  . TYR A 1 150 ? -17.317 -5.580  -3.027  1.00 20.56 ? 168 TYR A CB  1 
ATOM   1025 C  CG  . TYR A 1 150 ? -17.920 -4.302  -2.456  1.00 20.45 ? 168 TYR A CG  1 
ATOM   1026 C  CD1 . TYR A 1 150 ? -17.639 -3.895  -1.158  1.00 16.60 ? 168 TYR A CD1 1 
ATOM   1027 C  CD2 . TYR A 1 150 ? -18.795 -3.523  -3.209  1.00 24.99 ? 168 TYR A CD2 1 
ATOM   1028 C  CE1 . TYR A 1 150 ? -18.212 -2.743  -0.613  1.00 18.28 ? 168 TYR A CE1 1 
ATOM   1029 C  CE2 . TYR A 1 150 ? -19.363 -2.369  -2.683  1.00 21.64 ? 168 TYR A CE2 1 
ATOM   1030 C  CZ  . TYR A 1 150 ? -19.073 -1.979  -1.386  1.00 22.83 ? 168 TYR A CZ  1 
ATOM   1031 O  OH  . TYR A 1 150 ? -19.647 -0.830  -0.875  1.00 22.72 ? 168 TYR A OH  1 
ATOM   1032 N  N   . LEU A 1 151 ? -20.031 -7.044  -3.532  1.00 22.39 ? 169 LEU A N   1 
ATOM   1033 C  CA  . LEU A 1 151 ? -21.479 -6.874  -3.690  1.00 23.45 ? 169 LEU A CA  1 
ATOM   1034 C  C   . LEU A 1 151 ? -22.284 -7.840  -2.812  1.00 24.50 ? 169 LEU A C   1 
ATOM   1035 O  O   . LEU A 1 151 ? -23.411 -7.534  -2.437  1.00 28.17 ? 169 LEU A O   1 
ATOM   1036 C  CB  . LEU A 1 151 ? -21.881 -7.011  -5.162  1.00 28.62 ? 169 LEU A CB  1 
ATOM   1037 C  CG  . LEU A 1 151 ? -21.294 -5.948  -6.106  1.00 34.30 ? 169 LEU A CG  1 
ATOM   1038 C  CD1 . LEU A 1 151 ? -21.540 -6.322  -7.557  1.00 30.05 ? 169 LEU A CD1 1 
ATOM   1039 C  CD2 . LEU A 1 151 ? -21.837 -4.551  -5.814  1.00 24.31 ? 169 LEU A CD2 1 
ATOM   1040 N  N   . ASP A 1 152 ? -21.698 -8.985  -2.465  1.00 25.88 ? 170 ASP A N   1 
ATOM   1041 C  CA  . ASP A 1 152 ? -22.336 -9.948  -1.546  1.00 24.42 ? 170 ASP A CA  1 
ATOM   1042 C  C   . ASP A 1 152 ? -22.393 -9.456  -0.092  1.00 25.03 ? 170 ASP A C   1 
ATOM   1043 O  O   . ASP A 1 152 ? -23.119 -10.028 0.742   1.00 21.68 ? 170 ASP A O   1 
ATOM   1044 C  CB  . ASP A 1 152 ? -21.623 -11.305 -1.616  1.00 25.60 ? 170 ASP A CB  1 
ATOM   1045 C  CG  . ASP A 1 152 ? -21.923 -12.064 -2.904  1.00 30.74 ? 170 ASP A CG  1 
ATOM   1046 O  OD1 . ASP A 1 152 ? -22.854 -11.674 -3.639  1.00 27.86 ? 170 ASP A OD1 1 
ATOM   1047 O  OD2 . ASP A 1 152 ? -21.218 -13.055 -3.188  1.00 42.82 ? 170 ASP A OD2 1 
ATOM   1048 N  N   . LEU A 1 153 ? -21.635 -8.405  0.208   1.00 23.37 ? 171 LEU A N   1 
ATOM   1049 C  CA  . LEU A 1 153 ? -21.702 -7.726  1.506   1.00 26.97 ? 171 LEU A CA  1 
ATOM   1050 C  C   . LEU A 1 153 ? -22.787 -6.645  1.543   1.00 31.72 ? 171 LEU A C   1 
ATOM   1051 O  O   . LEU A 1 153 ? -22.997 -6.023  2.588   1.00 35.87 ? 171 LEU A O   1 
ATOM   1052 C  CB  . LEU A 1 153 ? -20.354 -7.076  1.833   1.00 24.34 ? 171 LEU A CB  1 
ATOM   1053 C  CG  . LEU A 1 153 ? -19.104 -7.955  1.743   1.00 19.15 ? 171 LEU A CG  1 
ATOM   1054 C  CD1 . LEU A 1 153 ? -17.867 -7.121  1.989   1.00 30.16 ? 171 LEU A CD1 1 
ATOM   1055 C  CD2 . LEU A 1 153 ? -19.187 -9.107  2.722   1.00 25.45 ? 171 LEU A CD2 1 
ATOM   1056 N  N   . LEU A 1 154 ? -23.473 -6.442  0.413   1.00 36.21 ? 172 LEU A N   1 
ATOM   1057 C  CA  . LEU A 1 154 ? -24.401 -5.315  0.201   1.00 31.60 ? 172 LEU A CA  1 
ATOM   1058 C  C   . LEU A 1 154 ? -23.676 -3.965  0.295   1.00 37.36 ? 172 LEU A C   1 
ATOM   1059 O  O   . LEU A 1 154 ? -22.626 -3.754  -0.338  1.00 28.33 ? 172 LEU A O   1 
ATOM   1060 C  CB  . LEU A 1 154 ? -25.607 -5.363  1.165   1.00 40.00 ? 172 LEU A CB  1 
ATOM   1061 C  CG  . LEU A 1 154 ? -26.566 -6.561  1.116   1.00 35.43 ? 172 LEU A CG  1 
ATOM   1062 C  CD1 . LEU A 1 154 ? -26.978 -6.893  -0.316  1.00 41.31 ? 172 LEU A CD1 1 
ATOM   1063 C  CD2 . LEU A 1 154 ? -25.977 -7.789  1.801   1.00 39.08 ? 172 LEU A CD2 1 
HETATM 1064 CL CL  . CL  B 2 .   ? -0.483  7.859   0.504   1.00 20.10 ? 1   CL  A CL  1 
HETATM 1065 O  O   . HOH C 3 .   ? 3.503   4.866   -11.016 1.00 15.27 ? 174 HOH A O   1 
HETATM 1066 O  O   . HOH C 3 .   ? -14.804 -4.269  -13.343 1.00 16.17 ? 175 HOH A O   1 
HETATM 1067 O  O   . HOH C 3 .   ? 9.460   7.505   -1.888  1.00 15.58 ? 176 HOH A O   1 
HETATM 1068 O  O   . HOH C 3 .   ? 2.586   -5.024  4.949   1.00 19.60 ? 177 HOH A O   1 
HETATM 1069 O  O   . HOH C 3 .   ? 17.259  -1.886  14.502  1.00 21.47 ? 178 HOH A O   1 
HETATM 1070 O  O   . HOH C 3 .   ? 6.789   8.285   14.275  1.00 24.27 ? 179 HOH A O   1 
HETATM 1071 O  O   . HOH C 3 .   ? -7.926  -10.779 3.910   1.00 19.85 ? 180 HOH A O   1 
HETATM 1072 O  O   . HOH C 3 .   ? -11.583 7.024   -3.958  1.00 26.23 ? 181 HOH A O   1 
HETATM 1073 O  O   . HOH C 3 .   ? 2.793   -10.639 -1.916  1.00 22.94 ? 182 HOH A O   1 
HETATM 1074 O  O   . HOH C 3 .   ? -8.277  -13.976 -1.907  1.00 24.21 ? 183 HOH A O   1 
HETATM 1075 O  O   . HOH C 3 .   ? 8.641   -12.196 -0.040  1.00 23.86 ? 184 HOH A O   1 
HETATM 1076 O  O   . HOH C 3 .   ? 14.518  -2.683  -12.996 0.50 12.56 ? 185 HOH A O   1 
HETATM 1077 O  O   . HOH C 3 .   ? 8.052   7.123   4.542   1.00 19.17 ? 186 HOH A O   1 
HETATM 1078 O  O   . HOH C 3 .   ? 14.513  9.844   3.748   1.00 26.61 ? 187 HOH A O   1 
HETATM 1079 O  O   . HOH C 3 .   ? 9.124   8.809   -15.278 1.00 21.12 ? 188 HOH A O   1 
HETATM 1080 O  O   . HOH C 3 .   ? -4.735  -9.485  -12.884 1.00 23.33 ? 189 HOH A O   1 
HETATM 1081 O  O   . HOH C 3 .   ? 5.544   7.145   3.246   1.00 22.61 ? 190 HOH A O   1 
HETATM 1082 O  O   . HOH C 3 .   ? -8.467  -11.930 -11.466 1.00 19.57 ? 191 HOH A O   1 
HETATM 1083 O  O   . HOH C 3 .   ? 17.711  -3.797  7.950   1.00 26.39 ? 192 HOH A O   1 
HETATM 1084 O  O   . HOH C 3 .   ? 7.283   1.215   13.423  1.00 27.31 ? 193 HOH A O   1 
HETATM 1085 O  O   . HOH C 3 .   ? -6.519  -12.146 2.045   1.00 22.90 ? 194 HOH A O   1 
HETATM 1086 O  O   . HOH C 3 .   ? 8.579   3.777   -15.127 1.00 35.28 ? 195 HOH A O   1 
HETATM 1087 O  O   . HOH C 3 .   ? 19.899  0.717   12.539  1.00 26.64 ? 196 HOH A O   1 
HETATM 1088 O  O   . HOH C 3 .   ? -1.841  -12.240 3.791   1.00 28.67 ? 197 HOH A O   1 
HETATM 1089 O  O   . HOH C 3 .   ? 11.831  -3.824  10.689  1.00 29.72 ? 198 HOH A O   1 
HETATM 1090 O  O   . HOH C 3 .   ? -1.419  -9.903  1.793   1.00 27.16 ? 199 HOH A O   1 
HETATM 1091 O  O   . HOH C 3 .   ? 13.870  -5.450  -10.514 1.00 27.26 ? 200 HOH A O   1 
HETATM 1092 O  O   . HOH C 3 .   ? -7.451  -5.710  8.266   1.00 27.74 ? 201 HOH A O   1 
HETATM 1093 O  O   . HOH C 3 .   ? -0.255  -0.313  8.529   1.00 29.95 ? 202 HOH A O   1 
HETATM 1094 O  O   . HOH C 3 .   ? 3.804   10.275  -4.992  1.00 24.70 ? 203 HOH A O   1 
HETATM 1095 O  O   . HOH C 3 .   ? 15.546  -5.653  11.244  1.00 37.65 ? 204 HOH A O   1 
HETATM 1096 O  O   . HOH C 3 .   ? -14.521 -6.125  -11.070 1.00 24.63 ? 205 HOH A O   1 
HETATM 1097 O  O   . HOH C 3 .   ? -3.369  -3.143  -6.657  1.00 24.24 ? 206 HOH A O   1 
HETATM 1098 O  O   . HOH C 3 .   ? 2.736   -3.348  -8.468  1.00 21.07 ? 207 HOH A O   1 
HETATM 1099 O  O   . HOH C 3 .   ? 9.541   10.379  -0.542  1.00 22.23 ? 208 HOH A O   1 
HETATM 1100 O  O   . HOH C 3 .   ? 15.851  -6.472  -2.955  1.00 35.13 ? 209 HOH A O   1 
HETATM 1101 O  O   . HOH C 3 .   ? 2.534   9.434   0.516   1.00 30.44 ? 210 HOH A O   1 
HETATM 1102 O  O   . HOH C 3 .   ? 13.660  -6.943  3.494   1.00 21.46 ? 211 HOH A O   1 
HETATM 1103 O  O   . HOH C 3 .   ? 14.085  -3.269  11.905  1.00 29.79 ? 212 HOH A O   1 
HETATM 1104 O  O   . HOH C 3 .   ? 0.087   -6.382  5.212   1.00 26.14 ? 213 HOH A O   1 
HETATM 1105 O  O   . HOH C 3 .   ? 7.810   -5.902  -11.108 1.00 25.79 ? 214 HOH A O   1 
HETATM 1106 O  O   . HOH C 3 .   ? 17.909  -5.049  5.565   1.00 30.80 ? 215 HOH A O   1 
HETATM 1107 O  O   . HOH C 3 .   ? 12.557  -2.366  -8.577  1.00 32.62 ? 216 HOH A O   1 
HETATM 1108 O  O   . HOH C 3 .   ? 10.690  6.586   -14.859 1.00 27.97 ? 217 HOH A O   1 
HETATM 1109 O  O   . HOH C 3 .   ? 11.764  -11.547 1.541   1.00 26.01 ? 218 HOH A O   1 
HETATM 1110 O  O   . HOH C 3 .   ? 15.476  11.797  -3.371  1.00 37.37 ? 219 HOH A O   1 
HETATM 1111 O  O   . HOH C 3 .   ? -5.181  -5.476  -9.100  1.00 32.05 ? 220 HOH A O   1 
HETATM 1112 O  O   . HOH C 3 .   ? 13.680  -8.436  0.988   1.00 24.81 ? 221 HOH A O   1 
HETATM 1113 O  O   . HOH C 3 .   ? -15.671 5.799   -4.467  1.00 50.31 ? 222 HOH A O   1 
HETATM 1114 O  O   . HOH C 3 .   ? 4.702   5.499   17.352  1.00 39.47 ? 223 HOH A O   1 
HETATM 1115 O  O   . HOH C 3 .   ? -20.657 9.229   4.207   1.00 40.56 ? 224 HOH A O   1 
HETATM 1116 O  O   . HOH C 3 .   ? 10.104  -0.573  -7.510  1.00 29.92 ? 225 HOH A O   1 
HETATM 1117 O  O   . HOH C 3 .   ? 18.984  -1.582  1.439   1.00 34.98 ? 226 HOH A O   1 
HETATM 1118 O  O   . HOH C 3 .   ? -11.217 -0.248  11.709  1.00 34.77 ? 227 HOH A O   1 
HETATM 1119 O  O   . HOH C 3 .   ? -5.070  -2.455  -14.734 1.00 43.67 ? 228 HOH A O   1 
HETATM 1120 O  O   . HOH C 3 .   ? 15.641  -11.158 -4.868  1.00 31.63 ? 229 HOH A O   1 
HETATM 1121 O  O   . HOH C 3 .   ? 7.141   14.049  1.874   1.00 33.69 ? 230 HOH A O   1 
HETATM 1122 O  O   . HOH C 3 .   ? -13.901 -2.380  9.911   1.00 42.31 ? 231 HOH A O   1 
HETATM 1123 O  O   . HOH C 3 .   ? -16.548 0.695   -9.475  1.00 30.98 ? 232 HOH A O   1 
HETATM 1124 O  O   . HOH C 3 .   ? -0.369  -13.896 -0.724  1.00 35.93 ? 233 HOH A O   1 
HETATM 1125 O  O   . HOH C 3 .   ? 0.976   5.701   -9.623  1.00 28.65 ? 234 HOH A O   1 
HETATM 1126 O  O   . HOH C 3 .   ? -9.444  8.191   -1.329  1.00 33.31 ? 235 HOH A O   1 
HETATM 1127 O  O   . HOH C 3 .   ? -10.105 0.009   -12.967 1.00 40.62 ? 236 HOH A O   1 
HETATM 1128 O  O   . HOH C 3 .   ? 12.143  -8.233  5.433   1.00 30.48 ? 237 HOH A O   1 
HETATM 1129 O  O   . HOH C 3 .   ? 6.885   -13.184 -2.068  1.00 22.35 ? 238 HOH A O   1 
HETATM 1130 O  O   . HOH C 3 .   ? 0.653   -10.765 -6.124  1.00 29.15 ? 239 HOH A O   1 
HETATM 1131 O  O   . HOH C 3 .   ? 11.561  8.231   14.167  1.00 25.40 ? 240 HOH A O   1 
HETATM 1132 O  O   . HOH C 3 .   ? 10.891  13.550  9.372   1.00 37.05 ? 241 HOH A O   1 
HETATM 1133 O  O   . HOH C 3 .   ? 20.591  -1.005  10.243  1.00 38.30 ? 242 HOH A O   1 
HETATM 1134 O  O   . HOH C 3 .   ? 19.922  -1.323  14.597  1.00 31.81 ? 243 HOH A O   1 
HETATM 1135 O  O   . HOH C 3 .   ? 10.905  -13.727 -0.405  1.00 36.48 ? 244 HOH A O   1 
HETATM 1136 O  O   . HOH C 3 .   ? -1.895  9.158   -4.148  1.00 44.92 ? 245 HOH A O   1 
HETATM 1137 O  O   . HOH C 3 .   ? -2.297  -15.791 -1.963  1.00 31.57 ? 246 HOH A O   1 
HETATM 1138 O  O   . HOH C 3 .   ? 4.177   -12.773 -1.853  1.00 30.12 ? 247 HOH A O   1 
HETATM 1139 O  O   . HOH C 3 .   ? 0.979   5.728   10.345  1.00 33.42 ? 248 HOH A O   1 
HETATM 1140 O  O   . HOH C 3 .   ? 9.558   -9.077  4.535   1.00 33.03 ? 249 HOH A O   1 
HETATM 1141 O  O   . HOH C 3 .   ? 14.892  -11.144 -7.501  1.00 26.18 ? 250 HOH A O   1 
HETATM 1142 O  O   . HOH C 3 .   ? 7.331   -12.696 2.089   1.00 29.25 ? 251 HOH A O   1 
HETATM 1143 O  O   . HOH C 3 .   ? 6.137   10.250  5.995   1.00 46.47 ? 252 HOH A O   1 
HETATM 1144 O  O   . HOH C 3 .   ? 16.291  -6.840  4.152   1.00 38.28 ? 253 HOH A O   1 
HETATM 1145 O  O   . HOH C 3 .   ? 21.313  3.353   12.854  1.00 46.30 ? 254 HOH A O   1 
HETATM 1146 O  O   . HOH C 3 .   ? 20.039  -1.821  8.175   1.00 34.52 ? 255 HOH A O   1 
HETATM 1147 O  O   . HOH C 3 .   ? -4.307  8.247   -4.957  1.00 37.58 ? 256 HOH A O   1 
HETATM 1148 O  O   . HOH C 3 .   ? 17.790  -5.367  9.853   1.00 34.88 ? 257 HOH A O   1 
HETATM 1149 O  O   . HOH C 3 .   ? -7.710  -14.288 0.755   1.00 30.71 ? 258 HOH A O   1 
HETATM 1150 O  O   . HOH C 3 .   ? -13.533 7.169   7.491   1.00 33.53 ? 259 HOH A O   1 
HETATM 1151 O  O   . HOH C 3 .   ? 5.727   -11.177 -5.210  1.00 33.41 ? 260 HOH A O   1 
HETATM 1152 O  O   . HOH C 3 .   ? 2.891   9.822   3.135   1.00 35.91 ? 261 HOH A O   1 
HETATM 1153 O  O   . HOH C 3 .   ? -18.012 7.120   5.603   1.00 30.22 ? 262 HOH A O   1 
HETATM 1154 O  O   . HOH C 3 .   ? -2.561  -8.940  -12.222 1.00 39.51 ? 263 HOH A O   1 
HETATM 1155 O  O   . HOH C 3 .   ? -15.080 -11.359 -6.494  1.00 41.11 ? 264 HOH A O   1 
HETATM 1156 O  O   . HOH C 3 .   ? -20.572 -1.216  -6.906  1.00 33.35 ? 265 HOH A O   1 
HETATM 1157 O  O   . HOH C 3 .   ? -6.690  -15.927 -3.086  1.00 29.86 ? 266 HOH A O   1 
HETATM 1158 O  O   . HOH C 3 .   ? 6.325   -1.504  8.481   1.00 37.45 ? 267 HOH A O   1 
HETATM 1159 O  O   . HOH C 3 .   ? 18.149  -4.993  -2.269  1.00 54.71 ? 268 HOH A O   1 
HETATM 1160 O  O   A HOH C 3 .   ? -8.606  -3.843  -16.326 0.50 20.55 ? 269 HOH A O   1 
HETATM 1161 O  O   . HOH C 3 .   ? -10.041 -10.775 -9.780  1.00 28.57 ? 270 HOH A O   1 
HETATM 1162 O  O   . HOH C 3 .   ? -21.896 0.476   -2.242  1.00 32.97 ? 271 HOH A O   1 
HETATM 1163 O  O   . HOH C 3 .   ? -1.587  5.892   -10.820 1.00 42.23 ? 272 HOH A O   1 
HETATM 1164 O  O   . HOH C 3 .   ? -1.337  -2.498  9.140   1.00 33.57 ? 273 HOH A O   1 
HETATM 1165 O  O   . HOH C 3 .   ? 2.766   -5.846  -9.255  1.00 40.44 ? 274 HOH A O   1 
HETATM 1166 O  O   . HOH C 3 .   ? -2.548  3.529   -12.814 1.00 42.02 ? 275 HOH A O   1 
HETATM 1167 O  O   . HOH C 3 .   ? 8.037   2.268   -17.120 1.00 31.84 ? 276 HOH A O   1 
HETATM 1168 O  O   . HOH C 3 .   ? 9.414   -11.247 3.507   1.00 38.01 ? 277 HOH A O   1 
HETATM 1169 O  O   . HOH C 3 .   ? -7.403  5.800   5.694   1.00 39.31 ? 278 HOH A O   1 
HETATM 1170 O  O   . HOH C 3 .   ? 3.703   -10.386 -4.515  1.00 34.11 ? 279 HOH A O   1 
HETATM 1171 O  O   . HOH C 3 .   ? -7.861  0.016   8.644   1.00 46.55 ? 280 HOH A O   1 
HETATM 1172 O  O   . HOH C 3 .   ? 4.709   7.923   16.174  1.00 31.49 ? 281 HOH A O   1 
HETATM 1173 O  O   . HOH C 3 .   ? -10.371 -12.423 4.308   1.00 42.48 ? 282 HOH A O   1 
HETATM 1174 O  O   . HOH C 3 .   ? 14.586  -13.286 -3.372  1.00 43.87 ? 283 HOH A O   1 
HETATM 1175 O  O   . HOH C 3 .   ? 14.710  10.203  -9.621  1.00 33.13 ? 284 HOH A O   1 
HETATM 1176 O  O   . HOH C 3 .   ? 0.407   8.962   -9.233  1.00 46.59 ? 285 HOH A O   1 
HETATM 1177 O  O   . HOH C 3 .   ? -10.918 5.792   -8.440  1.00 36.24 ? 286 HOH A O   1 
HETATM 1178 O  O   . HOH C 3 .   ? 20.959  4.268   5.527   1.00 34.29 ? 287 HOH A O   1 
HETATM 1179 O  O   . HOH C 3 .   ? 1.318   10.407  -6.042  1.00 45.59 ? 288 HOH A O   1 
HETATM 1180 O  O   . HOH C 3 .   ? -5.572  6.791   3.914   1.00 47.95 ? 289 HOH A O   1 
HETATM 1181 O  O   . HOH C 3 .   ? 21.162  1.401   -2.896  1.00 40.86 ? 290 HOH A O   1 
HETATM 1182 O  O   . HOH C 3 .   ? -16.081 -11.219 -9.195  1.00 36.91 ? 291 HOH A O   1 
HETATM 1183 O  O   . HOH C 3 .   ? 4.627   -12.534 2.018   1.00 30.62 ? 292 HOH A O   1 
HETATM 1184 O  O   . HOH C 3 .   ? 19.487  -5.160  12.737  1.00 41.31 ? 293 HOH A O   1 
HETATM 1185 O  O   . HOH C 3 .   ? -10.646 10.155  0.069   1.00 36.71 ? 294 HOH A O   1 
HETATM 1186 O  O   . HOH C 3 .   ? -15.639 -8.805  0.627   1.00 45.52 ? 295 HOH A O   1 
HETATM 1187 O  O   . HOH C 3 .   ? -5.635  -7.065  -13.411 1.00 41.44 ? 296 HOH A O   1 
HETATM 1188 O  O   . HOH C 3 .   ? -3.438  -6.561  -11.580 1.00 42.20 ? 297 HOH A O   1 
HETATM 1189 O  O   . HOH C 3 .   ? 5.228   9.947   10.808  1.00 39.67 ? 298 HOH A O   1 
HETATM 1190 O  O   . HOH C 3 .   ? 0.601   -7.211  -9.917  1.00 36.61 ? 299 HOH A O   1 
HETATM 1191 O  O   . HOH C 3 .   ? -5.868  4.388   7.083   1.00 46.70 ? 300 HOH A O   1 
HETATM 1192 O  O   . HOH C 3 .   ? 15.488  -7.459  -12.123 1.00 38.87 ? 301 HOH A O   1 
HETATM 1193 O  O   . HOH C 3 .   ? -19.248 -13.455 -1.678  1.00 40.12 ? 302 HOH A O   1 
HETATM 1194 O  O   . HOH C 3 .   ? 20.728  -3.001  12.303  1.00 42.64 ? 303 HOH A O   1 
HETATM 1195 O  O   . HOH C 3 .   ? -19.296 0.550   -8.508  1.00 48.44 ? 304 HOH A O   1 
HETATM 1196 O  O   . HOH C 3 .   ? 8.465   10.176  -10.900 1.00 44.25 ? 305 HOH A O   1 
HETATM 1197 O  O   . HOH C 3 .   ? 16.499  11.461  -7.363  1.00 40.55 ? 306 HOH A O   1 
HETATM 1198 O  O   . HOH C 3 .   ? -12.281 -0.068  -14.262 1.00 36.78 ? 307 HOH A O   1 
HETATM 1199 O  O   . HOH C 3 .   ? -23.169 -14.371 -6.752  1.00 50.05 ? 308 HOH A O   1 
HETATM 1200 O  O   . HOH C 3 .   ? -2.960  3.908   8.260   1.00 34.97 ? 309 HOH A O   1 
HETATM 1201 O  O   . HOH C 3 .   ? -13.556 -8.224  5.657   1.00 34.77 ? 310 HOH A O   1 
HETATM 1202 O  O   . HOH C 3 .   ? 19.801  6.748   -8.732  1.00 39.43 ? 311 HOH A O   1 
HETATM 1203 O  O   . HOH C 3 .   ? -19.266 -2.921  11.244  1.00 47.65 ? 312 HOH A O   1 
HETATM 1204 O  O   . HOH C 3 .   ? -10.967 8.472   6.331   1.00 41.22 ? 313 HOH A O   1 
HETATM 1205 O  O   . HOH C 3 .   ? 2.221   0.284   -12.720 1.00 43.58 ? 314 HOH A O   1 
HETATM 1206 O  O   . HOH C 3 .   ? -0.587  8.120   3.839   1.00 37.61 ? 315 HOH A O   1 
HETATM 1207 O  O   . HOH C 3 .   ? 11.861  13.951  6.867   1.00 57.23 ? 316 HOH A O   1 
HETATM 1208 O  O   . HOH C 3 .   ? 20.022  -4.083  4.433   1.00 42.79 ? 317 HOH A O   1 
HETATM 1209 O  O   . HOH C 3 .   ? 9.858   12.984  -12.753 1.00 43.73 ? 318 HOH A O   1 
HETATM 1210 O  O   . HOH C 3 .   ? 5.970   12.718  -2.020  1.00 42.81 ? 319 HOH A O   1 
HETATM 1211 O  O   . HOH C 3 .   ? 19.000  9.917   16.007  1.00 56.60 ? 320 HOH A O   1 
HETATM 1212 O  O   . HOH C 3 .   ? -7.825  0.664   -14.787 1.00 41.26 ? 321 HOH A O   1 
HETATM 1213 O  O   . HOH C 3 .   ? -18.348 -11.717 -0.153  1.00 37.62 ? 322 HOH A O   1 
HETATM 1214 O  O   . HOH C 3 .   ? -10.900 -14.111 -2.355  1.00 49.37 ? 323 HOH A O   1 
HETATM 1215 O  O   . HOH C 3 .   ? -1.467  9.710   -1.727  1.00 44.17 ? 324 HOH A O   1 
HETATM 1216 O  O   . HOH C 3 .   ? -4.948  -15.996 1.445   1.00 48.61 ? 325 HOH A O   1 
HETATM 1217 O  O   . HOH C 3 .   ? -10.499 -8.614  -11.156 1.00 37.42 ? 326 HOH A O   1 
HETATM 1218 O  O   . HOH C 3 .   ? 21.492  6.984   -4.461  1.00 34.36 ? 327 HOH A O   1 
HETATM 1219 O  O   . HOH C 3 .   ? 19.181  8.381   9.317   1.00 44.21 ? 328 HOH A O   1 
HETATM 1220 O  O   . HOH C 3 .   ? -13.748 -11.116 1.092   1.00 44.08 ? 329 HOH A O   1 
HETATM 1221 O  O   . HOH C 3 .   ? 20.979  3.096   -8.910  1.00 39.23 ? 330 HOH A O   1 
HETATM 1222 O  O   . HOH C 3 .   ? 9.755   12.949  0.339   1.00 54.24 ? 331 HOH A O   1 
HETATM 1223 O  O   . HOH C 3 .   ? -4.972  9.975   0.243   1.00 50.96 ? 332 HOH A O   1 
HETATM 1224 O  O   . HOH C 3 .   ? 12.504  -14.402 -2.458  1.00 42.77 ? 333 HOH A O   1 
HETATM 1225 O  O   . HOH C 3 .   ? -11.883 -9.730  7.818   1.00 54.66 ? 334 HOH A O   1 
HETATM 1226 O  O   . HOH C 3 .   ? 22.180  2.999   1.491   1.00 44.91 ? 335 HOH A O   1 
HETATM 1227 O  O   . HOH C 3 .   ? -3.031  1.508   8.401   1.00 36.95 ? 336 HOH A O   1 
HETATM 1228 O  O   . HOH C 3 .   ? 20.105  -7.684  2.872   1.00 51.26 ? 337 HOH A O   1 
HETATM 1229 O  O   . HOH C 3 .   ? -0.361  7.409   8.630   1.00 49.34 ? 338 HOH A O   1 
HETATM 1230 O  O   B HOH C 3 .   ? -7.876  -2.725  -17.492 0.50 29.50 ? 339 HOH A O   1 
HETATM 1231 O  O   . HOH C 3 .   ? -6.119  8.472   -7.235  1.00 53.10 ? 340 HOH A O   1 
HETATM 1232 O  O   . HOH C 3 .   ? -21.372 -2.442  -9.508  1.00 46.96 ? 341 HOH A O   1 
HETATM 1233 O  O   . HOH C 3 .   ? 4.595   9.207   18.304  0.50 37.15 ? 342 HOH A O   1 
HETATM 1234 O  O   . HOH C 3 .   ? 14.596  9.119   17.253  1.00 44.71 ? 343 HOH A O   1 
# 
loop_
_pdbx_poly_seq_scheme.asym_id 
_pdbx_poly_seq_scheme.entity_id 
_pdbx_poly_seq_scheme.seq_id 
_pdbx_poly_seq_scheme.mon_id 
_pdbx_poly_seq_scheme.ndb_seq_num 
_pdbx_poly_seq_scheme.pdb_seq_num 
_pdbx_poly_seq_scheme.auth_seq_num 
_pdbx_poly_seq_scheme.pdb_mon_id 
_pdbx_poly_seq_scheme.auth_mon_id 
_pdbx_poly_seq_scheme.pdb_strand_id 
_pdbx_poly_seq_scheme.pdb_ins_code 
_pdbx_poly_seq_scheme.hetero 
A 1 1   MET 1   19  ?   ?   ?   A . n 
A 1 2   HIS 2   20  ?   ?   ?   A . n 
A 1 3   HIS 3   21  ?   ?   ?   A . n 
A 1 4   HIS 4   22  ?   ?   ?   A . n 
A 1 5   HIS 5   23  ?   ?   ?   A . n 
A 1 6   HIS 6   24  ?   ?   ?   A . n 
A 1 7   HIS 7   25  ?   ?   ?   A . n 
A 1 8   SER 8   26  ?   ?   ?   A . n 
A 1 9   SER 9   27  ?   ?   ?   A . n 
A 1 10  GLY 10  28  ?   ?   ?   A . n 
A 1 11  VAL 11  29  ?   ?   ?   A . n 
A 1 12  ASP 12  30  ?   ?   ?   A . n 
A 1 13  LEU 13  31  ?   ?   ?   A . n 
A 1 14  GLY 14  32  ?   ?   ?   A . n 
A 1 15  THR 15  33  ?   ?   ?   A . n 
A 1 16  GLU 16  34  ?   ?   ?   A . n 
A 1 17  ASN 17  35  ?   ?   ?   A . n 
A 1 18  LEU 18  36  ?   ?   ?   A . n 
A 1 19  TYR 19  37  ?   ?   ?   A . n 
A 1 20  PHE 20  38  ?   ?   ?   A . n 
A 1 21  GLN 21  39  ?   ?   ?   A . n 
A 1 22  SER 22  40  ?   ?   ?   A . n 
A 1 23  MET 23  41  ?   ?   ?   A . n 
A 1 24  LEU 24  42  ?   ?   ?   A . n 
A 1 25  LYS 25  43  ?   ?   ?   A . n 
A 1 26  ARG 26  44  ?   ?   ?   A . n 
A 1 27  LEU 27  45  ?   ?   ?   A . n 
A 1 28  SER 28  46  46  SER SER A . n 
A 1 29  THR 29  47  47  THR THR A . n 
A 1 30  GLU 30  48  48  GLU GLU A . n 
A 1 31  GLU 31  49  49  GLU GLU A . n 
A 1 32  ALA 32  50  50  ALA ALA A . n 
A 1 33  THR 33  51  51  THR THR A . n 
A 1 34  ARG 34  52  52  ARG ARG A . n 
A 1 35  TRP 35  53  53  TRP TRP A . n 
A 1 36  ALA 36  54  54  ALA ALA A . n 
A 1 37  ASP 37  55  55  ASP ASP A . n 
A 1 38  SER 38  56  56  SER SER A . n 
A 1 39  PHE 39  57  57  PHE PHE A . n 
A 1 40  ASP 40  58  58  ASP ASP A . n 
A 1 41  VAL 41  59  59  VAL VAL A . n 
A 1 42  LEU 42  60  60  LEU LEU A . n 
A 1 43  LEU 43  61  61  LEU LEU A . n 
A 1 44  SER 44  62  62  SER SER A . n 
A 1 45  HIS 45  63  63  HIS HIS A . n 
A 1 46  LYS 46  64  64  LYS LYS A . n 
A 1 47  TYR 47  65  65  TYR TYR A . n 
A 1 48  GLY 48  66  66  GLY GLY A . n 
A 1 49  VAL 49  67  67  VAL VAL A . n 
A 1 50  ALA 50  68  68  ALA ALA A . n 
A 1 51  ALA 51  69  69  ALA ALA A . n 
A 1 52  PHE 52  70  70  PHE PHE A . n 
A 1 53  ARG 53  71  71  ARG ARG A . n 
A 1 54  ALA 54  72  72  ALA ALA A . n 
A 1 55  PHE 55  73  73  PHE PHE A . n 
A 1 56  LEU 56  74  74  LEU LEU A . n 
A 1 57  LYS 57  75  75  LYS LYS A . n 
A 1 58  THR 58  76  76  THR THR A . n 
A 1 59  GLU 59  77  77  GLU GLU A . n 
A 1 60  PHE 60  78  78  PHE PHE A . n 
A 1 61  SER 61  79  79  SER SER A . n 
A 1 62  GLU 62  80  80  GLU GLU A . n 
A 1 63  GLU 63  81  81  GLU GLU A . n 
A 1 64  ASN 64  82  82  ASN ASN A . n 
A 1 65  LEU 65  83  83  LEU LEU A . n 
A 1 66  GLU 66  84  84  GLU GLU A . n 
A 1 67  PHE 67  85  85  PHE PHE A . n 
A 1 68  TRP 68  86  86  TRP TRP A . n 
A 1 69  LEU 69  87  87  LEU LEU A . n 
A 1 70  ALA 70  88  88  ALA ALA A . n 
A 1 71  CYS 71  89  89  CYS CYS A . n 
A 1 72  GLU 72  90  90  GLU GLU A . n 
A 1 73  GLU 73  91  91  GLU GLU A . n 
A 1 74  PHE 74  92  92  PHE PHE A . n 
A 1 75  LYS 75  93  93  LYS LYS A . n 
A 1 76  LYS 76  94  94  LYS LYS A . n 
A 1 77  THR 77  95  95  THR THR A . n 
A 1 78  ARG 78  96  96  ARG ARG A . n 
A 1 79  SER 79  97  97  SER SER A . n 
A 1 80  THR 80  98  98  THR THR A . n 
A 1 81  ALA 81  99  99  ALA ALA A . n 
A 1 82  LYS 82  100 100 LYS LYS A . n 
A 1 83  LEU 83  101 101 LEU LEU A . n 
A 1 84  VAL 84  102 102 VAL VAL A . n 
A 1 85  SER 85  103 103 SER SER A . n 
A 1 86  LYS 86  104 104 LYS LYS A . n 
A 1 87  ALA 87  105 105 ALA ALA A . n 
A 1 88  HIS 88  106 106 HIS HIS A . n 
A 1 89  ARG 89  107 107 ARG ARG A . n 
A 1 90  ILE 90  108 108 ILE ILE A . n 
A 1 91  PHE 91  109 109 PHE PHE A . n 
A 1 92  GLU 92  110 110 GLU GLU A . n 
A 1 93  GLU 93  111 111 GLU GLU A . n 
A 1 94  PHE 94  112 112 PHE PHE A . n 
A 1 95  VAL 95  113 113 VAL VAL A . n 
A 1 96  ASP 96  114 114 ASP ASP A . n 
A 1 97  VAL 97  115 115 VAL VAL A . n 
A 1 98  GLN 98  116 116 GLN GLN A . n 
A 1 99  ALA 99  117 117 ALA ALA A . n 
A 1 100 PRO 100 118 118 PRO PRO A . n 
A 1 101 ARG 101 119 119 ARG ARG A . n 
A 1 102 GLU 102 120 120 GLU GLU A . n 
A 1 103 VAL 103 121 121 VAL VAL A . n 
A 1 104 ASN 104 122 122 ASN ASN A . n 
A 1 105 ILE 105 123 123 ILE ILE A . n 
A 1 106 ASP 106 124 124 ASP ASP A . n 
A 1 107 PHE 107 125 125 PHE PHE A . n 
A 1 108 GLN 108 126 126 GLN GLN A . n 
A 1 109 THR 109 127 127 THR THR A . n 
A 1 110 ARG 110 128 128 ARG ARG A . n 
A 1 111 GLU 111 129 129 GLU GLU A . n 
A 1 112 ALA 112 130 130 ALA ALA A . n 
A 1 113 THR 113 131 131 THR THR A . n 
A 1 114 ARG 114 132 132 ARG ARG A . n 
A 1 115 LYS 115 133 133 LYS LYS A . n 
A 1 116 ASN 116 134 134 ASN ASN A . n 
A 1 117 LEU 117 135 135 LEU LEU A . n 
A 1 118 GLN 118 136 136 GLN GLN A . n 
A 1 119 GLU 119 137 137 GLU GLU A . n 
A 1 120 PRO 120 138 138 PRO PRO A . n 
A 1 121 SER 121 139 139 SER SER A . n 
A 1 122 LEU 122 140 140 LEU LEU A . n 
A 1 123 THR 123 141 141 THR THR A . n 
A 1 124 CYS 124 142 142 CYS CYS A . n 
A 1 125 PHE 125 143 143 PHE PHE A . n 
A 1 126 ASP 126 144 144 ASP ASP A . n 
A 1 127 GLN 127 145 145 GLN GLN A . n 
A 1 128 ALA 128 146 146 ALA ALA A . n 
A 1 129 GLN 129 147 147 GLN GLN A . n 
A 1 130 GLY 130 148 148 GLY GLY A . n 
A 1 131 LYS 131 149 149 LYS LYS A . n 
A 1 132 VAL 132 150 150 VAL VAL A . n 
A 1 133 HIS 133 151 151 HIS HIS A . n 
A 1 134 SER 134 152 152 SER SER A . n 
A 1 135 LEU 135 153 153 LEU LEU A . n 
A 1 136 MET 136 154 154 MET MET A . n 
A 1 137 GLU 137 155 155 GLU GLU A . n 
A 1 138 LYS 138 156 156 LYS LYS A . n 
A 1 139 ASP 139 157 157 ASP ASP A . n 
A 1 140 SER 140 158 158 SER SER A . n 
A 1 141 TYR 141 159 159 TYR TYR A . n 
A 1 142 PRO 142 160 160 PRO PRO A . n 
A 1 143 ARG 143 161 161 ARG ARG A . n 
A 1 144 PHE 144 162 162 PHE PHE A . n 
A 1 145 LEU 145 163 163 LEU LEU A . n 
A 1 146 ARG 146 164 164 ARG ARG A . n 
A 1 147 SER 147 165 165 SER SER A . n 
A 1 148 LYS 148 166 166 LYS LYS A . n 
A 1 149 MET 149 167 167 MET MET A . n 
A 1 150 TYR 150 168 168 TYR TYR A . n 
A 1 151 LEU 151 169 169 LEU LEU A . n 
A 1 152 ASP 152 170 170 ASP ASP A . n 
A 1 153 LEU 153 171 171 LEU LEU A . n 
A 1 154 LEU 154 172 172 LEU LEU A . n 
A 1 155 SER 155 173 ?   ?   ?   A . n 
# 
_pdbx_SG_project.id                    1 
_pdbx_SG_project.project_name          ? 
_pdbx_SG_project.full_name_of_center   'Structural Genomics Consortium' 
_pdbx_SG_project.initial_of_center     SGC 
# 
loop_
_pdbx_nonpoly_scheme.asym_id 
_pdbx_nonpoly_scheme.entity_id 
_pdbx_nonpoly_scheme.mon_id 
_pdbx_nonpoly_scheme.ndb_seq_num 
_pdbx_nonpoly_scheme.pdb_seq_num 
_pdbx_nonpoly_scheme.auth_seq_num 
_pdbx_nonpoly_scheme.pdb_mon_id 
_pdbx_nonpoly_scheme.auth_mon_id 
_pdbx_nonpoly_scheme.pdb_strand_id 
_pdbx_nonpoly_scheme.pdb_ins_code 
B 2 CL  1   1   1   CL  CL  A . 
C 3 HOH 1   174 2   HOH HOH A . 
C 3 HOH 2   175 3   HOH HOH A . 
C 3 HOH 3   176 4   HOH HOH A . 
C 3 HOH 4   177 5   HOH HOH A . 
C 3 HOH 5   178 6   HOH HOH A . 
C 3 HOH 6   179 7   HOH HOH A . 
C 3 HOH 7   180 8   HOH HOH A . 
C 3 HOH 8   181 9   HOH HOH A . 
C 3 HOH 9   182 10  HOH HOH A . 
C 3 HOH 10  183 11  HOH HOH A . 
C 3 HOH 11  184 12  HOH HOH A . 
C 3 HOH 12  185 13  HOH HOH A . 
C 3 HOH 13  186 14  HOH HOH A . 
C 3 HOH 14  187 15  HOH HOH A . 
C 3 HOH 15  188 16  HOH HOH A . 
C 3 HOH 16  189 17  HOH HOH A . 
C 3 HOH 17  190 18  HOH HOH A . 
C 3 HOH 18  191 19  HOH HOH A . 
C 3 HOH 19  192 20  HOH HOH A . 
C 3 HOH 20  193 21  HOH HOH A . 
C 3 HOH 21  194 22  HOH HOH A . 
C 3 HOH 22  195 23  HOH HOH A . 
C 3 HOH 23  196 24  HOH HOH A . 
C 3 HOH 24  197 25  HOH HOH A . 
C 3 HOH 25  198 26  HOH HOH A . 
C 3 HOH 26  199 27  HOH HOH A . 
C 3 HOH 27  200 28  HOH HOH A . 
C 3 HOH 28  201 29  HOH HOH A . 
C 3 HOH 29  202 30  HOH HOH A . 
C 3 HOH 30  203 31  HOH HOH A . 
C 3 HOH 31  204 32  HOH HOH A . 
C 3 HOH 32  205 33  HOH HOH A . 
C 3 HOH 33  206 34  HOH HOH A . 
C 3 HOH 34  207 35  HOH HOH A . 
C 3 HOH 35  208 36  HOH HOH A . 
C 3 HOH 36  209 37  HOH HOH A . 
C 3 HOH 37  210 39  HOH HOH A . 
C 3 HOH 38  211 40  HOH HOH A . 
C 3 HOH 39  212 41  HOH HOH A . 
C 3 HOH 40  213 42  HOH HOH A . 
C 3 HOH 41  214 43  HOH HOH A . 
C 3 HOH 42  215 44  HOH HOH A . 
C 3 HOH 43  216 45  HOH HOH A . 
C 3 HOH 44  217 46  HOH HOH A . 
C 3 HOH 45  218 48  HOH HOH A . 
C 3 HOH 46  219 49  HOH HOH A . 
C 3 HOH 47  220 50  HOH HOH A . 
C 3 HOH 48  221 51  HOH HOH A . 
C 3 HOH 49  222 52  HOH HOH A . 
C 3 HOH 50  223 53  HOH HOH A . 
C 3 HOH 51  224 54  HOH HOH A . 
C 3 HOH 52  225 55  HOH HOH A . 
C 3 HOH 53  226 56  HOH HOH A . 
C 3 HOH 54  227 57  HOH HOH A . 
C 3 HOH 55  228 58  HOH HOH A . 
C 3 HOH 56  229 59  HOH HOH A . 
C 3 HOH 57  230 60  HOH HOH A . 
C 3 HOH 58  231 61  HOH HOH A . 
C 3 HOH 59  232 62  HOH HOH A . 
C 3 HOH 60  233 63  HOH HOH A . 
C 3 HOH 61  234 64  HOH HOH A . 
C 3 HOH 62  235 66  HOH HOH A . 
C 3 HOH 63  236 67  HOH HOH A . 
C 3 HOH 64  237 68  HOH HOH A . 
C 3 HOH 65  238 69  HOH HOH A . 
C 3 HOH 66  239 70  HOH HOH A . 
C 3 HOH 67  240 71  HOH HOH A . 
C 3 HOH 68  241 72  HOH HOH A . 
C 3 HOH 69  242 73  HOH HOH A . 
C 3 HOH 70  243 74  HOH HOH A . 
C 3 HOH 71  244 75  HOH HOH A . 
C 3 HOH 72  245 76  HOH HOH A . 
C 3 HOH 73  246 77  HOH HOH A . 
C 3 HOH 74  247 78  HOH HOH A . 
C 3 HOH 75  248 79  HOH HOH A . 
C 3 HOH 76  249 80  HOH HOH A . 
C 3 HOH 77  250 81  HOH HOH A . 
C 3 HOH 78  251 82  HOH HOH A . 
C 3 HOH 79  252 84  HOH HOH A . 
C 3 HOH 80  253 85  HOH HOH A . 
C 3 HOH 81  254 86  HOH HOH A . 
C 3 HOH 82  255 87  HOH HOH A . 
C 3 HOH 83  256 88  HOH HOH A . 
C 3 HOH 84  257 90  HOH HOH A . 
C 3 HOH 85  258 91  HOH HOH A . 
C 3 HOH 86  259 92  HOH HOH A . 
C 3 HOH 87  260 93  HOH HOH A . 
C 3 HOH 88  261 94  HOH HOH A . 
C 3 HOH 89  262 95  HOH HOH A . 
C 3 HOH 90  263 96  HOH HOH A . 
C 3 HOH 91  264 97  HOH HOH A . 
C 3 HOH 92  265 98  HOH HOH A . 
C 3 HOH 93  266 99  HOH HOH A . 
C 3 HOH 94  267 100 HOH HOH A . 
C 3 HOH 95  268 101 HOH HOH A . 
C 3 HOH 96  269 103 HOH HOH A . 
C 3 HOH 97  270 104 HOH HOH A . 
C 3 HOH 98  271 105 HOH HOH A . 
C 3 HOH 99  272 106 HOH HOH A . 
C 3 HOH 100 273 108 HOH HOH A . 
C 3 HOH 101 274 109 HOH HOH A . 
C 3 HOH 102 275 110 HOH HOH A . 
C 3 HOH 103 276 111 HOH HOH A . 
C 3 HOH 104 277 112 HOH HOH A . 
C 3 HOH 105 278 113 HOH HOH A . 
C 3 HOH 106 279 114 HOH HOH A . 
C 3 HOH 107 280 115 HOH HOH A . 
C 3 HOH 108 281 116 HOH HOH A . 
C 3 HOH 109 282 117 HOH HOH A . 
C 3 HOH 110 283 118 HOH HOH A . 
C 3 HOH 111 284 119 HOH HOH A . 
C 3 HOH 112 285 120 HOH HOH A . 
C 3 HOH 113 286 121 HOH HOH A . 
C 3 HOH 114 287 122 HOH HOH A . 
C 3 HOH 115 288 123 HOH HOH A . 
C 3 HOH 116 289 124 HOH HOH A . 
C 3 HOH 117 290 125 HOH HOH A . 
C 3 HOH 118 291 126 HOH HOH A . 
C 3 HOH 119 292 127 HOH HOH A . 
C 3 HOH 120 293 128 HOH HOH A . 
C 3 HOH 121 294 130 HOH HOH A . 
C 3 HOH 122 295 131 HOH HOH A . 
C 3 HOH 123 296 132 HOH HOH A . 
C 3 HOH 124 297 133 HOH HOH A . 
C 3 HOH 125 298 134 HOH HOH A . 
C 3 HOH 126 299 135 HOH HOH A . 
C 3 HOH 127 300 136 HOH HOH A . 
C 3 HOH 128 301 138 HOH HOH A . 
C 3 HOH 129 302 140 HOH HOH A . 
C 3 HOH 130 303 141 HOH HOH A . 
C 3 HOH 131 304 142 HOH HOH A . 
C 3 HOH 132 305 143 HOH HOH A . 
C 3 HOH 133 306 144 HOH HOH A . 
C 3 HOH 134 307 145 HOH HOH A . 
C 3 HOH 135 308 146 HOH HOH A . 
C 3 HOH 136 309 147 HOH HOH A . 
C 3 HOH 137 310 149 HOH HOH A . 
C 3 HOH 138 311 150 HOH HOH A . 
C 3 HOH 139 312 151 HOH HOH A . 
C 3 HOH 140 313 152 HOH HOH A . 
C 3 HOH 141 314 153 HOH HOH A . 
C 3 HOH 142 315 154 HOH HOH A . 
C 3 HOH 143 316 155 HOH HOH A . 
C 3 HOH 144 317 156 HOH HOH A . 
C 3 HOH 145 318 159 HOH HOH A . 
C 3 HOH 146 319 160 HOH HOH A . 
C 3 HOH 147 320 161 HOH HOH A . 
C 3 HOH 148 321 162 HOH HOH A . 
C 3 HOH 149 322 163 HOH HOH A . 
C 3 HOH 150 323 167 HOH HOH A . 
C 3 HOH 151 324 168 HOH HOH A . 
C 3 HOH 152 325 169 HOH HOH A . 
C 3 HOH 153 326 171 HOH HOH A . 
C 3 HOH 154 327 172 HOH HOH A . 
C 3 HOH 155 328 173 HOH HOH A . 
C 3 HOH 156 329 174 HOH HOH A . 
C 3 HOH 157 330 176 HOH HOH A . 
C 3 HOH 158 331 178 HOH HOH A . 
C 3 HOH 159 332 179 HOH HOH A . 
C 3 HOH 160 333 182 HOH HOH A . 
C 3 HOH 161 334 183 HOH HOH A . 
C 3 HOH 162 335 184 HOH HOH A . 
C 3 HOH 163 336 185 HOH HOH A . 
C 3 HOH 164 337 186 HOH HOH A . 
C 3 HOH 165 338 188 HOH HOH A . 
C 3 HOH 166 339 190 HOH HOH A . 
C 3 HOH 167 340 191 HOH HOH A . 
C 3 HOH 168 341 193 HOH HOH A . 
C 3 HOH 169 342 194 HOH HOH A . 
C 3 HOH 170 343 195 HOH HOH A . 
# 
_pdbx_struct_assembly.id                   1 
_pdbx_struct_assembly.details              author_defined_assembly 
_pdbx_struct_assembly.method_details       ? 
_pdbx_struct_assembly.oligomeric_details   monomeric 
_pdbx_struct_assembly.oligomeric_count     1 
# 
_pdbx_struct_assembly_gen.assembly_id       1 
_pdbx_struct_assembly_gen.oper_expression   1 
_pdbx_struct_assembly_gen.asym_id_list      A,B,C 
# 
_pdbx_struct_oper_list.id                   1 
_pdbx_struct_oper_list.type                 'identity operation' 
_pdbx_struct_oper_list.name                 1_555 
_pdbx_struct_oper_list.symmetry_operation   x,y,z 
_pdbx_struct_oper_list.matrix[1][1]         1.0000000000 
_pdbx_struct_oper_list.matrix[1][2]         0.0000000000 
_pdbx_struct_oper_list.matrix[1][3]         0.0000000000 
_pdbx_struct_oper_list.vector[1]            0.0000000000 
_pdbx_struct_oper_list.matrix[2][1]         0.0000000000 
_pdbx_struct_oper_list.matrix[2][2]         1.0000000000 
_pdbx_struct_oper_list.matrix[2][3]         0.0000000000 
_pdbx_struct_oper_list.vector[2]            0.0000000000 
_pdbx_struct_oper_list.matrix[3][1]         0.0000000000 
_pdbx_struct_oper_list.matrix[3][2]         0.0000000000 
_pdbx_struct_oper_list.matrix[3][3]         1.0000000000 
_pdbx_struct_oper_list.vector[3]            0.0000000000 
# 
_pdbx_struct_special_symmetry.id              1 
_pdbx_struct_special_symmetry.PDB_model_num   1 
_pdbx_struct_special_symmetry.auth_asym_id    A 
_pdbx_struct_special_symmetry.auth_comp_id    HOH 
_pdbx_struct_special_symmetry.auth_seq_id     342 
_pdbx_struct_special_symmetry.PDB_ins_code    ? 
_pdbx_struct_special_symmetry.label_asym_id   C 
_pdbx_struct_special_symmetry.label_comp_id   HOH 
_pdbx_struct_special_symmetry.label_seq_id    . 
# 
loop_
_pdbx_audit_revision_history.ordinal 
_pdbx_audit_revision_history.data_content_type 
_pdbx_audit_revision_history.major_revision 
_pdbx_audit_revision_history.minor_revision 
_pdbx_audit_revision_history.revision_date 
1 'Structure model' 1 0 2006-11-21 
2 'Structure model' 1 1 2008-05-01 
3 'Structure model' 1 2 2011-07-13 
4 'Structure model' 1 3 2023-08-30 
# 
_pdbx_audit_revision_details.ordinal             1 
_pdbx_audit_revision_details.revision_ordinal    1 
_pdbx_audit_revision_details.data_content_type   'Structure model' 
_pdbx_audit_revision_details.provider            repository 
_pdbx_audit_revision_details.type                'Initial release' 
_pdbx_audit_revision_details.description         ? 
_pdbx_audit_revision_details.details             ? 
# 
loop_
_pdbx_audit_revision_group.ordinal 
_pdbx_audit_revision_group.revision_ordinal 
_pdbx_audit_revision_group.data_content_type 
_pdbx_audit_revision_group.group 
1 2 'Structure model' 'Version format compliance' 
2 3 'Structure model' Advisory                    
3 3 'Structure model' 'Version format compliance' 
4 4 'Structure model' 'Data collection'           
5 4 'Structure model' 'Database references'       
6 4 'Structure model' 'Derived calculations'      
7 4 'Structure model' 'Refinement description'    
# 
loop_
_pdbx_audit_revision_category.ordinal 
_pdbx_audit_revision_category.revision_ordinal 
_pdbx_audit_revision_category.data_content_type 
_pdbx_audit_revision_category.category 
1 4 'Structure model' chem_comp_atom                
2 4 'Structure model' chem_comp_bond                
3 4 'Structure model' database_2                    
4 4 'Structure model' pdbx_initial_refinement_model 
5 4 'Structure model' struct_ref_seq_dif            
6 4 'Structure model' struct_site                   
# 
loop_
_pdbx_audit_revision_item.ordinal 
_pdbx_audit_revision_item.revision_ordinal 
_pdbx_audit_revision_item.data_content_type 
_pdbx_audit_revision_item.item 
1 4 'Structure model' '_database_2.pdbx_DOI'                
2 4 'Structure model' '_database_2.pdbx_database_accession' 
3 4 'Structure model' '_struct_ref_seq_dif.details'         
4 4 'Structure model' '_struct_site.pdbx_auth_asym_id'      
5 4 'Structure model' '_struct_site.pdbx_auth_comp_id'      
6 4 'Structure model' '_struct_site.pdbx_auth_seq_id'       
# 
loop_
_pdbx_refine_tls.id 
_pdbx_refine_tls.details 
_pdbx_refine_tls.method 
_pdbx_refine_tls.origin_x 
_pdbx_refine_tls.origin_y 
_pdbx_refine_tls.origin_z 
_pdbx_refine_tls.T[1][1] 
_pdbx_refine_tls.T[2][2] 
_pdbx_refine_tls.T[3][3] 
_pdbx_refine_tls.T[1][2] 
_pdbx_refine_tls.T[1][3] 
_pdbx_refine_tls.T[2][3] 
_pdbx_refine_tls.L[1][1] 
_pdbx_refine_tls.L[2][2] 
_pdbx_refine_tls.L[3][3] 
_pdbx_refine_tls.L[1][2] 
_pdbx_refine_tls.L[1][3] 
_pdbx_refine_tls.L[2][3] 
_pdbx_refine_tls.S[1][1] 
_pdbx_refine_tls.S[1][2] 
_pdbx_refine_tls.S[1][3] 
_pdbx_refine_tls.S[2][1] 
_pdbx_refine_tls.S[2][2] 
_pdbx_refine_tls.S[2][3] 
_pdbx_refine_tls.S[3][1] 
_pdbx_refine_tls.S[3][2] 
_pdbx_refine_tls.S[3][3] 
_pdbx_refine_tls.pdbx_refine_id 
1 ? refined -13.0042 -1.4320 2.8950  0.1256  0.1583 0.1381  0.0594  0.0472  -0.0379 4.7930  5.2948 1.8531 -0.9354 -0.8986 -0.0461 0.0635  -0.3406 0.2050  0.4789  0.0955  0.6116  -0.2817 -0.4419 -0.1591 'X-RAY DIFFRACTION' 
2 ? refined -1.1905  -5.7068 -2.6678 0.0475  0.0572 0.0700  0.0051  -0.0112 -0.0289 2.6631  2.6022 2.8697 2.3803  2.1307  1.7463  0.0318  0.0700  -0.1850 -0.0405 -0.0589 0.1435  0.0197  -0.0450 0.0271  'X-RAY DIFFRACTION' 
3 ? refined 11.0556  0.8049  7.3118  0.1042  0.1051 0.0840  -0.0395 -0.0079 0.0241  2.4872  2.1004 4.6156 0.8058  2.3739  1.3431  -0.0674 -0.0960 0.0282  0.1276  -0.0657 -0.1023 -0.1051 0.1654  0.1331  'X-RAY DIFFRACTION' 
4 ? refined 9.5241   -4.0594 -7.0136 0.1320  0.1740 0.0566  0.0235  0.0488  0.0060  4.0949  7.2903 1.3096 -1.7659 1.3434  1.8025  0.3560  0.5018  0.0348  -0.5930 -0.3753 -0.2897 -0.1737 0.2288  0.0193  'X-RAY DIFFRACTION' 
5 ? refined 9.9241   6.4872  -2.6810 0.1384  0.1653 0.0737  -0.0227 -0.0094 0.0400  3.3940  2.3184 2.9586 -0.3456 0.5735  -0.2461 0.0731  0.3547  0.2424  -0.0785 -0.1516 -0.1128 -0.2690 0.4775  0.0787  'X-RAY DIFFRACTION' 
6 ? refined -14.8471 -3.4058 -5.7758 -0.0694 0.0681 -0.0030 0.0234  -0.0132 -0.0266 12.4489 8.1178 8.7386 5.7948  0.0048  -3.1512 -0.2097 0.3219  0.2171  -0.1031 0.2865  0.6806  0.2245  -1.0935 -0.0767 'X-RAY DIFFRACTION' 
# 
loop_
_pdbx_refine_tls_group.id 
_pdbx_refine_tls_group.refine_tls_id 
_pdbx_refine_tls_group.beg_auth_asym_id 
_pdbx_refine_tls_group.beg_auth_seq_id 
_pdbx_refine_tls_group.beg_label_asym_id 
_pdbx_refine_tls_group.beg_label_seq_id 
_pdbx_refine_tls_group.end_auth_asym_id 
_pdbx_refine_tls_group.end_auth_seq_id 
_pdbx_refine_tls_group.end_label_asym_id 
_pdbx_refine_tls_group.end_label_seq_id 
_pdbx_refine_tls_group.selection 
_pdbx_refine_tls_group.pdbx_refine_id 
_pdbx_refine_tls_group.selection_details 
1 1 A 46  A 28  A 74  A 56  ? 'X-RAY DIFFRACTION' ? 
2 2 A 75  A 57  A 87  A 69  ? 'X-RAY DIFFRACTION' ? 
3 3 A 88  A 70  A 114 A 96  ? 'X-RAY DIFFRACTION' ? 
4 4 A 115 A 97  A 124 A 106 ? 'X-RAY DIFFRACTION' ? 
5 5 A 125 A 107 A 154 A 136 ? 'X-RAY DIFFRACTION' ? 
6 6 A 155 A 137 A 172 A 154 ? 'X-RAY DIFFRACTION' ? 
# 
loop_
_software.name 
_software.classification 
_software.version 
_software.citation_id 
_software.pdbx_ordinal 
REFMAC   refinement       5.2.0019 ? 1 
HKL-2000 'data reduction' .        ? 2 
HKL-2000 'data scaling'   .        ? 3 
PHASER   phasing          .        ? 4 
# 
_pdbx_validate_close_contact.id               1 
_pdbx_validate_close_contact.PDB_model_num    1 
_pdbx_validate_close_contact.auth_atom_id_1   OE2 
_pdbx_validate_close_contact.auth_asym_id_1   A 
_pdbx_validate_close_contact.auth_comp_id_1   GLU 
_pdbx_validate_close_contact.auth_seq_id_1    77 
_pdbx_validate_close_contact.PDB_ins_code_1   ? 
_pdbx_validate_close_contact.label_alt_id_1   ? 
_pdbx_validate_close_contact.auth_atom_id_2   O 
_pdbx_validate_close_contact.auth_asym_id_2   A 
_pdbx_validate_close_contact.auth_comp_id_2   HOH 
_pdbx_validate_close_contact.auth_seq_id_2    326 
_pdbx_validate_close_contact.PDB_ins_code_2   ? 
_pdbx_validate_close_contact.label_alt_id_2   ? 
_pdbx_validate_close_contact.dist             2.06 
# 
_pdbx_validate_rmsd_angle.id                         1 
_pdbx_validate_rmsd_angle.PDB_model_num              1 
_pdbx_validate_rmsd_angle.auth_atom_id_1             NE 
_pdbx_validate_rmsd_angle.auth_asym_id_1             A 
_pdbx_validate_rmsd_angle.auth_comp_id_1             ARG 
_pdbx_validate_rmsd_angle.auth_seq_id_1              71 
_pdbx_validate_rmsd_angle.PDB_ins_code_1             ? 
_pdbx_validate_rmsd_angle.label_alt_id_1             A 
_pdbx_validate_rmsd_angle.auth_atom_id_2             CZ 
_pdbx_validate_rmsd_angle.auth_asym_id_2             A 
_pdbx_validate_rmsd_angle.auth_comp_id_2             ARG 
_pdbx_validate_rmsd_angle.auth_seq_id_2              71 
_pdbx_validate_rmsd_angle.PDB_ins_code_2             ? 
_pdbx_validate_rmsd_angle.label_alt_id_2             A 
_pdbx_validate_rmsd_angle.auth_atom_id_3             NH1 
_pdbx_validate_rmsd_angle.auth_asym_id_3             A 
_pdbx_validate_rmsd_angle.auth_comp_id_3             ARG 
_pdbx_validate_rmsd_angle.auth_seq_id_3              71 
_pdbx_validate_rmsd_angle.PDB_ins_code_3             ? 
_pdbx_validate_rmsd_angle.label_alt_id_3             A 
_pdbx_validate_rmsd_angle.angle_value                124.39 
_pdbx_validate_rmsd_angle.angle_target_value         120.30 
_pdbx_validate_rmsd_angle.angle_deviation            4.09 
_pdbx_validate_rmsd_angle.angle_standard_deviation   0.50 
_pdbx_validate_rmsd_angle.linker_flag                N 
# 
_pdbx_validate_torsion.id              1 
_pdbx_validate_torsion.PDB_model_num   1 
_pdbx_validate_torsion.auth_comp_id    ASP 
_pdbx_validate_torsion.auth_asym_id    A 
_pdbx_validate_torsion.auth_seq_id     157 
_pdbx_validate_torsion.PDB_ins_code    ? 
_pdbx_validate_torsion.label_alt_id    ? 
_pdbx_validate_torsion.phi             -107.35 
_pdbx_validate_torsion.psi             -69.22 
# 
loop_
_pdbx_unobs_or_zero_occ_atoms.id 
_pdbx_unobs_or_zero_occ_atoms.PDB_model_num 
_pdbx_unobs_or_zero_occ_atoms.polymer_flag 
_pdbx_unobs_or_zero_occ_atoms.occupancy_flag 
_pdbx_unobs_or_zero_occ_atoms.auth_asym_id 
_pdbx_unobs_or_zero_occ_atoms.auth_comp_id 
_pdbx_unobs_or_zero_occ_atoms.auth_seq_id 
_pdbx_unobs_or_zero_occ_atoms.PDB_ins_code 
_pdbx_unobs_or_zero_occ_atoms.auth_atom_id 
_pdbx_unobs_or_zero_occ_atoms.label_alt_id 
_pdbx_unobs_or_zero_occ_atoms.label_asym_id 
_pdbx_unobs_or_zero_occ_atoms.label_comp_id 
_pdbx_unobs_or_zero_occ_atoms.label_seq_id 
_pdbx_unobs_or_zero_occ_atoms.label_atom_id 
1 1 Y 1 A GLU 48 ? CD  ? A GLU 30 CD  
2 1 Y 1 A GLU 48 ? OE1 ? A GLU 30 OE1 
3 1 Y 1 A GLU 48 ? OE2 ? A GLU 30 OE2 
4 1 Y 1 A LYS 64 ? CD  ? A LYS 46 CD  
5 1 Y 1 A LYS 64 ? CE  ? A LYS 46 CE  
6 1 Y 1 A LYS 64 ? NZ  ? A LYS 46 NZ  
7 1 Y 1 A GLU 91 ? CD  ? A GLU 73 CD  
8 1 Y 1 A GLU 91 ? OE1 ? A GLU 73 OE1 
9 1 Y 1 A GLU 91 ? OE2 ? A GLU 73 OE2 
# 
loop_
_pdbx_unobs_or_zero_occ_residues.id 
_pdbx_unobs_or_zero_occ_residues.PDB_model_num 
_pdbx_unobs_or_zero_occ_residues.polymer_flag 
_pdbx_unobs_or_zero_occ_residues.occupancy_flag 
_pdbx_unobs_or_zero_occ_residues.auth_asym_id 
_pdbx_unobs_or_zero_occ_residues.auth_comp_id 
_pdbx_unobs_or_zero_occ_residues.auth_seq_id 
_pdbx_unobs_or_zero_occ_residues.PDB_ins_code 
_pdbx_unobs_or_zero_occ_residues.label_asym_id 
_pdbx_unobs_or_zero_occ_residues.label_comp_id 
_pdbx_unobs_or_zero_occ_residues.label_seq_id 
1  1 Y 1 A MET 19  ? A MET 1   
2  1 Y 1 A HIS 20  ? A HIS 2   
3  1 Y 1 A HIS 21  ? A HIS 3   
4  1 Y 1 A HIS 22  ? A HIS 4   
5  1 Y 1 A HIS 23  ? A HIS 5   
6  1 Y 1 A HIS 24  ? A HIS 6   
7  1 Y 1 A HIS 25  ? A HIS 7   
8  1 Y 1 A SER 26  ? A SER 8   
9  1 Y 1 A SER 27  ? A SER 9   
10 1 Y 1 A GLY 28  ? A GLY 10  
11 1 Y 1 A VAL 29  ? A VAL 11  
12 1 Y 1 A ASP 30  ? A ASP 12  
13 1 Y 1 A LEU 31  ? A LEU 13  
14 1 Y 1 A GLY 32  ? A GLY 14  
15 1 Y 1 A THR 33  ? A THR 15  
16 1 Y 1 A GLU 34  ? A GLU 16  
17 1 Y 1 A ASN 35  ? A ASN 17  
18 1 Y 1 A LEU 36  ? A LEU 18  
19 1 Y 1 A TYR 37  ? A TYR 19  
20 1 Y 1 A PHE 38  ? A PHE 20  
21 1 Y 1 A GLN 39  ? A GLN 21  
22 1 Y 1 A SER 40  ? A SER 22  
23 1 Y 1 A MET 41  ? A MET 23  
24 1 Y 1 A LEU 42  ? A LEU 24  
25 1 Y 1 A LYS 43  ? A LYS 25  
26 1 Y 1 A ARG 44  ? A ARG 26  
27 1 Y 1 A LEU 45  ? A LEU 27  
28 1 Y 1 A SER 173 ? A SER 155 
# 
loop_
_chem_comp_atom.comp_id 
_chem_comp_atom.atom_id 
_chem_comp_atom.type_symbol 
_chem_comp_atom.pdbx_aromatic_flag 
_chem_comp_atom.pdbx_stereo_config 
_chem_comp_atom.pdbx_ordinal 
ALA N    N  N N 1   
ALA CA   C  N S 2   
ALA C    C  N N 3   
ALA O    O  N N 4   
ALA CB   C  N N 5   
ALA OXT  O  N N 6   
ALA H    H  N N 7   
ALA H2   H  N N 8   
ALA HA   H  N N 9   
ALA HB1  H  N N 10  
ALA HB2  H  N N 11  
ALA HB3  H  N N 12  
ALA HXT  H  N N 13  
ARG N    N  N N 14  
ARG CA   C  N S 15  
ARG C    C  N N 16  
ARG O    O  N N 17  
ARG CB   C  N N 18  
ARG CG   C  N N 19  
ARG CD   C  N N 20  
ARG NE   N  N N 21  
ARG CZ   C  N N 22  
ARG NH1  N  N N 23  
ARG NH2  N  N N 24  
ARG OXT  O  N N 25  
ARG H    H  N N 26  
ARG H2   H  N N 27  
ARG HA   H  N N 28  
ARG HB2  H  N N 29  
ARG HB3  H  N N 30  
ARG HG2  H  N N 31  
ARG HG3  H  N N 32  
ARG HD2  H  N N 33  
ARG HD3  H  N N 34  
ARG HE   H  N N 35  
ARG HH11 H  N N 36  
ARG HH12 H  N N 37  
ARG HH21 H  N N 38  
ARG HH22 H  N N 39  
ARG HXT  H  N N 40  
ASN N    N  N N 41  
ASN CA   C  N S 42  
ASN C    C  N N 43  
ASN O    O  N N 44  
ASN CB   C  N N 45  
ASN CG   C  N N 46  
ASN OD1  O  N N 47  
ASN ND2  N  N N 48  
ASN OXT  O  N N 49  
ASN H    H  N N 50  
ASN H2   H  N N 51  
ASN HA   H  N N 52  
ASN HB2  H  N N 53  
ASN HB3  H  N N 54  
ASN HD21 H  N N 55  
ASN HD22 H  N N 56  
ASN HXT  H  N N 57  
ASP N    N  N N 58  
ASP CA   C  N S 59  
ASP C    C  N N 60  
ASP O    O  N N 61  
ASP CB   C  N N 62  
ASP CG   C  N N 63  
ASP OD1  O  N N 64  
ASP OD2  O  N N 65  
ASP OXT  O  N N 66  
ASP H    H  N N 67  
ASP H2   H  N N 68  
ASP HA   H  N N 69  
ASP HB2  H  N N 70  
ASP HB3  H  N N 71  
ASP HD2  H  N N 72  
ASP HXT  H  N N 73  
CL  CL   CL N N 74  
CYS N    N  N N 75  
CYS CA   C  N R 76  
CYS C    C  N N 77  
CYS O    O  N N 78  
CYS CB   C  N N 79  
CYS SG   S  N N 80  
CYS OXT  O  N N 81  
CYS H    H  N N 82  
CYS H2   H  N N 83  
CYS HA   H  N N 84  
CYS HB2  H  N N 85  
CYS HB3  H  N N 86  
CYS HG   H  N N 87  
CYS HXT  H  N N 88  
GLN N    N  N N 89  
GLN CA   C  N S 90  
GLN C    C  N N 91  
GLN O    O  N N 92  
GLN CB   C  N N 93  
GLN CG   C  N N 94  
GLN CD   C  N N 95  
GLN OE1  O  N N 96  
GLN NE2  N  N N 97  
GLN OXT  O  N N 98  
GLN H    H  N N 99  
GLN H2   H  N N 100 
GLN HA   H  N N 101 
GLN HB2  H  N N 102 
GLN HB3  H  N N 103 
GLN HG2  H  N N 104 
GLN HG3  H  N N 105 
GLN HE21 H  N N 106 
GLN HE22 H  N N 107 
GLN HXT  H  N N 108 
GLU N    N  N N 109 
GLU CA   C  N S 110 
GLU C    C  N N 111 
GLU O    O  N N 112 
GLU CB   C  N N 113 
GLU CG   C  N N 114 
GLU CD   C  N N 115 
GLU OE1  O  N N 116 
GLU OE2  O  N N 117 
GLU OXT  O  N N 118 
GLU H    H  N N 119 
GLU H2   H  N N 120 
GLU HA   H  N N 121 
GLU HB2  H  N N 122 
GLU HB3  H  N N 123 
GLU HG2  H  N N 124 
GLU HG3  H  N N 125 
GLU HE2  H  N N 126 
GLU HXT  H  N N 127 
GLY N    N  N N 128 
GLY CA   C  N N 129 
GLY C    C  N N 130 
GLY O    O  N N 131 
GLY OXT  O  N N 132 
GLY H    H  N N 133 
GLY H2   H  N N 134 
GLY HA2  H  N N 135 
GLY HA3  H  N N 136 
GLY HXT  H  N N 137 
HIS N    N  N N 138 
HIS CA   C  N S 139 
HIS C    C  N N 140 
HIS O    O  N N 141 
HIS CB   C  N N 142 
HIS CG   C  Y N 143 
HIS ND1  N  Y N 144 
HIS CD2  C  Y N 145 
HIS CE1  C  Y N 146 
HIS NE2  N  Y N 147 
HIS OXT  O  N N 148 
HIS H    H  N N 149 
HIS H2   H  N N 150 
HIS HA   H  N N 151 
HIS HB2  H  N N 152 
HIS HB3  H  N N 153 
HIS HD1  H  N N 154 
HIS HD2  H  N N 155 
HIS HE1  H  N N 156 
HIS HE2  H  N N 157 
HIS HXT  H  N N 158 
HOH O    O  N N 159 
HOH H1   H  N N 160 
HOH H2   H  N N 161 
ILE N    N  N N 162 
ILE CA   C  N S 163 
ILE C    C  N N 164 
ILE O    O  N N 165 
ILE CB   C  N S 166 
ILE CG1  C  N N 167 
ILE CG2  C  N N 168 
ILE CD1  C  N N 169 
ILE OXT  O  N N 170 
ILE H    H  N N 171 
ILE H2   H  N N 172 
ILE HA   H  N N 173 
ILE HB   H  N N 174 
ILE HG12 H  N N 175 
ILE HG13 H  N N 176 
ILE HG21 H  N N 177 
ILE HG22 H  N N 178 
ILE HG23 H  N N 179 
ILE HD11 H  N N 180 
ILE HD12 H  N N 181 
ILE HD13 H  N N 182 
ILE HXT  H  N N 183 
LEU N    N  N N 184 
LEU CA   C  N S 185 
LEU C    C  N N 186 
LEU O    O  N N 187 
LEU CB   C  N N 188 
LEU CG   C  N N 189 
LEU CD1  C  N N 190 
LEU CD2  C  N N 191 
LEU OXT  O  N N 192 
LEU H    H  N N 193 
LEU H2   H  N N 194 
LEU HA   H  N N 195 
LEU HB2  H  N N 196 
LEU HB3  H  N N 197 
LEU HG   H  N N 198 
LEU HD11 H  N N 199 
LEU HD12 H  N N 200 
LEU HD13 H  N N 201 
LEU HD21 H  N N 202 
LEU HD22 H  N N 203 
LEU HD23 H  N N 204 
LEU HXT  H  N N 205 
LYS N    N  N N 206 
LYS CA   C  N S 207 
LYS C    C  N N 208 
LYS O    O  N N 209 
LYS CB   C  N N 210 
LYS CG   C  N N 211 
LYS CD   C  N N 212 
LYS CE   C  N N 213 
LYS NZ   N  N N 214 
LYS OXT  O  N N 215 
LYS H    H  N N 216 
LYS H2   H  N N 217 
LYS HA   H  N N 218 
LYS HB2  H  N N 219 
LYS HB3  H  N N 220 
LYS HG2  H  N N 221 
LYS HG3  H  N N 222 
LYS HD2  H  N N 223 
LYS HD3  H  N N 224 
LYS HE2  H  N N 225 
LYS HE3  H  N N 226 
LYS HZ1  H  N N 227 
LYS HZ2  H  N N 228 
LYS HZ3  H  N N 229 
LYS HXT  H  N N 230 
MET N    N  N N 231 
MET CA   C  N S 232 
MET C    C  N N 233 
MET O    O  N N 234 
MET CB   C  N N 235 
MET CG   C  N N 236 
MET SD   S  N N 237 
MET CE   C  N N 238 
MET OXT  O  N N 239 
MET H    H  N N 240 
MET H2   H  N N 241 
MET HA   H  N N 242 
MET HB2  H  N N 243 
MET HB3  H  N N 244 
MET HG2  H  N N 245 
MET HG3  H  N N 246 
MET HE1  H  N N 247 
MET HE2  H  N N 248 
MET HE3  H  N N 249 
MET HXT  H  N N 250 
PHE N    N  N N 251 
PHE CA   C  N S 252 
PHE C    C  N N 253 
PHE O    O  N N 254 
PHE CB   C  N N 255 
PHE CG   C  Y N 256 
PHE CD1  C  Y N 257 
PHE CD2  C  Y N 258 
PHE CE1  C  Y N 259 
PHE CE2  C  Y N 260 
PHE CZ   C  Y N 261 
PHE OXT  O  N N 262 
PHE H    H  N N 263 
PHE H2   H  N N 264 
PHE HA   H  N N 265 
PHE HB2  H  N N 266 
PHE HB3  H  N N 267 
PHE HD1  H  N N 268 
PHE HD2  H  N N 269 
PHE HE1  H  N N 270 
PHE HE2  H  N N 271 
PHE HZ   H  N N 272 
PHE HXT  H  N N 273 
PRO N    N  N N 274 
PRO CA   C  N S 275 
PRO C    C  N N 276 
PRO O    O  N N 277 
PRO CB   C  N N 278 
PRO CG   C  N N 279 
PRO CD   C  N N 280 
PRO OXT  O  N N 281 
PRO H    H  N N 282 
PRO HA   H  N N 283 
PRO HB2  H  N N 284 
PRO HB3  H  N N 285 
PRO HG2  H  N N 286 
PRO HG3  H  N N 287 
PRO HD2  H  N N 288 
PRO HD3  H  N N 289 
PRO HXT  H  N N 290 
SER N    N  N N 291 
SER CA   C  N S 292 
SER C    C  N N 293 
SER O    O  N N 294 
SER CB   C  N N 295 
SER OG   O  N N 296 
SER OXT  O  N N 297 
SER H    H  N N 298 
SER H2   H  N N 299 
SER HA   H  N N 300 
SER HB2  H  N N 301 
SER HB3  H  N N 302 
SER HG   H  N N 303 
SER HXT  H  N N 304 
THR N    N  N N 305 
THR CA   C  N S 306 
THR C    C  N N 307 
THR O    O  N N 308 
THR CB   C  N R 309 
THR OG1  O  N N 310 
THR CG2  C  N N 311 
THR OXT  O  N N 312 
THR H    H  N N 313 
THR H2   H  N N 314 
THR HA   H  N N 315 
THR HB   H  N N 316 
THR HG1  H  N N 317 
THR HG21 H  N N 318 
THR HG22 H  N N 319 
THR HG23 H  N N 320 
THR HXT  H  N N 321 
TRP N    N  N N 322 
TRP CA   C  N S 323 
TRP C    C  N N 324 
TRP O    O  N N 325 
TRP CB   C  N N 326 
TRP CG   C  Y N 327 
TRP CD1  C  Y N 328 
TRP CD2  C  Y N 329 
TRP NE1  N  Y N 330 
TRP CE2  C  Y N 331 
TRP CE3  C  Y N 332 
TRP CZ2  C  Y N 333 
TRP CZ3  C  Y N 334 
TRP CH2  C  Y N 335 
TRP OXT  O  N N 336 
TRP H    H  N N 337 
TRP H2   H  N N 338 
TRP HA   H  N N 339 
TRP HB2  H  N N 340 
TRP HB3  H  N N 341 
TRP HD1  H  N N 342 
TRP HE1  H  N N 343 
TRP HE3  H  N N 344 
TRP HZ2  H  N N 345 
TRP HZ3  H  N N 346 
TRP HH2  H  N N 347 
TRP HXT  H  N N 348 
TYR N    N  N N 349 
TYR CA   C  N S 350 
TYR C    C  N N 351 
TYR O    O  N N 352 
TYR CB   C  N N 353 
TYR CG   C  Y N 354 
TYR CD1  C  Y N 355 
TYR CD2  C  Y N 356 
TYR CE1  C  Y N 357 
TYR CE2  C  Y N 358 
TYR CZ   C  Y N 359 
TYR OH   O  N N 360 
TYR OXT  O  N N 361 
TYR H    H  N N 362 
TYR H2   H  N N 363 
TYR HA   H  N N 364 
TYR HB2  H  N N 365 
TYR HB3  H  N N 366 
TYR HD1  H  N N 367 
TYR HD2  H  N N 368 
TYR HE1  H  N N 369 
TYR HE2  H  N N 370 
TYR HH   H  N N 371 
TYR HXT  H  N N 372 
VAL N    N  N N 373 
VAL CA   C  N S 374 
VAL C    C  N N 375 
VAL O    O  N N 376 
VAL CB   C  N N 377 
VAL CG1  C  N N 378 
VAL CG2  C  N N 379 
VAL OXT  O  N N 380 
VAL H    H  N N 381 
VAL H2   H  N N 382 
VAL HA   H  N N 383 
VAL HB   H  N N 384 
VAL HG11 H  N N 385 
VAL HG12 H  N N 386 
VAL HG13 H  N N 387 
VAL HG21 H  N N 388 
VAL HG22 H  N N 389 
VAL HG23 H  N N 390 
VAL HXT  H  N N 391 
# 
loop_
_chem_comp_bond.comp_id 
_chem_comp_bond.atom_id_1 
_chem_comp_bond.atom_id_2 
_chem_comp_bond.value_order 
_chem_comp_bond.pdbx_aromatic_flag 
_chem_comp_bond.pdbx_stereo_config 
_chem_comp_bond.pdbx_ordinal 
ALA N   CA   sing N N 1   
ALA N   H    sing N N 2   
ALA N   H2   sing N N 3   
ALA CA  C    sing N N 4   
ALA CA  CB   sing N N 5   
ALA CA  HA   sing N N 6   
ALA C   O    doub N N 7   
ALA C   OXT  sing N N 8   
ALA CB  HB1  sing N N 9   
ALA CB  HB2  sing N N 10  
ALA CB  HB3  sing N N 11  
ALA OXT HXT  sing N N 12  
ARG N   CA   sing N N 13  
ARG N   H    sing N N 14  
ARG N   H2   sing N N 15  
ARG CA  C    sing N N 16  
ARG CA  CB   sing N N 17  
ARG CA  HA   sing N N 18  
ARG C   O    doub N N 19  
ARG C   OXT  sing N N 20  
ARG CB  CG   sing N N 21  
ARG CB  HB2  sing N N 22  
ARG CB  HB3  sing N N 23  
ARG CG  CD   sing N N 24  
ARG CG  HG2  sing N N 25  
ARG CG  HG3  sing N N 26  
ARG CD  NE   sing N N 27  
ARG CD  HD2  sing N N 28  
ARG CD  HD3  sing N N 29  
ARG NE  CZ   sing N N 30  
ARG NE  HE   sing N N 31  
ARG CZ  NH1  sing N N 32  
ARG CZ  NH2  doub N N 33  
ARG NH1 HH11 sing N N 34  
ARG NH1 HH12 sing N N 35  
ARG NH2 HH21 sing N N 36  
ARG NH2 HH22 sing N N 37  
ARG OXT HXT  sing N N 38  
ASN N   CA   sing N N 39  
ASN N   H    sing N N 40  
ASN N   H2   sing N N 41  
ASN CA  C    sing N N 42  
ASN CA  CB   sing N N 43  
ASN CA  HA   sing N N 44  
ASN C   O    doub N N 45  
ASN C   OXT  sing N N 46  
ASN CB  CG   sing N N 47  
ASN CB  HB2  sing N N 48  
ASN CB  HB3  sing N N 49  
ASN CG  OD1  doub N N 50  
ASN CG  ND2  sing N N 51  
ASN ND2 HD21 sing N N 52  
ASN ND2 HD22 sing N N 53  
ASN OXT HXT  sing N N 54  
ASP N   CA   sing N N 55  
ASP N   H    sing N N 56  
ASP N   H2   sing N N 57  
ASP CA  C    sing N N 58  
ASP CA  CB   sing N N 59  
ASP CA  HA   sing N N 60  
ASP C   O    doub N N 61  
ASP C   OXT  sing N N 62  
ASP CB  CG   sing N N 63  
ASP CB  HB2  sing N N 64  
ASP CB  HB3  sing N N 65  
ASP CG  OD1  doub N N 66  
ASP CG  OD2  sing N N 67  
ASP OD2 HD2  sing N N 68  
ASP OXT HXT  sing N N 69  
CYS N   CA   sing N N 70  
CYS N   H    sing N N 71  
CYS N   H2   sing N N 72  
CYS CA  C    sing N N 73  
CYS CA  CB   sing N N 74  
CYS CA  HA   sing N N 75  
CYS C   O    doub N N 76  
CYS C   OXT  sing N N 77  
CYS CB  SG   sing N N 78  
CYS CB  HB2  sing N N 79  
CYS CB  HB3  sing N N 80  
CYS SG  HG   sing N N 81  
CYS OXT HXT  sing N N 82  
GLN N   CA   sing N N 83  
GLN N   H    sing N N 84  
GLN N   H2   sing N N 85  
GLN CA  C    sing N N 86  
GLN CA  CB   sing N N 87  
GLN CA  HA   sing N N 88  
GLN C   O    doub N N 89  
GLN C   OXT  sing N N 90  
GLN CB  CG   sing N N 91  
GLN CB  HB2  sing N N 92  
GLN CB  HB3  sing N N 93  
GLN CG  CD   sing N N 94  
GLN CG  HG2  sing N N 95  
GLN CG  HG3  sing N N 96  
GLN CD  OE1  doub N N 97  
GLN CD  NE2  sing N N 98  
GLN NE2 HE21 sing N N 99  
GLN NE2 HE22 sing N N 100 
GLN OXT HXT  sing N N 101 
GLU N   CA   sing N N 102 
GLU N   H    sing N N 103 
GLU N   H2   sing N N 104 
GLU CA  C    sing N N 105 
GLU CA  CB   sing N N 106 
GLU CA  HA   sing N N 107 
GLU C   O    doub N N 108 
GLU C   OXT  sing N N 109 
GLU CB  CG   sing N N 110 
GLU CB  HB2  sing N N 111 
GLU CB  HB3  sing N N 112 
GLU CG  CD   sing N N 113 
GLU CG  HG2  sing N N 114 
GLU CG  HG3  sing N N 115 
GLU CD  OE1  doub N N 116 
GLU CD  OE2  sing N N 117 
GLU OE2 HE2  sing N N 118 
GLU OXT HXT  sing N N 119 
GLY N   CA   sing N N 120 
GLY N   H    sing N N 121 
GLY N   H2   sing N N 122 
GLY CA  C    sing N N 123 
GLY CA  HA2  sing N N 124 
GLY CA  HA3  sing N N 125 
GLY C   O    doub N N 126 
GLY C   OXT  sing N N 127 
GLY OXT HXT  sing N N 128 
HIS N   CA   sing N N 129 
HIS N   H    sing N N 130 
HIS N   H2   sing N N 131 
HIS CA  C    sing N N 132 
HIS CA  CB   sing N N 133 
HIS CA  HA   sing N N 134 
HIS C   O    doub N N 135 
HIS C   OXT  sing N N 136 
HIS CB  CG   sing N N 137 
HIS CB  HB2  sing N N 138 
HIS CB  HB3  sing N N 139 
HIS CG  ND1  sing Y N 140 
HIS CG  CD2  doub Y N 141 
HIS ND1 CE1  doub Y N 142 
HIS ND1 HD1  sing N N 143 
HIS CD2 NE2  sing Y N 144 
HIS CD2 HD2  sing N N 145 
HIS CE1 NE2  sing Y N 146 
HIS CE1 HE1  sing N N 147 
HIS NE2 HE2  sing N N 148 
HIS OXT HXT  sing N N 149 
HOH O   H1   sing N N 150 
HOH O   H2   sing N N 151 
ILE N   CA   sing N N 152 
ILE N   H    sing N N 153 
ILE N   H2   sing N N 154 
ILE CA  C    sing N N 155 
ILE CA  CB   sing N N 156 
ILE CA  HA   sing N N 157 
ILE C   O    doub N N 158 
ILE C   OXT  sing N N 159 
ILE CB  CG1  sing N N 160 
ILE CB  CG2  sing N N 161 
ILE CB  HB   sing N N 162 
ILE CG1 CD1  sing N N 163 
ILE CG1 HG12 sing N N 164 
ILE CG1 HG13 sing N N 165 
ILE CG2 HG21 sing N N 166 
ILE CG2 HG22 sing N N 167 
ILE CG2 HG23 sing N N 168 
ILE CD1 HD11 sing N N 169 
ILE CD1 HD12 sing N N 170 
ILE CD1 HD13 sing N N 171 
ILE OXT HXT  sing N N 172 
LEU N   CA   sing N N 173 
LEU N   H    sing N N 174 
LEU N   H2   sing N N 175 
LEU CA  C    sing N N 176 
LEU CA  CB   sing N N 177 
LEU CA  HA   sing N N 178 
LEU C   O    doub N N 179 
LEU C   OXT  sing N N 180 
LEU CB  CG   sing N N 181 
LEU CB  HB2  sing N N 182 
LEU CB  HB3  sing N N 183 
LEU CG  CD1  sing N N 184 
LEU CG  CD2  sing N N 185 
LEU CG  HG   sing N N 186 
LEU CD1 HD11 sing N N 187 
LEU CD1 HD12 sing N N 188 
LEU CD1 HD13 sing N N 189 
LEU CD2 HD21 sing N N 190 
LEU CD2 HD22 sing N N 191 
LEU CD2 HD23 sing N N 192 
LEU OXT HXT  sing N N 193 
LYS N   CA   sing N N 194 
LYS N   H    sing N N 195 
LYS N   H2   sing N N 196 
LYS CA  C    sing N N 197 
LYS CA  CB   sing N N 198 
LYS CA  HA   sing N N 199 
LYS C   O    doub N N 200 
LYS C   OXT  sing N N 201 
LYS CB  CG   sing N N 202 
LYS CB  HB2  sing N N 203 
LYS CB  HB3  sing N N 204 
LYS CG  CD   sing N N 205 
LYS CG  HG2  sing N N 206 
LYS CG  HG3  sing N N 207 
LYS CD  CE   sing N N 208 
LYS CD  HD2  sing N N 209 
LYS CD  HD3  sing N N 210 
LYS CE  NZ   sing N N 211 
LYS CE  HE2  sing N N 212 
LYS CE  HE3  sing N N 213 
LYS NZ  HZ1  sing N N 214 
LYS NZ  HZ2  sing N N 215 
LYS NZ  HZ3  sing N N 216 
LYS OXT HXT  sing N N 217 
MET N   CA   sing N N 218 
MET N   H    sing N N 219 
MET N   H2   sing N N 220 
MET CA  C    sing N N 221 
MET CA  CB   sing N N 222 
MET CA  HA   sing N N 223 
MET C   O    doub N N 224 
MET C   OXT  sing N N 225 
MET CB  CG   sing N N 226 
MET CB  HB2  sing N N 227 
MET CB  HB3  sing N N 228 
MET CG  SD   sing N N 229 
MET CG  HG2  sing N N 230 
MET CG  HG3  sing N N 231 
MET SD  CE   sing N N 232 
MET CE  HE1  sing N N 233 
MET CE  HE2  sing N N 234 
MET CE  HE3  sing N N 235 
MET OXT HXT  sing N N 236 
PHE N   CA   sing N N 237 
PHE N   H    sing N N 238 
PHE N   H2   sing N N 239 
PHE CA  C    sing N N 240 
PHE CA  CB   sing N N 241 
PHE CA  HA   sing N N 242 
PHE C   O    doub N N 243 
PHE C   OXT  sing N N 244 
PHE CB  CG   sing N N 245 
PHE CB  HB2  sing N N 246 
PHE CB  HB3  sing N N 247 
PHE CG  CD1  doub Y N 248 
PHE CG  CD2  sing Y N 249 
PHE CD1 CE1  sing Y N 250 
PHE CD1 HD1  sing N N 251 
PHE CD2 CE2  doub Y N 252 
PHE CD2 HD2  sing N N 253 
PHE CE1 CZ   doub Y N 254 
PHE CE1 HE1  sing N N 255 
PHE CE2 CZ   sing Y N 256 
PHE CE2 HE2  sing N N 257 
PHE CZ  HZ   sing N N 258 
PHE OXT HXT  sing N N 259 
PRO N   CA   sing N N 260 
PRO N   CD   sing N N 261 
PRO N   H    sing N N 262 
PRO CA  C    sing N N 263 
PRO CA  CB   sing N N 264 
PRO CA  HA   sing N N 265 
PRO C   O    doub N N 266 
PRO C   OXT  sing N N 267 
PRO CB  CG   sing N N 268 
PRO CB  HB2  sing N N 269 
PRO CB  HB3  sing N N 270 
PRO CG  CD   sing N N 271 
PRO CG  HG2  sing N N 272 
PRO CG  HG3  sing N N 273 
PRO CD  HD2  sing N N 274 
PRO CD  HD3  sing N N 275 
PRO OXT HXT  sing N N 276 
SER N   CA   sing N N 277 
SER N   H    sing N N 278 
SER N   H2   sing N N 279 
SER CA  C    sing N N 280 
SER CA  CB   sing N N 281 
SER CA  HA   sing N N 282 
SER C   O    doub N N 283 
SER C   OXT  sing N N 284 
SER CB  OG   sing N N 285 
SER CB  HB2  sing N N 286 
SER CB  HB3  sing N N 287 
SER OG  HG   sing N N 288 
SER OXT HXT  sing N N 289 
THR N   CA   sing N N 290 
THR N   H    sing N N 291 
THR N   H2   sing N N 292 
THR CA  C    sing N N 293 
THR CA  CB   sing N N 294 
THR CA  HA   sing N N 295 
THR C   O    doub N N 296 
THR C   OXT  sing N N 297 
THR CB  OG1  sing N N 298 
THR CB  CG2  sing N N 299 
THR CB  HB   sing N N 300 
THR OG1 HG1  sing N N 301 
THR CG2 HG21 sing N N 302 
THR CG2 HG22 sing N N 303 
THR CG2 HG23 sing N N 304 
THR OXT HXT  sing N N 305 
TRP N   CA   sing N N 306 
TRP N   H    sing N N 307 
TRP N   H2   sing N N 308 
TRP CA  C    sing N N 309 
TRP CA  CB   sing N N 310 
TRP CA  HA   sing N N 311 
TRP C   O    doub N N 312 
TRP C   OXT  sing N N 313 
TRP CB  CG   sing N N 314 
TRP CB  HB2  sing N N 315 
TRP CB  HB3  sing N N 316 
TRP CG  CD1  doub Y N 317 
TRP CG  CD2  sing Y N 318 
TRP CD1 NE1  sing Y N 319 
TRP CD1 HD1  sing N N 320 
TRP CD2 CE2  doub Y N 321 
TRP CD2 CE3  sing Y N 322 
TRP NE1 CE2  sing Y N 323 
TRP NE1 HE1  sing N N 324 
TRP CE2 CZ2  sing Y N 325 
TRP CE3 CZ3  doub Y N 326 
TRP CE3 HE3  sing N N 327 
TRP CZ2 CH2  doub Y N 328 
TRP CZ2 HZ2  sing N N 329 
TRP CZ3 CH2  sing Y N 330 
TRP CZ3 HZ3  sing N N 331 
TRP CH2 HH2  sing N N 332 
TRP OXT HXT  sing N N 333 
TYR N   CA   sing N N 334 
TYR N   H    sing N N 335 
TYR N   H2   sing N N 336 
TYR CA  C    sing N N 337 
TYR CA  CB   sing N N 338 
TYR CA  HA   sing N N 339 
TYR C   O    doub N N 340 
TYR C   OXT  sing N N 341 
TYR CB  CG   sing N N 342 
TYR CB  HB2  sing N N 343 
TYR CB  HB3  sing N N 344 
TYR CG  CD1  doub Y N 345 
TYR CG  CD2  sing Y N 346 
TYR CD1 CE1  sing Y N 347 
TYR CD1 HD1  sing N N 348 
TYR CD2 CE2  doub Y N 349 
TYR CD2 HD2  sing N N 350 
TYR CE1 CZ   doub Y N 351 
TYR CE1 HE1  sing N N 352 
TYR CE2 CZ   sing Y N 353 
TYR CE2 HE2  sing N N 354 
TYR CZ  OH   sing N N 355 
TYR OH  HH   sing N N 356 
TYR OXT HXT  sing N N 357 
VAL N   CA   sing N N 358 
VAL N   H    sing N N 359 
VAL N   H2   sing N N 360 
VAL CA  C    sing N N 361 
VAL CA  CB   sing N N 362 
VAL CA  HA   sing N N 363 
VAL C   O    doub N N 364 
VAL C   OXT  sing N N 365 
VAL CB  CG1  sing N N 366 
VAL CB  CG2  sing N N 367 
VAL CB  HB   sing N N 368 
VAL CG1 HG11 sing N N 369 
VAL CG1 HG12 sing N N 370 
VAL CG1 HG13 sing N N 371 
VAL CG2 HG21 sing N N 372 
VAL CG2 HG22 sing N N 373 
VAL CG2 HG23 sing N N 374 
VAL OXT HXT  sing N N 375 
# 
loop_
_pdbx_entity_nonpoly.entity_id 
_pdbx_entity_nonpoly.name 
_pdbx_entity_nonpoly.comp_id 
2 'CHLORIDE ION' CL  
3 water          HOH 
# 
_pdbx_initial_refinement_model.id               1 
_pdbx_initial_refinement_model.entity_id_list   ? 
_pdbx_initial_refinement_model.type             'experimental model' 
_pdbx_initial_refinement_model.source_name      PDB 
_pdbx_initial_refinement_model.accession_code   2BT2 
_pdbx_initial_refinement_model.details          'Swissmodel based on pdb entry 2BT2' 
# 
